data_7EON
# 
_entry.id   7EON 
# 
_audit_conform.dict_name       mmcif_pdbx.dic 
_audit_conform.dict_version    5.380 
_audit_conform.dict_location   http://mmcif.pdb.org/dictionaries/ascii/mmcif_pdbx.dic 
# 
loop_
_database_2.database_id 
_database_2.database_code 
_database_2.pdbx_database_accession 
_database_2.pdbx_DOI 
PDB   7EON         pdb_00007eon 10.2210/pdb7eon/pdb 
WWPDB D_1300021890 ?            ?                   
# 
_pdbx_database_status.status_code                     REL 
_pdbx_database_status.status_code_sf                  REL 
_pdbx_database_status.status_code_mr                  ? 
_pdbx_database_status.entry_id                        7EON 
_pdbx_database_status.recvd_initial_deposition_date   2021-04-22 
_pdbx_database_status.SG_entry                        N 
_pdbx_database_status.deposit_site                    PDBJ 
_pdbx_database_status.process_site                    PDBJ 
_pdbx_database_status.status_code_cs                  ? 
_pdbx_database_status.status_code_nmr_data            ? 
_pdbx_database_status.methods_development_category    ? 
_pdbx_database_status.pdb_format_compatible           Y 
# 
loop_
_audit_author.name 
_audit_author.pdbx_ordinal 
_audit_author.identifier_ORCID 
'Huang, K.Y.' 1 0000-0002-7508-5446 
'Ren, A.M.'   2 0000-0002-5420-4899 
# 
_citation.abstract                  ? 
_citation.abstract_id_CAS           ? 
_citation.book_id_ISBN              ? 
_citation.book_publisher            ? 
_citation.book_publisher_city       ? 
_citation.book_title                ? 
_citation.coordinate_linkage        ? 
_citation.country                   US 
_citation.database_id_Medline       ? 
_citation.details                   ? 
_citation.id                        primary 
_citation.journal_abbrev            Nat.Chem.Biol. 
_citation.journal_id_ASTM           ? 
_citation.journal_id_CSD            ? 
_citation.journal_id_ISSN           1552-4469 
_citation.journal_full              ? 
_citation.journal_issue             ? 
_citation.journal_volume            17 
_citation.language                  ? 
_citation.page_first                1289 
_citation.page_last                 1295 
_citation.title                     'Structure-based investigation of fluorogenic Pepper aptamer.' 
_citation.year                      2021 
_citation.database_id_CSD           ? 
_citation.pdbx_database_id_DOI      10.1038/s41589-021-00884-6 
_citation.pdbx_database_id_PubMed   34725509 
_citation.pdbx_database_id_patent   ? 
_citation.unpublished_flag          ? 
# 
loop_
_citation_author.citation_id 
_citation_author.name 
_citation_author.ordinal 
_citation_author.identifier_ORCID 
primary 'Huang, K.' 1 ? 
primary 'Chen, X.'  2 ? 
primary 'Li, C.'    3 ? 
primary 'Song, Q.'  4 ? 
primary 'Li, H.'    5 ? 
primary 'Zhu, L.'   6 ? 
primary 'Yang, Y.'  7 ? 
primary 'Ren, A.'   8 ? 
# 
_cell.angle_alpha                  90.000 
_cell.angle_alpha_esd              ? 
_cell.angle_beta                   127.260 
_cell.angle_beta_esd               ? 
_cell.angle_gamma                  90.000 
_cell.angle_gamma_esd              ? 
_cell.entry_id                     7EON 
_cell.details                      ? 
_cell.formula_units_Z              ? 
_cell.length_a                     91.963 
_cell.length_a_esd                 ? 
_cell.length_b                     34.881 
_cell.length_b_esd                 ? 
_cell.length_c                     57.744 
_cell.length_c_esd                 ? 
_cell.volume                       ? 
_cell.volume_esd                   ? 
_cell.Z_PDB                        4 
_cell.reciprocal_angle_alpha       ? 
_cell.reciprocal_angle_beta        ? 
_cell.reciprocal_angle_gamma       ? 
_cell.reciprocal_angle_alpha_esd   ? 
_cell.reciprocal_angle_beta_esd    ? 
_cell.reciprocal_angle_gamma_esd   ? 
_cell.reciprocal_length_a          ? 
_cell.reciprocal_length_b          ? 
_cell.reciprocal_length_c          ? 
_cell.reciprocal_length_a_esd      ? 
_cell.reciprocal_length_b_esd      ? 
_cell.reciprocal_length_c_esd      ? 
_cell.pdbx_unique_axis             ? 
# 
_symmetry.entry_id                         7EON 
_symmetry.cell_setting                     ? 
_symmetry.Int_Tables_number                5 
_symmetry.space_group_name_Hall            ? 
_symmetry.space_group_name_H-M             'C 1 2 1' 
_symmetry.pdbx_full_space_group_name_H-M   ? 
# 
loop_
_entity.id 
_entity.type 
_entity.src_method 
_entity.pdbx_description 
_entity.formula_weight 
_entity.pdbx_number_of_molecules 
_entity.pdbx_ec 
_entity.pdbx_mutation 
_entity.pdbx_fragment 
_entity.details 
1 polymer     man 'Pepper (49-MER)'                                                                                15428.166 1  ? 
? ? ? 
2 non-polymer syn "GUANOSINE-5'-TRIPHOSPHATE"                                                                      523.180   1  ? 
? ? ? 
3 non-polymer syn '4-[(~{Z})-1-cyano-2-[4-[2-(dimethylamino)ethyl-methyl-amino]phenyl]ethenyl]benzenecarbonitrile' 330.426   1  ? 
? ? ? 
4 non-polymer syn 'MAGNESIUM ION'                                                                                  24.305    5  ? 
? ? ? 
5 water       nat water                                                                                            18.015    63 ? 
? ? ? 
# 
_entity_poly.entity_id                      1 
_entity_poly.type                           polyribonucleotide 
_entity_poly.nstd_linkage                   no 
_entity_poly.nstd_monomer                   no 
_entity_poly.pdbx_seq_one_letter_code       GCGCACUGGCGCUGCGCCUUCGGGCGCCAAUCGUAGCGUGUCGGCGCC 
_entity_poly.pdbx_seq_one_letter_code_can   GCGCACUGGCGCUGCGCCUUCGGGCGCCAAUCGUAGCGUGUCGGCGCC 
_entity_poly.pdbx_strand_id                 A 
_entity_poly.pdbx_target_identifier         ? 
# 
loop_
_entity_poly_seq.entity_id 
_entity_poly_seq.num 
_entity_poly_seq.mon_id 
_entity_poly_seq.hetero 
1 1  G n 
1 2  C n 
1 3  G n 
1 4  C n 
1 5  A n 
1 6  C n 
1 7  U n 
1 8  G n 
1 9  G n 
1 10 C n 
1 11 G n 
1 12 C n 
1 13 U n 
1 14 G n 
1 15 C n 
1 16 G n 
1 17 C n 
1 18 C n 
1 19 U n 
1 20 U n 
1 21 C n 
1 22 G n 
1 23 G n 
1 24 G n 
1 25 C n 
1 26 G n 
1 27 C n 
1 28 C n 
1 29 A n 
1 30 A n 
1 31 U n 
1 32 C n 
1 33 G n 
1 34 U n 
1 35 A n 
1 36 G n 
1 37 C n 
1 38 G n 
1 39 U n 
1 40 G n 
1 41 U n 
1 42 C n 
1 43 G n 
1 44 G n 
1 45 C n 
1 46 G n 
1 47 C n 
1 48 C n 
# 
_entity_src_gen.entity_id                          1 
_entity_src_gen.pdbx_src_id                        1 
_entity_src_gen.pdbx_alt_source_flag               sample 
_entity_src_gen.pdbx_seq_type                      'Biological sequence' 
_entity_src_gen.pdbx_beg_seq_num                   1 
_entity_src_gen.pdbx_end_seq_num                   48 
_entity_src_gen.gene_src_common_name               ? 
_entity_src_gen.gene_src_genus                     ? 
_entity_src_gen.pdbx_gene_src_gene                 ? 
_entity_src_gen.gene_src_species                   ? 
_entity_src_gen.gene_src_strain                    ? 
_entity_src_gen.gene_src_tissue                    ? 
_entity_src_gen.gene_src_tissue_fraction           ? 
_entity_src_gen.gene_src_details                   ? 
_entity_src_gen.pdbx_gene_src_fragment             ? 
_entity_src_gen.pdbx_gene_src_scientific_name      'synthetic construct' 
_entity_src_gen.pdbx_gene_src_ncbi_taxonomy_id     32630 
_entity_src_gen.pdbx_gene_src_variant              ? 
_entity_src_gen.pdbx_gene_src_cell_line            ? 
_entity_src_gen.pdbx_gene_src_atcc                 ? 
_entity_src_gen.pdbx_gene_src_organ                ? 
_entity_src_gen.pdbx_gene_src_organelle            ? 
_entity_src_gen.pdbx_gene_src_cell                 ? 
_entity_src_gen.pdbx_gene_src_cellular_location    ? 
_entity_src_gen.host_org_common_name               ? 
_entity_src_gen.pdbx_host_org_scientific_name      'in vitro transcription vector pT7-TP(deltai)' 
_entity_src_gen.pdbx_host_org_ncbi_taxonomy_id     905931 
_entity_src_gen.host_org_genus                     ? 
_entity_src_gen.pdbx_host_org_gene                 ? 
_entity_src_gen.pdbx_host_org_organ                ? 
_entity_src_gen.host_org_species                   ? 
_entity_src_gen.pdbx_host_org_tissue               ? 
_entity_src_gen.pdbx_host_org_tissue_fraction      ? 
_entity_src_gen.pdbx_host_org_strain               ? 
_entity_src_gen.pdbx_host_org_variant              ? 
_entity_src_gen.pdbx_host_org_cell_line            ? 
_entity_src_gen.pdbx_host_org_atcc                 ? 
_entity_src_gen.pdbx_host_org_culture_collection   ? 
_entity_src_gen.pdbx_host_org_cell                 ? 
_entity_src_gen.pdbx_host_org_organelle            ? 
_entity_src_gen.pdbx_host_org_cellular_location    ? 
_entity_src_gen.pdbx_host_org_vector_type          ? 
_entity_src_gen.pdbx_host_org_vector               ? 
_entity_src_gen.host_org_details                   ? 
_entity_src_gen.expression_system_id               ? 
_entity_src_gen.plasmid_name                       ? 
_entity_src_gen.plasmid_details                    ? 
_entity_src_gen.pdbx_description                   ? 
# 
_struct_ref.id                         1 
_struct_ref.db_name                    PDB 
_struct_ref.db_code                    7EON 
_struct_ref.pdbx_db_accession          7EON 
_struct_ref.pdbx_db_isoform            ? 
_struct_ref.entity_id                  1 
_struct_ref.pdbx_seq_one_letter_code   ? 
_struct_ref.pdbx_align_begin           1 
# 
_struct_ref_seq.align_id                      1 
_struct_ref_seq.ref_id                        1 
_struct_ref_seq.pdbx_PDB_id_code              7EON 
_struct_ref_seq.pdbx_strand_id                A 
_struct_ref_seq.seq_align_beg                 1 
_struct_ref_seq.pdbx_seq_align_beg_ins_code   ? 
_struct_ref_seq.seq_align_end                 48 
_struct_ref_seq.pdbx_seq_align_end_ins_code   ? 
_struct_ref_seq.pdbx_db_accession             7EON 
_struct_ref_seq.db_align_beg                  2 
_struct_ref_seq.pdbx_db_align_beg_ins_code    ? 
_struct_ref_seq.db_align_end                  49 
_struct_ref_seq.pdbx_db_align_end_ins_code    ? 
_struct_ref_seq.pdbx_auth_seq_align_beg       2 
_struct_ref_seq.pdbx_auth_seq_align_end       49 
# 
loop_
_chem_comp.id 
_chem_comp.type 
_chem_comp.mon_nstd_flag 
_chem_comp.name 
_chem_comp.pdbx_synonyms 
_chem_comp.formula 
_chem_comp.formula_weight 
A   'RNA linking' y "ADENOSINE-5'-MONOPHOSPHATE"                                                                     ? 
'C10 H14 N5 O7 P'   347.221 
C   'RNA linking' y "CYTIDINE-5'-MONOPHOSPHATE"                                                                      ? 
'C9 H14 N3 O8 P'    323.197 
G   'RNA linking' y "GUANOSINE-5'-MONOPHOSPHATE"                                                                     ? 
'C10 H14 N5 O8 P'   363.221 
GTP non-polymer   n "GUANOSINE-5'-TRIPHOSPHATE"                                                                      ? 
'C10 H16 N5 O14 P3' 523.180 
HOH non-polymer   . WATER                                                                                            ? 'H2 O' 
18.015  
J8U non-polymer   . '4-[(~{Z})-1-cyano-2-[4-[2-(dimethylamino)ethyl-methyl-amino]phenyl]ethenyl]benzenecarbonitrile' ? 
'C21 H22 N4'        330.426 
MG  non-polymer   . 'MAGNESIUM ION'                                                                                  ? 'Mg 2' 
24.305  
U   'RNA linking' y "URIDINE-5'-MONOPHOSPHATE"                                                                       ? 
'C9 H13 N2 O9 P'    324.181 
# 
_exptl.absorpt_coefficient_mu     ? 
_exptl.absorpt_correction_T_max   ? 
_exptl.absorpt_correction_T_min   ? 
_exptl.absorpt_correction_type    ? 
_exptl.absorpt_process_details    ? 
_exptl.entry_id                   7EON 
_exptl.crystals_number            1 
_exptl.details                    ? 
_exptl.method                     'X-RAY DIFFRACTION' 
_exptl.method_details             ? 
# 
_exptl_crystal.colour                      ? 
_exptl_crystal.density_diffrn              ? 
_exptl_crystal.density_Matthews            2.39 
_exptl_crystal.density_method              ? 
_exptl_crystal.density_percent_sol         48.51 
_exptl_crystal.description                 ? 
_exptl_crystal.F_000                       ? 
_exptl_crystal.id                          1 
_exptl_crystal.preparation                 ? 
_exptl_crystal.size_max                    ? 
_exptl_crystal.size_mid                    ? 
_exptl_crystal.size_min                    ? 
_exptl_crystal.size_rad                    ? 
_exptl_crystal.colour_lustre               ? 
_exptl_crystal.colour_modifier             ? 
_exptl_crystal.colour_primary              ? 
_exptl_crystal.density_meas                ? 
_exptl_crystal.density_meas_esd            ? 
_exptl_crystal.density_meas_gt             ? 
_exptl_crystal.density_meas_lt             ? 
_exptl_crystal.density_meas_temp           ? 
_exptl_crystal.density_meas_temp_esd       ? 
_exptl_crystal.density_meas_temp_gt        ? 
_exptl_crystal.density_meas_temp_lt        ? 
_exptl_crystal.pdbx_crystal_image_url      ? 
_exptl_crystal.pdbx_crystal_image_format   ? 
_exptl_crystal.pdbx_mosaicity              ? 
_exptl_crystal.pdbx_mosaicity_esd          ? 
# 
_exptl_crystal_grow.apparatus       ? 
_exptl_crystal_grow.atmosphere      ? 
_exptl_crystal_grow.crystal_id      1 
_exptl_crystal_grow.details         ? 
_exptl_crystal_grow.method          'VAPOR DIFFUSION, SITTING DROP' 
_exptl_crystal_grow.method_ref      ? 
_exptl_crystal_grow.pH              ? 
_exptl_crystal_grow.pressure        ? 
_exptl_crystal_grow.pressure_esd    ? 
_exptl_crystal_grow.seeding         ? 
_exptl_crystal_grow.seeding_ref     ? 
_exptl_crystal_grow.temp            289 
_exptl_crystal_grow.temp_details    ? 
_exptl_crystal_grow.temp_esd        ? 
_exptl_crystal_grow.time            ? 
_exptl_crystal_grow.pdbx_details    
'0.1 M ammonium chloride, 0.005 M magnesium chloride, 0.025 M HEPES, pH 7.0, 1.25 M 1,6-hexanediol, 40% MPD' 
_exptl_crystal_grow.pdbx_pH_range   ? 
# 
_diffrn.ambient_environment              ? 
_diffrn.ambient_temp                     100 
_diffrn.ambient_temp_details             ? 
_diffrn.ambient_temp_esd                 ? 
_diffrn.crystal_id                       1 
_diffrn.crystal_support                  ? 
_diffrn.crystal_treatment                ? 
_diffrn.details                          ? 
_diffrn.id                               1 
_diffrn.ambient_pressure                 ? 
_diffrn.ambient_pressure_esd             ? 
_diffrn.ambient_pressure_gt              ? 
_diffrn.ambient_pressure_lt              ? 
_diffrn.ambient_temp_gt                  ? 
_diffrn.ambient_temp_lt                  ? 
_diffrn.pdbx_serial_crystal_experiment   N 
# 
_diffrn_detector.details                      ? 
_diffrn_detector.detector                     PIXEL 
_diffrn_detector.diffrn_id                    1 
_diffrn_detector.type                         'DECTRIS PILATUS 6M' 
_diffrn_detector.area_resol_mean              ? 
_diffrn_detector.dtime                        ? 
_diffrn_detector.pdbx_frames_total            ? 
_diffrn_detector.pdbx_collection_time_total   ? 
_diffrn_detector.pdbx_collection_date         2019-11-24 
_diffrn_detector.pdbx_frequency               ? 
# 
_diffrn_radiation.collimation                      ? 
_diffrn_radiation.diffrn_id                        1 
_diffrn_radiation.filter_edge                      ? 
_diffrn_radiation.inhomogeneity                    ? 
_diffrn_radiation.monochromator                    ? 
_diffrn_radiation.polarisn_norm                    ? 
_diffrn_radiation.polarisn_ratio                   ? 
_diffrn_radiation.probe                            ? 
_diffrn_radiation.type                             ? 
_diffrn_radiation.xray_symbol                      ? 
_diffrn_radiation.wavelength_id                    1 
_diffrn_radiation.pdbx_monochromatic_or_laue_m_l   M 
_diffrn_radiation.pdbx_wavelength_list             ? 
_diffrn_radiation.pdbx_wavelength                  ? 
_diffrn_radiation.pdbx_diffrn_protocol             'SINGLE WAVELENGTH' 
_diffrn_radiation.pdbx_analyzer                    ? 
_diffrn_radiation.pdbx_scattering_type             x-ray 
# 
_diffrn_radiation_wavelength.id           1 
_diffrn_radiation_wavelength.wavelength   1.102 
_diffrn_radiation_wavelength.wt           1.0 
# 
_diffrn_source.current                     ? 
_diffrn_source.details                     ? 
_diffrn_source.diffrn_id                   1 
_diffrn_source.power                       ? 
_diffrn_source.size                        ? 
_diffrn_source.source                      SYNCHROTRON 
_diffrn_source.target                      ? 
_diffrn_source.type                        'SSRF BEAMLINE BL19U1' 
_diffrn_source.voltage                     ? 
_diffrn_source.take-off_angle              ? 
_diffrn_source.pdbx_wavelength_list        1.102 
_diffrn_source.pdbx_wavelength             ? 
_diffrn_source.pdbx_synchrotron_beamline   BL19U1 
_diffrn_source.pdbx_synchrotron_site       SSRF 
# 
_reflns.B_iso_Wilson_estimate                          ? 
_reflns.entry_id                                       7EON 
_reflns.data_reduction_details                         ? 
_reflns.data_reduction_method                          ? 
_reflns.d_resolution_high                              2.300 
_reflns.d_resolution_low                               50.000 
_reflns.details                                        ? 
_reflns.limit_h_max                                    ? 
_reflns.limit_h_min                                    ? 
_reflns.limit_k_max                                    ? 
_reflns.limit_k_min                                    ? 
_reflns.limit_l_max                                    ? 
_reflns.limit_l_min                                    ? 
_reflns.number_all                                     ? 
_reflns.number_obs                                     6244 
_reflns.observed_criterion                             ? 
_reflns.observed_criterion_F_max                       ? 
_reflns.observed_criterion_F_min                       ? 
_reflns.observed_criterion_I_max                       ? 
_reflns.observed_criterion_I_min                       ? 
_reflns.observed_criterion_sigma_F                     ? 
_reflns.observed_criterion_sigma_I                     ? 
_reflns.percent_possible_obs                           93.400 
_reflns.R_free_details                                 ? 
_reflns.Rmerge_F_all                                   ? 
_reflns.Rmerge_F_obs                                   ? 
_reflns.Friedel_coverage                               ? 
_reflns.number_gt                                      ? 
_reflns.threshold_expression                           ? 
_reflns.pdbx_redundancy                                7.000 
_reflns.pdbx_Rmerge_I_obs                              0.122 
_reflns.pdbx_Rmerge_I_all                              ? 
_reflns.pdbx_Rsym_value                                ? 
_reflns.pdbx_netI_over_av_sigmaI                       ? 
_reflns.pdbx_netI_over_sigmaI                          4.800 
_reflns.pdbx_res_netI_over_av_sigmaI_2                 ? 
_reflns.pdbx_res_netI_over_sigmaI_2                    ? 
_reflns.pdbx_chi_squared                               1.144 
_reflns.pdbx_scaling_rejects                           ? 
_reflns.pdbx_d_res_high_opt                            ? 
_reflns.pdbx_d_res_low_opt                             ? 
_reflns.pdbx_d_res_opt_method                          ? 
_reflns.phase_calculation_details                      ? 
_reflns.pdbx_Rrim_I_all                                0.132 
_reflns.pdbx_Rpim_I_all                                0.050 
_reflns.pdbx_d_opt                                     ? 
_reflns.pdbx_number_measured_all                       43735 
_reflns.pdbx_diffrn_id                                 1 
_reflns.pdbx_ordinal                                   1 
_reflns.pdbx_CC_half                                   ? 
_reflns.pdbx_CC_star                                   ? 
_reflns.pdbx_R_split                                   ? 
_reflns.pdbx_aniso_diffraction_limit_axis_1_ortho[1]   ? 
_reflns.pdbx_aniso_diffraction_limit_axis_1_ortho[2]   ? 
_reflns.pdbx_aniso_diffraction_limit_axis_1_ortho[3]   ? 
_reflns.pdbx_aniso_diffraction_limit_axis_2_ortho[1]   ? 
_reflns.pdbx_aniso_diffraction_limit_axis_2_ortho[2]   ? 
_reflns.pdbx_aniso_diffraction_limit_axis_2_ortho[3]   ? 
_reflns.pdbx_aniso_diffraction_limit_axis_3_ortho[1]   ? 
_reflns.pdbx_aniso_diffraction_limit_axis_3_ortho[2]   ? 
_reflns.pdbx_aniso_diffraction_limit_axis_3_ortho[3]   ? 
_reflns.pdbx_aniso_diffraction_limit_1                 ? 
_reflns.pdbx_aniso_diffraction_limit_2                 ? 
_reflns.pdbx_aniso_diffraction_limit_3                 ? 
_reflns.pdbx_aniso_B_tensor_eigenvector_1_ortho[1]     ? 
_reflns.pdbx_aniso_B_tensor_eigenvector_1_ortho[2]     ? 
_reflns.pdbx_aniso_B_tensor_eigenvector_1_ortho[3]     ? 
_reflns.pdbx_aniso_B_tensor_eigenvector_2_ortho[1]     ? 
_reflns.pdbx_aniso_B_tensor_eigenvector_2_ortho[2]     ? 
_reflns.pdbx_aniso_B_tensor_eigenvector_2_ortho[3]     ? 
_reflns.pdbx_aniso_B_tensor_eigenvector_3_ortho[1]     ? 
_reflns.pdbx_aniso_B_tensor_eigenvector_3_ortho[2]     ? 
_reflns.pdbx_aniso_B_tensor_eigenvector_3_ortho[3]     ? 
_reflns.pdbx_aniso_B_tensor_eigenvalue_1               ? 
_reflns.pdbx_aniso_B_tensor_eigenvalue_2               ? 
_reflns.pdbx_aniso_B_tensor_eigenvalue_3               ? 
_reflns.pdbx_orthogonalization_convention              ? 
_reflns.pdbx_percent_possible_ellipsoidal              ? 
_reflns.pdbx_percent_possible_spherical                ? 
_reflns.pdbx_percent_possible_ellipsoidal_anomalous    ? 
_reflns.pdbx_percent_possible_spherical_anomalous      ? 
_reflns.pdbx_redundancy_anomalous                      ? 
_reflns.pdbx_CC_half_anomalous                         ? 
_reflns.pdbx_absDiff_over_sigma_anomalous              ? 
_reflns.pdbx_percent_possible_anomalous                ? 
_reflns.pdbx_observed_signal_threshold                 ? 
_reflns.pdbx_signal_type                               ? 
_reflns.pdbx_signal_details                            ? 
_reflns.pdbx_signal_software_id                        ? 
# 
loop_
_reflns_shell.d_res_high 
_reflns_shell.d_res_low 
_reflns_shell.meanI_over_sigI_all 
_reflns_shell.meanI_over_sigI_obs 
_reflns_shell.number_measured_all 
_reflns_shell.number_measured_obs 
_reflns_shell.number_possible 
_reflns_shell.number_unique_all 
_reflns_shell.number_unique_obs 
_reflns_shell.percent_possible_all 
_reflns_shell.percent_possible_obs 
_reflns_shell.Rmerge_F_all 
_reflns_shell.Rmerge_F_obs 
_reflns_shell.Rmerge_I_all 
_reflns_shell.Rmerge_I_obs 
_reflns_shell.meanI_over_sigI_gt 
_reflns_shell.meanI_over_uI_all 
_reflns_shell.meanI_over_uI_gt 
_reflns_shell.number_measured_gt 
_reflns_shell.number_unique_gt 
_reflns_shell.percent_possible_gt 
_reflns_shell.Rmerge_F_gt 
_reflns_shell.Rmerge_I_gt 
_reflns_shell.pdbx_redundancy 
_reflns_shell.pdbx_Rsym_value 
_reflns_shell.pdbx_chi_squared 
_reflns_shell.pdbx_netI_over_sigmaI_all 
_reflns_shell.pdbx_netI_over_sigmaI_obs 
_reflns_shell.pdbx_Rrim_I_all 
_reflns_shell.pdbx_Rpim_I_all 
_reflns_shell.pdbx_rejects 
_reflns_shell.pdbx_ordinal 
_reflns_shell.pdbx_diffrn_id 
_reflns_shell.pdbx_CC_half 
_reflns_shell.pdbx_CC_star 
_reflns_shell.pdbx_R_split 
_reflns_shell.pdbx_percent_possible_ellipsoidal 
_reflns_shell.pdbx_percent_possible_spherical 
_reflns_shell.pdbx_percent_possible_ellipsoidal_anomalous 
_reflns_shell.pdbx_percent_possible_spherical_anomalous 
_reflns_shell.pdbx_redundancy_anomalous 
_reflns_shell.pdbx_CC_half_anomalous 
_reflns_shell.pdbx_absDiff_over_sigma_anomalous 
_reflns_shell.pdbx_percent_possible_anomalous 
2.300 2.380  ? ? ? ? ? ? 599 92.000 ? ? ? ? 0.360 ? ? ? ? ? ? ? ? 6.700 ? 0.660 ? ? 0.389 0.146 ? 1  1 0.955 ? ? ? ? ? ? ? ? ? ? 
2.380 2.480  ? ? ? ? ? ? 603 90.300 ? ? ? ? 0.306 ? ? ? ? ? ? ? ? 6.800 ? 0.707 ? ? 0.331 0.124 ? 2  1 0.966 ? ? ? ? ? ? ? ? ? ? 
2.480 2.590  ? ? ? ? ? ? 634 96.100 ? ? ? ? 0.271 ? ? ? ? ? ? ? ? 7.100 ? 0.761 ? ? 0.293 0.108 ? 3  1 0.968 ? ? ? ? ? ? ? ? ? ? 
2.590 2.730  ? ? ? ? ? ? 638 96.700 ? ? ? ? 0.234 ? ? ? ? ? ? ? ? 7.100 ? 0.814 ? ? 0.252 0.093 ? 4  1 0.962 ? ? ? ? ? ? ? ? ? ? 
2.730 2.900  ? ? ? ? ? ? 643 95.300 ? ? ? ? 0.181 ? ? ? ? ? ? ? ? 7.100 ? 0.968 ? ? 0.195 0.072 ? 5  1 0.973 ? ? ? ? ? ? ? ? ? ? 
2.900 3.120  ? ? ? ? ? ? 580 89.800 ? ? ? ? 0.138 ? ? ? ? ? ? ? ? 7.100 ? 1.310 ? ? 0.150 0.056 ? 6  1 0.985 ? ? ? ? ? ? ? ? ? ? 
3.120 3.440  ? ? ? ? ? ? 615 92.800 ? ? ? ? 0.117 ? ? ? ? ? ? ? ? 7.100 ? 1.359 ? ? 0.126 0.047 ? 7  1 0.991 ? ? ? ? ? ? ? ? ? ? 
3.440 3.930  ? ? ? ? ? ? 641 95.000 ? ? ? ? 0.113 ? ? ? ? ? ? ? ? 7.200 ? 1.421 ? ? 0.122 0.045 ? 8  1 0.990 ? ? ? ? ? ? ? ? ? ? 
3.930 4.950  ? ? ? ? ? ? 630 91.600 ? ? ? ? 0.108 ? ? ? ? ? ? ? ? 7.100 ? 1.518 ? ? 0.116 0.043 ? 9  1 0.987 ? ? ? ? ? ? ? ? ? ? 
4.950 50.000 ? ? ? ? ? ? 661 94.600 ? ? ? ? 0.106 ? ? ? ? ? ? ? ? 6.800 ? 1.842 ? ? 0.115 0.044 ? 10 1 0.994 ? ? ? ? ? ? ? ? ? ? 
# 
_refine.aniso_B[1][1]                            ? 
_refine.aniso_B[1][2]                            ? 
_refine.aniso_B[1][3]                            ? 
_refine.aniso_B[2][2]                            ? 
_refine.aniso_B[2][3]                            ? 
_refine.aniso_B[3][3]                            ? 
_refine.B_iso_max                                122.660 
_refine.B_iso_mean                               45.4715 
_refine.B_iso_min                                12.970 
_refine.correlation_coeff_Fo_to_Fc               ? 
_refine.correlation_coeff_Fo_to_Fc_free          ? 
_refine.details                                  ? 
_refine.diff_density_max                         ? 
_refine.diff_density_max_esd                     ? 
_refine.diff_density_min                         ? 
_refine.diff_density_min_esd                     ? 
_refine.diff_density_rms                         ? 
_refine.diff_density_rms_esd                     ? 
_refine.entry_id                                 7EON 
_refine.pdbx_refine_id                           'X-RAY DIFFRACTION' 
_refine.ls_abs_structure_details                 ? 
_refine.ls_abs_structure_Flack                   ? 
_refine.ls_abs_structure_Flack_esd               ? 
_refine.ls_abs_structure_Rogers                  ? 
_refine.ls_abs_structure_Rogers_esd              ? 
_refine.ls_d_res_high                            2.3000 
_refine.ls_d_res_low                             45.9570 
_refine.ls_extinction_coef                       ? 
_refine.ls_extinction_coef_esd                   ? 
_refine.ls_extinction_expression                 ? 
_refine.ls_extinction_method                     ? 
_refine.ls_goodness_of_fit_all                   ? 
_refine.ls_goodness_of_fit_all_esd               ? 
_refine.ls_goodness_of_fit_obs                   ? 
_refine.ls_goodness_of_fit_obs_esd               ? 
_refine.ls_hydrogen_treatment                    ? 
_refine.ls_matrix_type                           ? 
_refine.ls_number_constraints                    ? 
_refine.ls_number_parameters                     ? 
_refine.ls_number_reflns_all                     ? 
_refine.ls_number_reflns_obs                     6210 
_refine.ls_number_reflns_R_free                  305 
_refine.ls_number_reflns_R_work                  5905 
_refine.ls_number_restraints                     ? 
_refine.ls_percent_reflns_obs                    93.2700 
_refine.ls_percent_reflns_R_free                 4.9100 
_refine.ls_R_factor_all                          ? 
_refine.ls_R_factor_obs                          0.2137 
_refine.ls_R_factor_R_free                       0.2618 
_refine.ls_R_factor_R_free_error                 ? 
_refine.ls_R_factor_R_free_error_details         ? 
_refine.ls_R_factor_R_work                       0.2112 
_refine.ls_R_Fsqd_factor_obs                     ? 
_refine.ls_R_I_factor_obs                        ? 
_refine.ls_redundancy_reflns_all                 ? 
_refine.ls_redundancy_reflns_obs                 ? 
_refine.ls_restrained_S_all                      ? 
_refine.ls_restrained_S_obs                      ? 
_refine.ls_shift_over_esd_max                    ? 
_refine.ls_shift_over_esd_mean                   ? 
_refine.ls_structure_factor_coef                 ? 
_refine.ls_weighting_details                     ? 
_refine.ls_weighting_scheme                      ? 
_refine.ls_wR_factor_all                         ? 
_refine.ls_wR_factor_obs                         ? 
_refine.ls_wR_factor_R_free                      ? 
_refine.ls_wR_factor_R_work                      ? 
_refine.occupancy_max                            ? 
_refine.occupancy_min                            ? 
_refine.solvent_model_details                    'FLAT BULK SOLVENT MODEL' 
_refine.solvent_model_param_bsol                 ? 
_refine.solvent_model_param_ksol                 ? 
_refine.pdbx_R_complete                          ? 
_refine.ls_R_factor_gt                           ? 
_refine.ls_goodness_of_fit_gt                    ? 
_refine.ls_goodness_of_fit_ref                   ? 
_refine.ls_shift_over_su_max                     ? 
_refine.ls_shift_over_su_max_lt                  ? 
_refine.ls_shift_over_su_mean                    ? 
_refine.ls_shift_over_su_mean_lt                 ? 
_refine.pdbx_ls_sigma_I                          ? 
_refine.pdbx_ls_sigma_F                          1.420 
_refine.pdbx_ls_sigma_Fsqd                       ? 
_refine.pdbx_data_cutoff_high_absF               ? 
_refine.pdbx_data_cutoff_high_rms_absF           ? 
_refine.pdbx_data_cutoff_low_absF                ? 
_refine.pdbx_isotropic_thermal_model             ? 
_refine.pdbx_ls_cross_valid_method               THROUGHOUT 
_refine.pdbx_method_to_determine_struct          'MOLECULAR REPLACEMENT' 
_refine.pdbx_starting_model                      7E0G 
_refine.pdbx_stereochemistry_target_values       ML 
_refine.pdbx_R_Free_selection_details            ? 
_refine.pdbx_stereochem_target_val_spec_case     ? 
_refine.pdbx_overall_ESU_R                       ? 
_refine.pdbx_overall_ESU_R_Free                  ? 
_refine.pdbx_solvent_vdw_probe_radii             1.1100 
_refine.pdbx_solvent_ion_probe_radii             ? 
_refine.pdbx_solvent_shrinkage_radii             0.9000 
_refine.pdbx_real_space_R                        ? 
_refine.pdbx_density_correlation                 ? 
_refine.pdbx_pd_number_of_powder_patterns        ? 
_refine.pdbx_pd_number_of_points                 ? 
_refine.pdbx_pd_meas_number_of_points            ? 
_refine.pdbx_pd_proc_ls_prof_R_factor            ? 
_refine.pdbx_pd_proc_ls_prof_wR_factor           ? 
_refine.pdbx_pd_Marquardt_correlation_coeff      ? 
_refine.pdbx_pd_Fsqrd_R_factor                   ? 
_refine.pdbx_pd_ls_matrix_band_width             ? 
_refine.pdbx_overall_phase_error                 32.0600 
_refine.pdbx_overall_SU_R_free_Cruickshank_DPI   ? 
_refine.pdbx_overall_SU_R_free_Blow_DPI          ? 
_refine.pdbx_overall_SU_R_Blow_DPI               ? 
_refine.pdbx_TLS_residual_ADP_flag               ? 
_refine.pdbx_diffrn_id                           1 
_refine.overall_SU_B                             ? 
_refine.overall_SU_ML                            0.3100 
_refine.overall_SU_R_Cruickshank_DPI             ? 
_refine.overall_SU_R_free                        ? 
_refine.overall_FOM_free_R_set                   ? 
_refine.overall_FOM_work_R_set                   ? 
_refine.pdbx_average_fsc_overall                 ? 
_refine.pdbx_average_fsc_work                    ? 
_refine.pdbx_average_fsc_free                    ? 
# 
_refine_hist.pdbx_refine_id                   'X-RAY DIFFRACTION' 
_refine_hist.cycle_id                         final 
_refine_hist.details                          ? 
_refine_hist.d_res_high                       2.3000 
_refine_hist.d_res_low                        45.9570 
_refine_hist.number_atoms_solvent             63 
_refine_hist.number_atoms_total               1147 
_refine_hist.number_reflns_all                ? 
_refine_hist.number_reflns_obs                ? 
_refine_hist.number_reflns_R_free             ? 
_refine_hist.number_reflns_R_work             ? 
_refine_hist.R_factor_all                     ? 
_refine_hist.R_factor_obs                     ? 
_refine_hist.R_factor_R_free                  ? 
_refine_hist.R_factor_R_work                  ? 
_refine_hist.pdbx_number_residues_total       49 
_refine_hist.pdbx_B_iso_mean_ligand           34.06 
_refine_hist.pdbx_B_iso_mean_solvent          32.12 
_refine_hist.pdbx_number_atoms_protein        0 
_refine_hist.pdbx_number_atoms_nucleic_acid   1054 
_refine_hist.pdbx_number_atoms_ligand         30 
_refine_hist.pdbx_number_atoms_lipid          ? 
_refine_hist.pdbx_number_atoms_carb           ? 
_refine_hist.pdbx_pseudo_atom_details         ? 
# 
loop_
_refine_ls_shell.pdbx_refine_id 
_refine_ls_shell.d_res_high 
_refine_ls_shell.d_res_low 
_refine_ls_shell.number_reflns_all 
_refine_ls_shell.number_reflns_obs 
_refine_ls_shell.number_reflns_R_free 
_refine_ls_shell.number_reflns_R_work 
_refine_ls_shell.percent_reflns_obs 
_refine_ls_shell.percent_reflns_R_free 
_refine_ls_shell.R_factor_all 
_refine_ls_shell.R_factor_obs 
_refine_ls_shell.R_factor_R_free 
_refine_ls_shell.R_factor_R_free_error 
_refine_ls_shell.R_factor_R_work 
_refine_ls_shell.redundancy_reflns_all 
_refine_ls_shell.redundancy_reflns_obs 
_refine_ls_shell.wR_factor_all 
_refine_ls_shell.wR_factor_obs 
_refine_ls_shell.wR_factor_R_free 
_refine_ls_shell.wR_factor_R_work 
_refine_ls_shell.pdbx_R_complete 
_refine_ls_shell.pdbx_total_number_of_bins_used 
_refine_ls_shell.pdbx_phase_error 
_refine_ls_shell.pdbx_fsc_work 
_refine_ls_shell.pdbx_fsc_free 
'X-RAY DIFFRACTION' 2.3001 2.8978  . . 163 2932 94.0000 . . . 0.3082 0.0000 0.2387 . . . . . . . . . . . 
'X-RAY DIFFRACTION' 2.8978 45.9570 . . 142 2973 93.0000 . . . 0.2434 0.0000 0.2025 . . . . . . . . . . . 
# 
_struct.entry_id                     7EON 
_struct.title                        'Crystal structure of the Pepper aptamer in complex with HBC514' 
_struct.pdbx_model_details           ? 
_struct.pdbx_formula_weight          ? 
_struct.pdbx_formula_weight_method   ? 
_struct.pdbx_model_type_details      ? 
_struct.pdbx_CASP_flag               N 
# 
_struct_keywords.entry_id        7EON 
_struct_keywords.text            'Fluorescent RNA, Aptamer, HBC514, RNA' 
_struct_keywords.pdbx_keywords   RNA 
# 
loop_
_struct_asym.id 
_struct_asym.pdbx_blank_PDB_chainid_flag 
_struct_asym.pdbx_modified 
_struct_asym.entity_id 
_struct_asym.details 
A N N 1 ? 
B N N 2 ? 
C N N 3 ? 
D N N 4 ? 
E N N 4 ? 
F N N 4 ? 
G N N 4 ? 
H N N 4 ? 
I N N 5 ? 
# 
loop_
_struct_conn.id 
_struct_conn.conn_type_id 
_struct_conn.pdbx_leaving_atom_flag 
_struct_conn.pdbx_PDB_id 
_struct_conn.ptnr1_label_asym_id 
_struct_conn.ptnr1_label_comp_id 
_struct_conn.ptnr1_label_seq_id 
_struct_conn.ptnr1_label_atom_id 
_struct_conn.pdbx_ptnr1_label_alt_id 
_struct_conn.pdbx_ptnr1_PDB_ins_code 
_struct_conn.pdbx_ptnr1_standard_comp_id 
_struct_conn.ptnr1_symmetry 
_struct_conn.ptnr2_label_asym_id 
_struct_conn.ptnr2_label_comp_id 
_struct_conn.ptnr2_label_seq_id 
_struct_conn.ptnr2_label_atom_id 
_struct_conn.pdbx_ptnr2_label_alt_id 
_struct_conn.pdbx_ptnr2_PDB_ins_code 
_struct_conn.ptnr1_auth_asym_id 
_struct_conn.ptnr1_auth_comp_id 
_struct_conn.ptnr1_auth_seq_id 
_struct_conn.ptnr2_auth_asym_id 
_struct_conn.ptnr2_auth_comp_id 
_struct_conn.ptnr2_auth_seq_id 
_struct_conn.ptnr2_symmetry 
_struct_conn.pdbx_ptnr3_label_atom_id 
_struct_conn.pdbx_ptnr3_label_seq_id 
_struct_conn.pdbx_ptnr3_label_comp_id 
_struct_conn.pdbx_ptnr3_label_asym_id 
_struct_conn.pdbx_ptnr3_label_alt_id 
_struct_conn.pdbx_ptnr3_PDB_ins_code 
_struct_conn.details 
_struct_conn.pdbx_dist_value 
_struct_conn.pdbx_value_order 
_struct_conn.pdbx_role 
covale1  covale both ? A G  1  P   ? ? ? 1_555 B GTP .  "O3'" ? ? A G  2   A GTP 101 1_555 ? ? ? ? ? ? ?                       
1.562 ? ? 
metalc1  metalc ?    ? A C  6  OP2 ? ? ? 1_555 D MG  .  MG    ? ? A C  7   A MG  103 1_555 ? ? ? ? ? ? ?                       
1.848 ? ? 
metalc2  metalc ?    ? A U  7  OP2 ? ? ? 1_555 D MG  .  MG    ? ? A U  8   A MG  103 1_555 ? ? ? ? ? ? ?                       
1.932 ? ? 
metalc3  metalc ?    ? A U  7  OP1 ? ? ? 1_555 H MG  .  MG    ? ? A U  8   A MG  107 1_555 ? ? ? ? ? ? ?                       
2.773 ? ? 
metalc4  metalc ?    ? A A  29 OP2 ? ? ? 1_555 E MG  .  MG    ? ? A A  30  A MG  104 1_555 ? ? ? ? ? ? ?                       
1.823 ? ? 
metalc5  metalc ?    ? A U  31 OP2 ? ? ? 1_555 F MG  .  MG    ? ? A U  32  A MG  105 1_555 ? ? ? ? ? ? ?                       
2.086 ? ? 
metalc6  metalc ?    ? A U  41 OP2 ? ? ? 1_555 G MG  .  MG    ? ? A U  42  A MG  106 1_555 ? ? ? ? ? ? ?                       
2.033 ? ? 
metalc7  metalc ?    ? D MG .  MG  ? ? ? 1_555 I HOH .  O     ? ? A MG 103 A HOH 216 1_555 ? ? ? ? ? ? ?                       
2.060 ? ? 
metalc8  metalc ?    ? D MG .  MG  ? ? ? 1_555 I HOH .  O     ? ? A MG 103 A HOH 228 1_555 ? ? ? ? ? ? ?                       
2.033 ? ? 
metalc9  metalc ?    ? D MG .  MG  ? ? ? 1_555 I HOH .  O     ? ? A MG 103 A HOH 233 1_555 ? ? ? ? ? ? ?                       
2.468 ? ? 
metalc10 metalc ?    ? E MG .  MG  ? ? ? 1_555 I HOH .  O     ? ? A MG 104 A HOH 203 1_555 ? ? ? ? ? ? ?                       
2.578 ? ? 
metalc11 metalc ?    ? E MG .  MG  ? ? ? 1_555 I HOH .  O     ? ? A MG 104 A HOH 223 1_555 ? ? ? ? ? ? ?                       
2.094 ? ? 
metalc12 metalc ?    ? E MG .  MG  ? ? ? 1_555 I HOH .  O     ? ? A MG 104 A HOH 231 1_555 ? ? ? ? ? ? ?                       
2.063 ? ? 
metalc13 metalc ?    ? E MG .  MG  ? ? ? 1_555 I HOH .  O     ? ? A MG 104 A HOH 236 1_555 ? ? ? ? ? ? ?                       
2.030 ? ? 
metalc14 metalc ?    ? E MG .  MG  ? ? ? 1_555 I HOH .  O     ? ? A MG 104 A HOH 253 1_555 ? ? ? ? ? ? ?                       
2.246 ? ? 
metalc15 metalc ?    ? F MG .  MG  ? ? ? 1_555 I HOH .  O     ? ? A MG 105 A HOH 217 1_555 ? ? ? ? ? ? ?                       
1.926 ? ? 
metalc16 metalc ?    ? F MG .  MG  ? ? ? 1_555 I HOH .  O     ? ? A MG 105 A HOH 219 1_555 ? ? ? ? ? ? ?                       
2.110 ? ? 
metalc17 metalc ?    ? F MG .  MG  ? ? ? 1_555 I HOH .  O     ? ? A MG 105 A HOH 220 1_555 ? ? ? ? ? ? ?                       
1.970 ? ? 
metalc18 metalc ?    ? F MG .  MG  ? ? ? 1_555 I HOH .  O     ? ? A MG 105 A HOH 230 1_555 ? ? ? ? ? ? ?                       
2.179 ? ? 
metalc19 metalc ?    ? F MG .  MG  ? ? ? 1_555 I HOH .  O     ? ? A MG 105 A HOH 250 1_555 ? ? ? ? ? ? ?                       
2.141 ? ? 
metalc20 metalc ?    ? G MG .  MG  ? ? ? 1_555 I HOH .  O     ? ? A MG 106 A HOH 239 1_555 ? ? ? ? ? ? ?                       
1.916 ? ? 
metalc21 metalc ?    ? G MG .  MG  ? ? ? 1_555 I HOH .  O     ? ? A MG 106 A HOH 245 1_555 ? ? ? ? ? ? ?                       
2.087 ? ? 
metalc22 metalc ?    ? G MG .  MG  ? ? ? 1_555 I HOH .  O     ? ? A MG 106 A HOH 246 1_555 ? ? ? ? ? ? ?                       
2.111 ? ? 
metalc23 metalc ?    ? G MG .  MG  ? ? ? 1_555 I HOH .  O     ? ? A MG 106 A HOH 249 1_555 ? ? ? ? ? ? ?                       
1.917 ? ? 
metalc24 metalc ?    ? G MG .  MG  ? ? ? 1_555 I HOH .  O     ? ? A MG 106 A HOH 256 1_555 ? ? ? ? ? ? ?                       
1.992 ? ? 
metalc25 metalc ?    ? H MG .  MG  ? ? ? 1_555 I HOH .  O     ? ? A MG 107 A HOH 224 4_555 ? ? ? ? ? ? ?                       
2.137 ? ? 
metalc26 metalc ?    ? H MG .  MG  ? ? ? 1_555 I HOH .  O     ? ? A MG 107 A HOH 233 1_555 ? ? ? ? ? ? ?                       
2.922 ? ? 
metalc27 metalc ?    ? H MG .  MG  ? ? ? 1_555 I HOH .  O     ? ? A MG 107 A HOH 254 4_555 ? ? ? ? ? ? ?                       
2.350 ? ? 
hydrog1  hydrog ?    ? A G  1  N1  ? ? ? 1_555 A C   47 N3    ? ? A G  2   A C   48  1_555 ? ? ? ? ? ? WATSON-CRICK            ? ? 
? 
hydrog2  hydrog ?    ? A G  1  N2  ? ? ? 1_555 A C   47 O2    ? ? A G  2   A C   48  1_555 ? ? ? ? ? ? WATSON-CRICK            ? ? 
? 
hydrog3  hydrog ?    ? A G  1  O6  ? ? ? 1_555 A C   47 N4    ? ? A G  2   A C   48  1_555 ? ? ? ? ? ? WATSON-CRICK            ? ? 
? 
hydrog4  hydrog ?    ? A C  2  N3  ? ? ? 1_555 A G   46 N1    ? ? A C  3   A G   47  1_555 ? ? ? ? ? ? WATSON-CRICK            ? ? 
? 
hydrog5  hydrog ?    ? A C  2  N4  ? ? ? 1_555 A G   46 O6    ? ? A C  3   A G   47  1_555 ? ? ? ? ? ? WATSON-CRICK            ? ? 
? 
hydrog6  hydrog ?    ? A C  2  O2  ? ? ? 1_555 A G   46 N2    ? ? A C  3   A G   47  1_555 ? ? ? ? ? ? WATSON-CRICK            ? ? 
? 
hydrog7  hydrog ?    ? A G  3  N1  ? ? ? 1_555 A C   45 N3    ? ? A G  4   A C   46  1_555 ? ? ? ? ? ? WATSON-CRICK            ? ? 
? 
hydrog8  hydrog ?    ? A G  3  N2  ? ? ? 1_555 A C   45 O2    ? ? A G  4   A C   46  1_555 ? ? ? ? ? ? WATSON-CRICK            ? ? 
? 
hydrog9  hydrog ?    ? A G  3  O6  ? ? ? 1_555 A C   45 N4    ? ? A G  4   A C   46  1_555 ? ? ? ? ? ? WATSON-CRICK            ? ? 
? 
hydrog10 hydrog ?    ? A C  4  N3  ? ? ? 1_555 A G   44 N1    ? ? A C  5   A G   45  1_555 ? ? ? ? ? ? WATSON-CRICK            ? ? 
? 
hydrog11 hydrog ?    ? A C  4  N4  ? ? ? 1_555 A G   44 O6    ? ? A C  5   A G   45  1_555 ? ? ? ? ? ? WATSON-CRICK            ? ? 
? 
hydrog12 hydrog ?    ? A C  4  O2  ? ? ? 1_555 A G   44 N2    ? ? A C  5   A G   45  1_555 ? ? ? ? ? ? WATSON-CRICK            ? ? 
? 
hydrog13 hydrog ?    ? A C  6  N3  ? ? ? 1_555 A G   43 N1    ? ? A C  7   A G   44  1_555 ? ? ? ? ? ? WATSON-CRICK            ? ? 
? 
hydrog14 hydrog ?    ? A C  6  N4  ? ? ? 1_555 A G   43 O6    ? ? A C  7   A G   44  1_555 ? ? ? ? ? ? WATSON-CRICK            ? ? 
? 
hydrog15 hydrog ?    ? A C  6  O2  ? ? ? 1_555 A G   43 N2    ? ? A C  7   A G   44  1_555 ? ? ? ? ? ? WATSON-CRICK            ? ? 
? 
hydrog16 hydrog ?    ? A U  7  O4  ? ? ? 1_555 A G   40 N2    ? ? A U  8   A G   41  1_555 ? ? ? ? ? ? 'U-G MISPAIR'           ? ? 
? 
hydrog17 hydrog ?    ? A U  7  N3  ? ? ? 1_555 A U   41 O4    ? ? A U  8   A U   42  1_555 ? ? ? ? ? ? TYPE_16_PAIR            ? ? 
? 
hydrog18 hydrog ?    ? A U  7  O2  ? ? ? 1_555 A U   41 N3    ? ? A U  8   A U   42  1_555 ? ? ? ? ? ? TYPE_16_PAIR            ? ? 
? 
hydrog19 hydrog ?    ? A G  8  N1  ? ? ? 1_555 A C   32 O2    ? ? A G  9   A C   33  1_555 ? ? ? ? ? ? 'REVERSED WATSON-CRICK' ? ? 
? 
hydrog20 hydrog ?    ? A G  8  N2  ? ? ? 1_555 A C   32 N3    ? ? A G  9   A C   33  1_555 ? ? ? ? ? ? 'REVERSED WATSON-CRICK' ? ? 
? 
hydrog21 hydrog ?    ? A G  9  N1  ? ? ? 1_555 A U   39 O2    ? ? A G  10  A U   40  1_555 ? ? ? ? ? ? TYPE_28_PAIR            ? ? 
? 
hydrog22 hydrog ?    ? A G  9  O6  ? ? ? 1_555 A U   39 N3    ? ? A G  10  A U   40  1_555 ? ? ? ? ? ? TYPE_28_PAIR            ? ? 
? 
hydrog23 hydrog ?    ? A C  10 N3  ? ? ? 1_555 A G   38 N1    ? ? A C  11  A G   39  1_555 ? ? ? ? ? ? WATSON-CRICK            ? ? 
? 
hydrog24 hydrog ?    ? A C  10 N4  ? ? ? 1_555 A G   38 O6    ? ? A C  11  A G   39  1_555 ? ? ? ? ? ? WATSON-CRICK            ? ? 
? 
hydrog25 hydrog ?    ? A C  10 O2  ? ? ? 1_555 A G   38 N2    ? ? A C  11  A G   39  1_555 ? ? ? ? ? ? WATSON-CRICK            ? ? 
? 
hydrog26 hydrog ?    ? A G  11 N1  ? ? ? 1_555 A C   37 N3    ? ? A G  12  A C   38  1_555 ? ? ? ? ? ? WATSON-CRICK            ? ? 
? 
hydrog27 hydrog ?    ? A G  11 N2  ? ? ? 1_555 A C   37 O2    ? ? A G  12  A C   38  1_555 ? ? ? ? ? ? WATSON-CRICK            ? ? 
? 
hydrog28 hydrog ?    ? A G  11 O6  ? ? ? 1_555 A C   37 N4    ? ? A G  12  A C   38  1_555 ? ? ? ? ? ? WATSON-CRICK            ? ? 
? 
hydrog29 hydrog ?    ? A C  12 N3  ? ? ? 1_555 A G   36 N1    ? ? A C  13  A G   37  1_555 ? ? ? ? ? ? WATSON-CRICK            ? ? 
? 
hydrog30 hydrog ?    ? A C  12 N4  ? ? ? 1_555 A G   36 O6    ? ? A C  13  A G   37  1_555 ? ? ? ? ? ? WATSON-CRICK            ? ? 
? 
hydrog31 hydrog ?    ? A C  12 O2  ? ? ? 1_555 A G   36 N2    ? ? A C  13  A G   37  1_555 ? ? ? ? ? ? WATSON-CRICK            ? ? 
? 
hydrog32 hydrog ?    ? A U  13 N3  ? ? ? 1_555 A A   35 N1    ? ? A U  14  A A   36  1_555 ? ? ? ? ? ? WATSON-CRICK            ? ? 
? 
hydrog33 hydrog ?    ? A U  13 O4  ? ? ? 1_555 A A   35 N6    ? ? A U  14  A A   36  1_555 ? ? ? ? ? ? WATSON-CRICK            ? ? 
? 
hydrog34 hydrog ?    ? A G  14 N1  ? ? ? 1_555 A C   27 N3    ? ? A G  15  A C   28  1_555 ? ? ? ? ? ? WATSON-CRICK            ? ? 
? 
hydrog35 hydrog ?    ? A G  14 N2  ? ? ? 1_555 A C   27 O2    ? ? A G  15  A C   28  1_555 ? ? ? ? ? ? WATSON-CRICK            ? ? 
? 
hydrog36 hydrog ?    ? A G  14 O6  ? ? ? 1_555 A C   27 N4    ? ? A G  15  A C   28  1_555 ? ? ? ? ? ? WATSON-CRICK            ? ? 
? 
hydrog37 hydrog ?    ? A C  15 N3  ? ? ? 1_555 A G   26 N1    ? ? A C  16  A G   27  1_555 ? ? ? ? ? ? WATSON-CRICK            ? ? 
? 
hydrog38 hydrog ?    ? A C  15 N4  ? ? ? 1_555 A G   26 O6    ? ? A C  16  A G   27  1_555 ? ? ? ? ? ? WATSON-CRICK            ? ? 
? 
hydrog39 hydrog ?    ? A C  15 O2  ? ? ? 1_555 A G   26 N2    ? ? A C  16  A G   27  1_555 ? ? ? ? ? ? WATSON-CRICK            ? ? 
? 
hydrog40 hydrog ?    ? A G  16 N1  ? ? ? 1_555 A C   25 N3    ? ? A G  17  A C   26  1_555 ? ? ? ? ? ? WATSON-CRICK            ? ? 
? 
hydrog41 hydrog ?    ? A G  16 N2  ? ? ? 1_555 A C   25 O2    ? ? A G  17  A C   26  1_555 ? ? ? ? ? ? WATSON-CRICK            ? ? 
? 
hydrog42 hydrog ?    ? A G  16 O6  ? ? ? 1_555 A C   25 N4    ? ? A G  17  A C   26  1_555 ? ? ? ? ? ? WATSON-CRICK            ? ? 
? 
hydrog43 hydrog ?    ? A C  17 N3  ? ? ? 1_555 A G   24 N1    ? ? A C  18  A G   25  1_555 ? ? ? ? ? ? WATSON-CRICK            ? ? 
? 
hydrog44 hydrog ?    ? A C  17 N4  ? ? ? 1_555 A G   24 O6    ? ? A C  18  A G   25  1_555 ? ? ? ? ? ? WATSON-CRICK            ? ? 
? 
hydrog45 hydrog ?    ? A C  17 O2  ? ? ? 1_555 A G   24 N2    ? ? A C  18  A G   25  1_555 ? ? ? ? ? ? WATSON-CRICK            ? ? 
? 
hydrog46 hydrog ?    ? A C  18 N3  ? ? ? 1_555 A G   23 N1    ? ? A C  19  A G   24  1_555 ? ? ? ? ? ? WATSON-CRICK            ? ? 
? 
hydrog47 hydrog ?    ? A C  18 N4  ? ? ? 1_555 A G   23 O6    ? ? A C  19  A G   24  1_555 ? ? ? ? ? ? WATSON-CRICK            ? ? 
? 
hydrog48 hydrog ?    ? A C  18 O2  ? ? ? 1_555 A G   23 N2    ? ? A C  19  A G   24  1_555 ? ? ? ? ? ? WATSON-CRICK            ? ? 
? 
hydrog49 hydrog ?    ? A U  31 N3  ? ? ? 1_555 A U   34 O4    ? ? A U  32  A U   35  1_555 ? ? ? ? ? ? 'U-U MISPAIR'           ? ? 
? 
hydrog50 hydrog ?    ? A C  32 N4  ? ? ? 1_555 A U   39 O4    ? ? A C  33  A U   40  1_555 ? ? ? ? ? ? 'C-U MISPAIR'           ? ? 
? 
hydrog51 hydrog ?    ? A G  33 N2  ? ? ? 1_555 A G   38 N7    ? ? A G  34  A G   39  1_555 ? ? ? ? ? ? 'G-G MISPAIR'           ? ? 
? 
# 
loop_
_struct_conn_type.id 
_struct_conn_type.criteria 
_struct_conn_type.reference 
covale ? ? 
metalc ? ? 
hydrog ? ? 
# 
_atom_sites.entry_id                    7EON 
_atom_sites.Cartn_transf_matrix[1][1]   ? 
_atom_sites.Cartn_transf_matrix[1][2]   ? 
_atom_sites.Cartn_transf_matrix[1][3]   ? 
_atom_sites.Cartn_transf_matrix[2][1]   ? 
_atom_sites.Cartn_transf_matrix[2][2]   ? 
_atom_sites.Cartn_transf_matrix[2][3]   ? 
_atom_sites.Cartn_transf_matrix[3][1]   ? 
_atom_sites.Cartn_transf_matrix[3][2]   ? 
_atom_sites.Cartn_transf_matrix[3][3]   ? 
_atom_sites.Cartn_transf_vector[1]      ? 
_atom_sites.Cartn_transf_vector[2]      ? 
_atom_sites.Cartn_transf_vector[3]      ? 
_atom_sites.fract_transf_matrix[1][1]   -0.01004578 
_atom_sites.fract_transf_matrix[1][2]   0.00028567 
_atom_sites.fract_transf_matrix[1][3]   0.00925584 
_atom_sites.fract_transf_matrix[2][1]   0.01906304 
_atom_sites.fract_transf_matrix[2][2]   -0.00491313 
_atom_sites.fract_transf_matrix[2][3]   0.02084163 
_atom_sites.fract_transf_matrix[3][1]   -0.00741254 
_atom_sites.fract_transf_matrix[3][2]   0.01733315 
_atom_sites.fract_transf_matrix[3][3]   0.01086602 
_atom_sites.fract_transf_vector[1]      0.338091 
_atom_sites.fract_transf_vector[2]      0.537738 
_atom_sites.fract_transf_vector[3]      -0.046808 
_atom_sites.solution_primary            ? 
_atom_sites.solution_secondary          ? 
_atom_sites.solution_hydrogens          ? 
_atom_sites.special_details             ? 
# 
loop_
_atom_type.symbol 
C  
MG 
N  
O  
P  
# 
loop_
_atom_site.group_PDB 
_atom_site.id 
_atom_site.type_symbol 
_atom_site.label_atom_id 
_atom_site.label_alt_id 
_atom_site.label_comp_id 
_atom_site.label_asym_id 
_atom_site.label_entity_id 
_atom_site.label_seq_id 
_atom_site.pdbx_PDB_ins_code 
_atom_site.Cartn_x 
_atom_site.Cartn_y 
_atom_site.Cartn_z 
_atom_site.occupancy 
_atom_site.B_iso_or_equiv 
_atom_site.pdbx_formal_charge 
_atom_site.auth_seq_id 
_atom_site.auth_comp_id 
_atom_site.auth_asym_id 
_atom_site.auth_atom_id 
_atom_site.pdbx_PDB_model_num 
ATOM   1    P  P     . G   A 1 1  ? -13.734 16.286  2.435   1.00 32.66  ? 2   G   A P     1 
ATOM   2    O  OP1   . G   A 1 1  ? -14.724 15.227  2.130   1.00 23.61  ? 2   G   A OP1   1 
ATOM   3    O  OP2   . G   A 1 1  ? -12.338 15.943  2.818   1.00 34.66  ? 2   G   A OP2   1 
ATOM   4    O  "O5'" . G   A 1 1  ? -13.641 17.229  1.158   1.00 28.44  ? 2   G   A "O5'" 1 
ATOM   5    C  "C5'" . G   A 1 1  ? -14.748 17.381  0.284   1.00 24.37  ? 2   G   A "C5'" 1 
ATOM   6    C  "C4'" . G   A 1 1  ? -14.395 18.276  -0.872  1.00 29.49  ? 2   G   A "C4'" 1 
ATOM   7    O  "O4'" . G   A 1 1  ? -13.992 19.574  -0.366  1.00 30.66  ? 2   G   A "O4'" 1 
ATOM   8    C  "C3'" . G   A 1 1  ? -13.208 17.840  -1.714  1.00 26.85  ? 2   G   A "C3'" 1 
ATOM   9    O  "O3'" . G   A 1 1  ? -13.516 16.833  -2.658  1.00 29.92  ? 2   G   A "O3'" 1 
ATOM   10   C  "C2'" . G   A 1 1  ? -12.766 19.147  -2.342  1.00 29.23  ? 2   G   A "C2'" 1 
ATOM   11   O  "O2'" . G   A 1 1  ? -13.668 19.516  -3.379  1.00 30.48  ? 2   G   A "O2'" 1 
ATOM   12   C  "C1'" . G   A 1 1  ? -12.958 20.104  -1.171  1.00 27.75  ? 2   G   A "C1'" 1 
ATOM   13   N  N9    . G   A 1 1  ? -11.741 20.189  -0.342  1.00 28.67  ? 2   G   A N9    1 
ATOM   14   C  C8    . G   A 1 1  ? -11.512 19.482  0.821   1.00 26.27  ? 2   G   A C8    1 
ATOM   15   N  N7    . G   A 1 1  ? -10.347 19.743  1.344   1.00 25.54  ? 2   G   A N7    1 
ATOM   16   C  C5    . G   A 1 1  ? -9.767  20.678  0.481   1.00 28.93  ? 2   G   A C5    1 
ATOM   17   C  C6    . G   A 1 1  ? -8.496  21.339  0.531   1.00 30.89  ? 2   G   A C6    1 
ATOM   18   O  O6    . G   A 1 1  ? -7.594  21.224  1.382   1.00 27.45  ? 2   G   A O6    1 
ATOM   19   N  N1    . G   A 1 1  ? -8.304  22.203  -0.556  1.00 28.35  ? 2   G   A N1    1 
ATOM   20   C  C2    . G   A 1 1  ? -9.216  22.409  -1.560  1.00 25.57  ? 2   G   A C2    1 
ATOM   21   N  N2    . G   A 1 1  ? -8.841  23.285  -2.508  1.00 26.00  ? 2   G   A N2    1 
ATOM   22   N  N3    . G   A 1 1  ? -10.400 21.804  -1.618  1.00 26.08  ? 2   G   A N3    1 
ATOM   23   C  C4    . G   A 1 1  ? -10.615 20.960  -0.574  1.00 26.60  ? 2   G   A C4    1 
ATOM   24   P  P     . C   A 1 2  ? -12.480 15.623  -2.879  1.00 32.81  ? 3   C   A P     1 
ATOM   25   O  OP1   . C   A 1 2  ? -13.120 14.692  -3.836  1.00 29.42  ? 3   C   A OP1   1 
ATOM   26   O  OP2   . C   A 1 2  ? -12.052 15.174  -1.525  1.00 26.52  ? 3   C   A OP2   1 
ATOM   27   O  "O5'" . C   A 1 2  ? -11.229 16.313  -3.582  1.00 27.56  ? 3   C   A "O5'" 1 
ATOM   28   C  "C5'" . C   A 1 2  ? -11.385 16.976  -4.826  1.00 28.46  ? 3   C   A "C5'" 1 
ATOM   29   C  "C4'" . C   A 1 2  ? -10.153 17.759  -5.200  1.00 29.07  ? 3   C   A "C4'" 1 
ATOM   30   O  "O4'" . C   A 1 2  ? -9.971  18.849  -4.262  1.00 26.77  ? 3   C   A "O4'" 1 
ATOM   31   C  "C3'" . C   A 1 2  ? -8.809  17.035  -5.160  1.00 27.64  ? 3   C   A "C3'" 1 
ATOM   32   O  "O3'" . C   A 1 2  ? -8.569  16.155  -6.254  1.00 21.73  ? 3   C   A "O3'" 1 
ATOM   33   C  "C2'" . C   A 1 2  ? -7.839  18.208  -5.082  1.00 26.15  ? 3   C   A "C2'" 1 
ATOM   34   O  "O2'" . C   A 1 2  ? -7.683  18.845  -6.345  1.00 26.22  ? 3   C   A "O2'" 1 
ATOM   35   C  "C1'" . C   A 1 2  ? -8.602  19.153  -4.147  1.00 26.24  ? 3   C   A "C1'" 1 
ATOM   36   N  N1    . C   A 1 2  ? -8.173  18.917  -2.756  1.00 27.30  ? 3   C   A N1    1 
ATOM   37   C  C2    . C   A 1 2  ? -7.052  19.639  -2.352  1.00 28.56  ? 3   C   A C2    1 
ATOM   38   O  O2    . C   A 1 2  ? -6.553  20.439  -3.165  1.00 26.76  ? 3   C   A O2    1 
ATOM   39   N  N3    . C   A 1 2  ? -6.548  19.452  -1.109  1.00 31.42  ? 3   C   A N3    1 
ATOM   40   C  C4    . C   A 1 2  ? -7.131  18.571  -0.300  1.00 30.66  ? 3   C   A C4    1 
ATOM   41   N  N4    . C   A 1 2  ? -6.596  18.431  0.911   1.00 27.65  ? 3   C   A N4    1 
ATOM   42   C  C5    . C   A 1 2  ? -8.279  17.804  -0.695  1.00 28.74  ? 3   C   A C5    1 
ATOM   43   C  C6    . C   A 1 2  ? -8.754  17.992  -1.933  1.00 25.26  ? 3   C   A C6    1 
ATOM   44   P  P     . G   A 1 3  ? -7.527  14.923  -6.122  1.00 27.63  ? 4   G   A P     1 
ATOM   45   O  OP1   . G   A 1 3  ? -7.711  14.080  -7.327  1.00 31.68  ? 4   G   A OP1   1 
ATOM   46   O  OP2   . G   A 1 3  ? -7.643  14.303  -4.773  1.00 30.62  ? 4   G   A OP2   1 
ATOM   47   O  "O5'" . G   A 1 3  ? -6.080  15.581  -6.170  1.00 26.61  ? 4   G   A "O5'" 1 
ATOM   48   C  "C5'" . G   A 1 3  ? -5.696  16.446  -7.225  1.00 25.73  ? 4   G   A "C5'" 1 
ATOM   49   C  "C4'" . G   A 1 3  ? -4.390  17.125  -6.916  1.00 27.42  ? 4   G   A "C4'" 1 
ATOM   50   O  "O4'" . G   A 1 3  ? -4.539  17.948  -5.738  1.00 29.80  ? 4   G   A "O4'" 1 
ATOM   51   C  "C3'" . G   A 1 3  ? -3.222  16.203  -6.586  1.00 30.10  ? 4   G   A "C3'" 1 
ATOM   52   O  "O3'" . G   A 1 3  ? -2.583  15.724  -7.762  1.00 31.81  ? 4   G   A "O3'" 1 
ATOM   53   C  "C2'" . G   A 1 3  ? -2.319  17.087  -5.731  1.00 28.56  ? 4   G   A "C2'" 1 
ATOM   54   O  "O2'" . G   A 1 3  ? -1.502  17.912  -6.545  1.00 31.99  ? 4   G   A "O2'" 1 
ATOM   55   C  "C1'" . G   A 1 3  ? -3.333  17.980  -5.012  1.00 29.20  ? 4   G   A "C1'" 1 
ATOM   56   N  N9    . G   A 1 3  ? -3.596  17.552  -3.622  1.00 29.71  ? 4   G   A N9    1 
ATOM   57   C  C8    . G   A 1 3  ? -4.714  16.913  -3.137  1.00 30.13  ? 4   G   A C8    1 
ATOM   58   N  N7    . G   A 1 3  ? -4.655  16.669  -1.846  1.00 27.70  ? 4   G   A N7    1 
ATOM   59   C  C5    . G   A 1 3  ? -3.418  17.171  -1.463  1.00 27.76  ? 4   G   A C5    1 
ATOM   60   C  C6    . G   A 1 3  ? -2.795  17.202  -0.184  1.00 29.36  ? 4   G   A C6    1 
ATOM   61   O  O6    . G   A 1 3  ? -3.223  16.774  0.890   1.00 29.07  ? 4   G   A O6    1 
ATOM   62   N  N1    . G   A 1 3  ? -1.551  17.812  -0.231  1.00 28.73  ? 4   G   A N1    1 
ATOM   63   C  C2    . G   A 1 3  ? -0.973  18.312  -1.375  1.00 30.51  ? 4   G   A C2    1 
ATOM   64   N  N2    . G   A 1 3  ? 0.241   18.858  -1.232  1.00 28.09  ? 4   G   A N2    1 
ATOM   65   N  N3    . G   A 1 3  ? -1.544  18.293  -2.573  1.00 28.61  ? 4   G   A N3    1 
ATOM   66   C  C4    . G   A 1 3  ? -2.758  17.716  -2.543  1.00 25.41  ? 4   G   A C4    1 
ATOM   67   P  P     . C   A 1 4  ? -1.845  14.297  -7.800  1.00 28.81  ? 5   C   A P     1 
ATOM   68   O  OP1   . C   A 1 4  ? -1.329  14.132  -9.181  1.00 34.88  ? 5   C   A OP1   1 
ATOM   69   O  OP2   . C   A 1 4  ? -2.719  13.257  -7.210  1.00 32.14  ? 5   C   A OP2   1 
ATOM   70   O  "O5'" . C   A 1 4  ? -0.590  14.482  -6.830  1.00 29.32  ? 5   C   A "O5'" 1 
ATOM   71   C  "C5'" . C   A 1 4  ? 0.492   15.312  -7.212  1.00 26.52  ? 5   C   A "C5'" 1 
ATOM   72   C  "C4'" . C   A 1 4  ? 1.476   15.502  -6.085  1.00 30.42  ? 5   C   A "C4'" 1 
ATOM   73   O  "O4'" . C   A 1 4  ? 0.802   16.047  -4.927  1.00 31.95  ? 5   C   A "O4'" 1 
ATOM   74   C  "C3'" . C   A 1 4  ? 2.172   14.253  -5.562  1.00 31.84  ? 5   C   A "C3'" 1 
ATOM   75   O  "O3'" . C   A 1 4  ? 3.304   13.912  -6.351  1.00 33.38  ? 5   C   A "O3'" 1 
ATOM   76   C  "C2'" . C   A 1 4  ? 2.556   14.643  -4.128  1.00 29.59  ? 5   C   A "C2'" 1 
ATOM   77   O  "O2'" . C   A 1 4  ? 3.800   15.331  -4.091  1.00 29.15  ? 5   C   A "O2'" 1 
ATOM   78   C  "C1'" . C   A 1 4  ? 1.465   15.647  -3.753  1.00 26.69  ? 5   C   A "C1'" 1 
ATOM   79   N  N1    . C   A 1 4  ? 0.468   15.133  -2.793  1.00 30.00  ? 5   C   A N1    1 
ATOM   80   C  C2    . C   A 1 4  ? 0.829   14.950  -1.443  1.00 30.88  ? 5   C   A C2    1 
ATOM   81   O  O2    . C   A 1 4  ? 1.994   15.162  -1.076  1.00 24.95  ? 5   C   A O2    1 
ATOM   82   N  N3    . C   A 1 4  ? -0.104  14.513  -0.566  1.00 29.57  ? 5   C   A N3    1 
ATOM   83   C  C4    . C   A 1 4  ? -1.344  14.291  -0.992  1.00 28.22  ? 5   C   A C4    1 
ATOM   84   N  N4    . C   A 1 4  ? -2.238  13.871  -0.096  1.00 27.06  ? 5   C   A N4    1 
ATOM   85   C  C5    . C   A 1 4  ? -1.728  14.485  -2.354  1.00 29.06  ? 5   C   A C5    1 
ATOM   86   C  C6    . C   A 1 4  ? -0.804  14.914  -3.212  1.00 26.14  ? 5   C   A C6    1 
ATOM   87   P  P     . A   A 1 5  ? 3.490   12.457  -7.011  1.00 32.42  ? 6   A   A P     1 
ATOM   88   O  OP1   . A   A 1 5  ? 4.768   12.561  -7.764  1.00 33.98  ? 6   A   A OP1   1 
ATOM   89   O  OP2   . A   A 1 5  ? 2.250   11.981  -7.664  1.00 34.49  ? 6   A   A OP2   1 
ATOM   90   O  "O5'" . A   A 1 5  ? 3.696   11.481  -5.772  1.00 33.40  ? 6   A   A "O5'" 1 
ATOM   91   C  "C5'" . A   A 1 5  ? 4.729   11.705  -4.815  1.00 33.11  ? 6   A   A "C5'" 1 
ATOM   92   C  "C4'" . A   A 1 5  ? 4.439   10.976  -3.526  1.00 30.48  ? 6   A   A "C4'" 1 
ATOM   93   O  "O4'" . A   A 1 5  ? 3.093   11.316  -3.120  1.00 31.18  ? 6   A   A "O4'" 1 
ATOM   94   C  "C3'" . A   A 1 5  ? 4.474   9.455   -3.631  1.00 33.62  ? 6   A   A "C3'" 1 
ATOM   95   O  "O3'" . A   A 1 5  ? 4.820   8.885   -2.370  1.00 35.64  ? 6   A   A "O3'" 1 
ATOM   96   C  "C2'" . A   A 1 5  ? 3.028   9.106   -3.949  1.00 32.62  ? 6   A   A "C2'" 1 
ATOM   97   O  "O2'" . A   A 1 5  ? 2.650   7.805   -3.553  1.00 33.21  ? 6   A   A "O2'" 1 
ATOM   98   C  "C1'" . A   A 1 5  ? 2.261   10.170  -3.164  1.00 33.89  ? 6   A   A "C1'" 1 
ATOM   99   N  N9    . A   A 1 5  ? 1.008   10.562  -3.817  1.00 32.74  ? 6   A   A N9    1 
ATOM   100  C  C8    . A   A 1 5  ? 0.777   10.678  -5.163  1.00 33.41  ? 6   A   A C8    1 
ATOM   101  N  N7    . A   A 1 5  ? -0.453  11.049  -5.455  1.00 37.63  ? 6   A   A N7    1 
ATOM   102  C  C5    . A   A 1 5  ? -1.060  11.180  -4.221  1.00 31.37  ? 6   A   A C5    1 
ATOM   103  C  C6    . A   A 1 5  ? -2.360  11.533  -3.847  1.00 32.38  ? 6   A   A C6    1 
ATOM   104  N  N6    . A   A 1 5  ? -3.335  11.855  -4.699  1.00 28.19  ? 6   A   A N6    1 
ATOM   105  N  N1    . A   A 1 5  ? -2.626  11.551  -2.524  1.00 35.49  ? 6   A   A N1    1 
ATOM   106  C  C2    . A   A 1 5  ? -1.668  11.231  -1.644  1.00 31.81  ? 6   A   A C2    1 
ATOM   107  N  N3    . A   A 1 5  ? -0.407  10.902  -1.882  1.00 32.36  ? 6   A   A N3    1 
ATOM   108  C  C4    . A   A 1 5  ? -0.173  10.883  -3.204  1.00 31.40  ? 6   A   A C4    1 
ATOM   109  P  P     . C   A 1 6  ? 6.356   8.724   -1.946  1.00 28.90  ? 7   C   A P     1 
ATOM   110  O  OP1   . C   A 1 6  ? 7.166   8.682   -3.185  1.00 31.16  ? 7   C   A OP1   1 
ATOM   111  O  OP2   . C   A 1 6  ? 6.430   7.612   -0.977  1.00 27.96  ? 7   C   A OP2   1 
ATOM   112  O  "O5'" . C   A 1 6  ? 6.664   10.077  -1.152  1.00 30.75  ? 7   C   A "O5'" 1 
ATOM   113  C  "C5'" . C   A 1 6  ? 7.953   10.347  -0.620  1.00 28.53  ? 7   C   A "C5'" 1 
ATOM   114  C  "C4'" . C   A 1 6  ? 7.885   10.788  0.829   1.00 33.65  ? 7   C   A "C4'" 1 
ATOM   115  O  "O4'" . C   A 1 6  ? 7.028   11.956  0.968   1.00 31.18  ? 7   C   A "O4'" 1 
ATOM   116  C  "C3'" . C   A 1 6  ? 7.320   9.781   1.823   1.00 32.07  ? 7   C   A "C3'" 1 
ATOM   117  O  "O3'" . C   A 1 6  ? 8.312   8.868   2.260   1.00 32.76  ? 7   C   A "O3'" 1 
ATOM   118  C  "C2'" . C   A 1 6  ? 6.819   10.670  2.951   1.00 31.91  ? 7   C   A "C2'" 1 
ATOM   119  O  "O2'" . C   A 1 6  ? 7.908   11.061  3.781   1.00 29.45  ? 7   C   A "O2'" 1 
ATOM   120  C  "C1'" . C   A 1 6  ? 6.317   11.896  2.183   1.00 29.50  ? 7   C   A "C1'" 1 
ATOM   121  N  N1    . C   A 1 6  ? 4.868   11.808  1.861   1.00 31.81  ? 7   C   A N1    1 
ATOM   122  C  C2    . C   A 1 6  ? 3.909   11.918  2.878   1.00 33.74  ? 7   C   A C2    1 
ATOM   123  O  O2    . C   A 1 6  ? 4.306   12.085  4.047   1.00 30.66  ? 7   C   A O2    1 
ATOM   124  N  N3    . C   A 1 6  ? 2.585   11.824  2.561   1.00 28.42  ? 7   C   A N3    1 
ATOM   125  C  C4    . C   A 1 6  ? 2.209   11.642  1.293   1.00 30.25  ? 7   C   A C4    1 
ATOM   126  N  N4    . C   A 1 6  ? 0.897   11.554  1.005   1.00 30.11  ? 7   C   A N4    1 
ATOM   127  C  C5    . C   A 1 6  ? 3.168   11.548  0.246   1.00 27.09  ? 7   C   A C5    1 
ATOM   128  C  C6    . C   A 1 6  ? 4.457   11.636  0.569   1.00 28.29  ? 7   C   A C6    1 
ATOM   129  P  P     . U   A 1 7  ? 7.929   7.388   2.756   1.00 31.87  ? 8   U   A P     1 
ATOM   130  O  OP1   . U   A 1 7  ? 9.094   6.880   3.536   1.00 33.79  ? 8   U   A OP1   1 
ATOM   131  O  OP2   . U   A 1 7  ? 7.379   6.629   1.606   1.00 34.04  ? 8   U   A OP2   1 
ATOM   132  O  "O5'" . U   A 1 7  ? 6.656   7.570   3.690   1.00 35.34  ? 8   U   A "O5'" 1 
ATOM   133  C  "C5'" . U   A 1 7  ? 6.755   7.892   5.067   1.00 33.70  ? 8   U   A "C5'" 1 
ATOM   134  C  "C4'" . U   A 1 7  ? 5.367   8.029   5.644   1.00 36.09  ? 8   U   A "C4'" 1 
ATOM   135  O  "O4'" . U   A 1 7  ? 4.627   8.996   4.856   1.00 36.77  ? 8   U   A "O4'" 1 
ATOM   136  C  "C3'" . U   A 1 7  ? 4.516   6.771   5.577   1.00 35.66  ? 8   U   A "C3'" 1 
ATOM   137  O  "O3'" . U   A 1 7  ? 4.737   5.899   6.665   1.00 33.55  ? 8   U   A "O3'" 1 
ATOM   138  C  "C2'" . U   A 1 7  ? 3.097   7.306   5.513   1.00 31.71  ? 8   U   A "C2'" 1 
ATOM   139  O  "O2'" . U   A 1 7  ? 2.650   7.675   6.802   1.00 33.35  ? 8   U   A "O2'" 1 
ATOM   140  C  "C1'" . U   A 1 7  ? 3.291   8.568   4.688   1.00 34.89  ? 8   U   A "C1'" 1 
ATOM   141  N  N1    . U   A 1 7  ? 3.059   8.329   3.248   1.00 32.95  ? 8   U   A N1    1 
ATOM   142  C  C2    . U   A 1 7  ? 1.753   8.363   2.822   1.00 33.07  ? 8   U   A C2    1 
ATOM   143  O  O2    . U   A 1 7  ? 0.834   8.562   3.600   1.00 31.33  ? 8   U   A O2    1 
ATOM   144  N  N3    . U   A 1 7  ? 1.569   8.144   1.474   1.00 28.44  ? 8   U   A N3    1 
ATOM   145  C  C4    . U   A 1 7  ? 2.555   7.930   0.542   1.00 32.01  ? 8   U   A C4    1 
ATOM   146  O  O4    . U   A 1 7  ? 2.247   7.755   -0.642  1.00 35.63  ? 8   U   A O4    1 
ATOM   147  C  C5    . U   A 1 7  ? 3.888   7.913   1.070   1.00 34.78  ? 8   U   A C5    1 
ATOM   148  C  C6    . U   A 1 7  ? 4.091   8.108   2.373   1.00 30.50  ? 8   U   A C6    1 
ATOM   149  P  P     . G   A 1 8  ? 5.455   4.502   6.382   1.00 35.41  ? 9   G   A P     1 
ATOM   150  O  OP1   . G   A 1 8  ? 5.421   3.682   7.612   1.00 30.91  ? 9   G   A OP1   1 
ATOM   151  O  OP2   . G   A 1 8  ? 6.740   4.784   5.689   1.00 33.28  ? 9   G   A OP2   1 
ATOM   152  O  "O5'" . G   A 1 8  ? 4.494   3.833   5.314   1.00 38.78  ? 9   G   A "O5'" 1 
ATOM   153  C  "C5'" . G   A 1 8  ? 3.167   3.480   5.671   1.00 30.84  ? 9   G   A "C5'" 1 
ATOM   154  C  "C4'" . G   A 1 8  ? 2.514   2.754   4.535   1.00 36.69  ? 9   G   A "C4'" 1 
ATOM   155  O  "O4'" . G   A 1 8  ? 2.578   3.607   3.356   1.00 35.84  ? 9   G   A "O4'" 1 
ATOM   156  C  "C3'" . G   A 1 8  ? 3.189   1.429   4.143   1.00 33.93  ? 9   G   A "C3'" 1 
ATOM   157  O  "O3'" . G   A 1 8  ? 2.206   0.469   3.751   1.00 34.53  ? 9   G   A "O3'" 1 
ATOM   158  C  "C2'" . G   A 1 8  ? 4.004   1.812   2.915   1.00 35.20  ? 9   G   A "C2'" 1 
ATOM   159  O  "O2'" . G   A 1 8  ? 4.258   0.737   2.029   1.00 38.50  ? 9   G   A "O2'" 1 
ATOM   160  C  "C1'" . G   A 1 8  ? 3.103   2.857   2.280   1.00 34.15  ? 9   G   A "C1'" 1 
ATOM   161  N  N9    . G   A 1 8  ? 3.769   3.720   1.298   1.00 28.86  ? 9   G   A N9    1 
ATOM   162  C  C8    . G   A 1 8  ? 4.978   4.350   1.364   1.00 31.86  ? 9   G   A C8    1 
ATOM   163  N  N7    . G   A 1 8  ? 5.267   5.011   0.271   1.00 31.22  ? 9   G   A N7    1 
ATOM   164  C  C5    . G   A 1 8  ? 4.201   4.787   -0.569  1.00 30.65  ? 9   G   A C5    1 
ATOM   165  C  C6    . G   A 1 8  ? 3.954   5.237   -1.886  1.00 30.05  ? 9   G   A C6    1 
ATOM   166  O  O6    . G   A 1 8  ? 4.665   5.959   -2.602  1.00 32.02  ? 9   G   A O6    1 
ATOM   167  N  N1    . G   A 1 8  ? 2.726   4.775   -2.357  1.00 28.39  ? 9   G   A N1    1 
ATOM   168  C  C2    . G   A 1 8  ? 1.852   3.973   -1.655  1.00 31.04  ? 9   G   A C2    1 
ATOM   169  N  N2    . G   A 1 8  ? 0.708   3.614   -2.270  1.00 27.82  ? 9   G   A N2    1 
ATOM   170  N  N3    . G   A 1 8  ? 2.088   3.547   -0.427  1.00 31.57  ? 9   G   A N3    1 
ATOM   171  C  C4    . G   A 1 8  ? 3.266   3.994   0.051   1.00 30.28  ? 9   G   A C4    1 
ATOM   172  P  P     . G   A 1 9  ? 2.155   -1.001  4.413   1.00 29.56  ? 10  G   A P     1 
ATOM   173  O  OP1   . G   A 1 9  ? 3.346   -1.244  5.262   1.00 35.65  ? 10  G   A OP1   1 
ATOM   174  O  OP2   . G   A 1 9  ? 1.872   -1.992  3.343   1.00 40.00  ? 10  G   A OP2   1 
ATOM   175  O  "O5'" . G   A 1 9  ? 0.895   -0.893  5.375   1.00 37.33  ? 10  G   A "O5'" 1 
ATOM   176  C  "C5'" . G   A 1 9  ? 0.900   0.026   6.457   1.00 32.98  ? 10  G   A "C5'" 1 
ATOM   177  C  "C4'" . G   A 1 9  ? -0.430  0.718   6.590   1.00 35.44  ? 10  G   A "C4'" 1 
ATOM   178  O  "O4'" . G   A 1 9  ? -0.528  1.790   5.619   1.00 36.97  ? 10  G   A "O4'" 1 
ATOM   179  C  "C3'" . G   A 1 9  ? -1.647  -0.145  6.302   1.00 39.69  ? 10  G   A "C3'" 1 
ATOM   180  O  "O3'" . G   A 1 9  ? -2.012  -0.977  7.388   1.00 36.95  ? 10  G   A "O3'" 1 
ATOM   181  C  "C2'" . G   A 1 9  ? -2.707  0.883   5.933   1.00 35.47  ? 10  G   A "C2'" 1 
ATOM   182  O  "O2'" . G   A 1 9  ? -3.259  1.469   7.095   1.00 35.89  ? 10  G   A "O2'" 1 
ATOM   183  C  "C1'" . G   A 1 9  ? -1.877  1.942   5.209   1.00 37.15  ? 10  G   A "C1'" 1 
ATOM   184  N  N9    . G   A 1 9  ? -1.968  1.804   3.742   1.00 37.59  ? 10  G   A N9    1 
ATOM   185  C  C8    . G   A 1 9  ? -0.966  1.423   2.883   1.00 36.03  ? 10  G   A C8    1 
ATOM   186  N  N7    . G   A 1 9  ? -1.339  1.404   1.635   1.00 34.27  ? 10  G   A N7    1 
ATOM   187  C  C5    . G   A 1 9  ? -2.670  1.782   1.664   1.00 33.65  ? 10  G   A C5    1 
ATOM   188  C  C6    . G   A 1 9  ? -3.591  1.928   0.595   1.00 37.14  ? 10  G   A C6    1 
ATOM   189  O  O6    . G   A 1 9  ? -3.395  1.739   -0.614  1.00 32.24  ? 10  G   A O6    1 
ATOM   190  N  N1    . G   A 1 9  ? -4.840  2.334   1.056   1.00 35.62  ? 10  G   A N1    1 
ATOM   191  C  C2    . G   A 1 9  ? -5.142  2.565   2.376   1.00 34.75  ? 10  G   A C2    1 
ATOM   192  N  N2    . G   A 1 9  ? -6.398  2.945   2.621   1.00 36.00  ? 10  G   A N2    1 
ATOM   193  N  N3    . G   A 1 9  ? -4.292  2.433   3.381   1.00 34.34  ? 10  G   A N3    1 
ATOM   194  C  C4    . G   A 1 9  ? -3.078  2.034   2.956   1.00 36.02  ? 10  G   A C4    1 
ATOM   195  P  P     . C   A 1 10 ? -2.583  -2.453  7.114   1.00 43.58  ? 11  C   A P     1 
ATOM   196  O  OP1   . C   A 1 10 ? -2.864  -3.035  8.445   1.00 48.34  ? 11  C   A OP1   1 
ATOM   197  O  OP2   . C   A 1 10 ? -1.665  -3.194  6.208   1.00 39.24  ? 11  C   A OP2   1 
ATOM   198  O  "O5'" . C   A 1 10 ? -3.956  -2.196  6.337   1.00 40.48  ? 11  C   A "O5'" 1 
ATOM   199  C  "C5'" . C   A 1 10 ? -5.005  -1.457  6.950   1.00 40.47  ? 11  C   A "C5'" 1 
ATOM   200  C  "C4'" . C   A 1 10 ? -6.117  -1.140  5.982   1.00 39.41  ? 11  C   A "C4'" 1 
ATOM   201  O  "O4'" . C   A 1 10 ? -5.673  -0.210  4.953   1.00 35.22  ? 11  C   A "O4'" 1 
ATOM   202  C  "C3'" . C   A 1 10 ? -6.658  -2.315  5.197   1.00 41.72  ? 11  C   A "C3'" 1 
ATOM   203  O  "O3'" . C   A 1 10 ? -7.544  -3.106  5.964   1.00 45.11  ? 11  C   A "O3'" 1 
ATOM   204  C  "C2'" . C   A 1 10 ? -7.321  -1.630  4.014   1.00 39.86  ? 11  C   A "C2'" 1 
ATOM   205  O  "O2'" . C   A 1 10 ? -8.553  -1.046  4.414   1.00 42.48  ? 11  C   A "O2'" 1 
ATOM   206  C  "C1'" . C   A 1 10 ? -6.338  -0.493  3.742   1.00 38.59  ? 11  C   A "C1'" 1 
ATOM   207  N  N1    . C   A 1 10 ? -5.339  -0.860  2.711   1.00 38.55  ? 11  C   A N1    1 
ATOM   208  C  C2    . C   A 1 10 ? -5.715  -0.789  1.365   1.00 37.21  ? 11  C   A C2    1 
ATOM   209  O  O2    . C   A 1 10 ? -6.868  -0.425  1.082   1.00 38.00  ? 11  C   A O2    1 
ATOM   210  N  N3    . C   A 1 10 ? -4.822  -1.117  0.399   1.00 35.60  ? 11  C   A N3    1 
ATOM   211  C  C4    . C   A 1 10 ? -3.590  -1.507  0.734   1.00 38.33  ? 11  C   A C4    1 
ATOM   212  N  N4    . C   A 1 10 ? -2.739  -1.822  -0.256  1.00 30.95  ? 11  C   A N4    1 
ATOM   213  C  C5    . C   A 1 10 ? -3.182  -1.595  2.104   1.00 35.60  ? 11  C   A C5    1 
ATOM   214  C  C6    . C   A 1 10 ? -4.075  -1.267  3.046   1.00 37.23  ? 11  C   A C6    1 
ATOM   215  P  P     . G   A 1 11 ? -7.735  -4.664  5.636   1.00 40.98  ? 12  G   A P     1 
ATOM   216  O  OP1   . G   A 1 11 ? -8.554  -5.223  6.742   1.00 48.62  ? 12  G   A OP1   1 
ATOM   217  O  OP2   . G   A 1 11 ? -6.423  -5.259  5.274   1.00 44.68  ? 12  G   A OP2   1 
ATOM   218  O  "O5'" . G   A 1 11 ? -8.647  -4.668  4.343   1.00 41.82  ? 12  G   A "O5'" 1 
ATOM   219  C  "C5'" . G   A 1 11 ? -9.884  -3.980  4.348   1.00 45.64  ? 12  G   A "C5'" 1 
ATOM   220  C  "C4'" . G   A 1 11 ? -10.564 -4.140  3.025   1.00 48.20  ? 12  G   A "C4'" 1 
ATOM   221  O  "O4'" . G   A 1 11 ? -9.923  -3.293  2.041   1.00 46.11  ? 12  G   A "O4'" 1 
ATOM   222  C  "C3'" . G   A 1 11 ? -10.452 -5.533  2.441   1.00 45.17  ? 12  G   A "C3'" 1 
ATOM   223  O  "O3'" . G   A 1 11 ? -11.400 -6.418  2.994   1.00 48.30  ? 12  G   A "O3'" 1 
ATOM   224  C  "C2'" . G   A 1 11 ? -10.611 -5.288  0.949   1.00 44.74  ? 12  G   A "C2'" 1 
ATOM   225  O  "O2'" . G   A 1 11 ? -11.979 -5.110  0.611   1.00 49.50  ? 12  G   A "O2'" 1 
ATOM   226  C  "C1'" . G   A 1 11 ? -9.894  -3.948  0.792   1.00 45.47  ? 12  G   A "C1'" 1 
ATOM   227  N  N9    . G   A 1 11 ? -8.487  -4.116  0.406   1.00 41.23  ? 12  G   A N9    1 
ATOM   228  C  C8    . G   A 1 11 ? -7.402  -4.137  1.246   1.00 41.27  ? 12  G   A C8    1 
ATOM   229  N  N7    . G   A 1 11 ? -6.285  -4.303  0.596   1.00 40.30  ? 12  G   A N7    1 
ATOM   230  C  C5    . G   A 1 11 ? -6.662  -4.396  -0.742  1.00 36.33  ? 12  G   A C5    1 
ATOM   231  C  C6    . G   A 1 11 ? -5.882  -4.575  -1.917  1.00 39.48  ? 12  G   A C6    1 
ATOM   232  O  O6    . G   A 1 11 ? -4.647  -4.697  -2.031  1.00 35.53  ? 12  G   A O6    1 
ATOM   233  N  N1    . G   A 1 11 ? -6.693  -4.612  -3.050  1.00 39.83  ? 12  G   A N1    1 
ATOM   234  C  C2    . G   A 1 11 ? -8.059  -4.492  -3.045  1.00 36.86  ? 12  G   A C2    1 
ATOM   235  N  N2    . G   A 1 11 ? -8.655  -4.551  -4.236  1.00 35.23  ? 12  G   A N2    1 
ATOM   236  N  N3    . G   A 1 11 ? -8.788  -4.319  -1.967  1.00 36.61  ? 12  G   A N3    1 
ATOM   237  C  C4    . G   A 1 11 ? -8.024  -4.286  -0.866  1.00 36.33  ? 12  G   A C4    1 
ATOM   238  P  P     . C   A 1 12 ? -11.216 -7.988  2.771   1.00 51.43  ? 13  C   A P     1 
ATOM   239  O  OP1   . C   A 1 12 ? -12.184 -8.738  3.610   1.00 54.97  ? 13  C   A OP1   1 
ATOM   240  O  OP2   . C   A 1 12 ? -9.767  -8.293  2.820   1.00 49.21  ? 13  C   A OP2   1 
ATOM   241  O  "O5'" . C   A 1 12 ? -11.692 -8.162  1.275   1.00 53.50  ? 13  C   A "O5'" 1 
ATOM   242  C  "C5'" . C   A 1 12 ? -11.210 -9.233  0.513   1.00 48.12  ? 13  C   A "C5'" 1 
ATOM   243  C  "C4'" . C   A 1 12 ? -11.303 -8.945  -0.953  1.00 50.29  ? 13  C   A "C4'" 1 
ATOM   244  O  "O4'" . C   A 1 12 ? -10.558 -7.738  -1.276  1.00 46.46  ? 13  C   A "O4'" 1 
ATOM   245  C  "C3'" . C   A 1 12 ? -10.677 -10.026 -1.803  1.00 46.69  ? 13  C   A "C3'" 1 
ATOM   246  O  "O3'" . C   A 1 12 ? -11.599 -11.064 -2.049  1.00 50.70  ? 13  C   A "O3'" 1 
ATOM   247  C  "C2'" . C   A 1 12 ? -10.228 -9.276  -3.043  1.00 47.12  ? 13  C   A "C2'" 1 
ATOM   248  O  "O2'" . C   A 1 12 ? -11.327 -9.053  -3.909  1.00 52.00  ? 13  C   A "O2'" 1 
ATOM   249  C  "C1'" . C   A 1 12 ? -9.801  -7.938  -2.447  1.00 41.81  ? 13  C   A "C1'" 1 
ATOM   250  N  N1    . C   A 1 12 ? -8.377  -7.928  -2.048  1.00 42.63  ? 13  C   A N1    1 
ATOM   251  C  C2    . C   A 1 12 ? -7.349  -8.030  -2.987  1.00 40.08  ? 13  C   A C2    1 
ATOM   252  O  O2    . C   A 1 12 ? -7.609  -8.155  -4.200  1.00 45.23  ? 13  C   A O2    1 
ATOM   253  N  N3    . C   A 1 12 ? -6.075  -8.005  -2.550  1.00 38.23  ? 13  C   A N3    1 
ATOM   254  C  C4    . C   A 1 12 ? -5.790  -7.877  -1.254  1.00 43.20  ? 13  C   A C4    1 
ATOM   255  N  N4    . C   A 1 12 ? -4.503  -7.857  -0.897  1.00 38.96  ? 13  C   A N4    1 
ATOM   256  C  C5    . C   A 1 12 ? -6.813  -7.764  -0.271  1.00 44.34  ? 13  C   A C5    1 
ATOM   257  C  C6    . C   A 1 12 ? -8.076  -7.789  -0.718  1.00 45.46  ? 13  C   A C6    1 
ATOM   258  P  P     . U   A 1 13 ? -11.369 -12.504 -1.389  1.00 56.75  ? 14  U   A P     1 
ATOM   259  O  OP1   . U   A 1 13 ? -12.674 -13.205 -1.343  1.00 54.55  ? 14  U   A OP1   1 
ATOM   260  O  OP2   . U   A 1 13 ? -10.575 -12.323 -0.147  1.00 56.68  ? 14  U   A OP2   1 
ATOM   261  O  "O5'" . U   A 1 13 ? -10.447 -13.233 -2.456  1.00 50.17  ? 14  U   A "O5'" 1 
ATOM   262  C  "C5'" . U   A 1 13 ? -10.693 -13.055 -3.840  1.00 52.04  ? 14  U   A "C5'" 1 
ATOM   263  C  "C4'" . U   A 1 13 ? -9.467  -13.379 -4.644  1.00 55.56  ? 14  U   A "C4'" 1 
ATOM   264  O  "O4'" . U   A 1 13 ? -8.557  -12.248 -4.649  1.00 56.25  ? 14  U   A "O4'" 1 
ATOM   265  C  "C3'" . U   A 1 13 ? -8.625  -14.518 -4.106  1.00 56.19  ? 14  U   A "C3'" 1 
ATOM   266  O  "O3'" . U   A 1 13 ? -9.158  -15.788 -4.426  1.00 56.78  ? 14  U   A "O3'" 1 
ATOM   267  C  "C2'" . U   A 1 13 ? -7.267  -14.242 -4.734  1.00 51.07  ? 14  U   A "C2'" 1 
ATOM   268  O  "O2'" . U   A 1 13 ? -7.273  -14.649 -6.090  1.00 54.57  ? 14  U   A "O2'" 1 
ATOM   269  C  "C1'" . U   A 1 13 ? -7.223  -12.713 -4.691  1.00 51.51  ? 14  U   A "C1'" 1 
ATOM   270  N  N1    . U   A 1 13 ? -6.514  -12.217 -3.493  1.00 50.26  ? 14  U   A N1    1 
ATOM   271  C  C2    . U   A 1 13 ? -5.128  -12.160 -3.551  1.00 51.01  ? 14  U   A C2    1 
ATOM   272  O  O2    . U   A 1 13 ? -4.490  -12.487 -4.543  1.00 48.69  ? 14  U   A O2    1 
ATOM   273  N  N3    . U   A 1 13 ? -4.528  -11.702 -2.408  1.00 44.40  ? 14  U   A N3    1 
ATOM   274  C  C4    . U   A 1 13 ? -5.171  -11.309 -1.243  1.00 50.38  ? 14  U   A C4    1 
ATOM   275  O  O4    . U   A 1 13 ? -4.508  -10.914 -0.281  1.00 55.42  ? 14  U   A O4    1 
ATOM   276  C  C5    . U   A 1 13 ? -6.595  -11.403 -1.267  1.00 45.51  ? 14  U   A C5    1 
ATOM   277  C  C6    . U   A 1 13 ? -7.205  -11.842 -2.369  1.00 45.61  ? 14  U   A C6    1 
ATOM   278  P  P     . G   A 1 14 ? -8.600  -17.102 -3.696  1.00 58.56  ? 15  G   A P     1 
ATOM   279  O  OP1   . G   A 1 14 ? -9.631  -18.163 -3.872  1.00 52.98  ? 15  G   A OP1   1 
ATOM   280  O  OP2   . G   A 1 14 ? -8.074  -16.742 -2.348  1.00 52.63  ? 15  G   A OP2   1 
ATOM   281  O  "O5'" . G   A 1 14 ? -7.354  -17.510 -4.591  1.00 63.83  ? 15  G   A "O5'" 1 
ATOM   282  C  "C5'" . G   A 1 14 ? -6.083  -17.768 -4.015  1.00 59.19  ? 15  G   A "C5'" 1 
ATOM   283  C  "C4'" . G   A 1 14 ? -5.003  -17.658 -5.060  1.00 62.03  ? 15  G   A "C4'" 1 
ATOM   284  O  "O4'" . G   A 1 14 ? -4.675  -16.257 -5.279  1.00 61.82  ? 15  G   A "O4'" 1 
ATOM   285  C  "C3'" . G   A 1 14 ? -3.663  -18.297 -4.729  1.00 60.93  ? 15  G   A "C3'" 1 
ATOM   286  O  "O3'" . G   A 1 14 ? -3.651  -19.704 -4.911  1.00 62.53  ? 15  G   A "O3'" 1 
ATOM   287  C  "C2'" . G   A 1 14 ? -2.720  -17.541 -5.654  1.00 60.97  ? 15  G   A "C2'" 1 
ATOM   288  O  "O2'" . G   A 1 14 ? -2.877  -17.992 -6.997  1.00 58.52  ? 15  G   A "O2'" 1 
ATOM   289  C  "C1'" . G   A 1 14 ? -3.295  -16.127 -5.551  1.00 55.79  ? 15  G   A "C1'" 1 
ATOM   290  N  N9    . G   A 1 14 ? -2.676  -15.360 -4.449  1.00 53.71  ? 15  G   A N9    1 
ATOM   291  C  C8    . G   A 1 14 ? -3.251  -14.957 -3.265  1.00 49.28  ? 15  G   A C8    1 
ATOM   292  N  N7    . G   A 1 14 ? -2.428  -14.293 -2.491  1.00 46.81  ? 15  G   A N7    1 
ATOM   293  C  C5    . G   A 1 14 ? -1.242  -14.248 -3.210  1.00 45.12  ? 15  G   A C5    1 
ATOM   294  C  C6    . G   A 1 14 ? 0.014   -13.668 -2.899  1.00 44.56  ? 15  G   A C6    1 
ATOM   295  O  O6    . G   A 1 14 ? 0.353   -13.044 -1.889  1.00 45.93  ? 15  G   A O6    1 
ATOM   296  N  N1    . G   A 1 14 ? 0.937   -13.870 -3.919  1.00 48.05  ? 15  G   A N1    1 
ATOM   297  C  C2    . G   A 1 14 ? 0.693   -14.548 -5.092  1.00 48.88  ? 15  G   A C2    1 
ATOM   298  N  N2    . G   A 1 14 ? 1.700   -14.646 -5.973  1.00 45.83  ? 15  G   A N2    1 
ATOM   299  N  N3    . G   A 1 14 ? -0.469  -15.090 -5.388  1.00 48.09  ? 15  G   A N3    1 
ATOM   300  C  C4    . G   A 1 14 ? -1.380  -14.906 -4.414  1.00 49.92  ? 15  G   A C4    1 
ATOM   301  P  P     . C   A 1 15 ? -2.881  -20.649 -3.861  1.00 65.06  ? 16  C   A P     1 
ATOM   302  O  OP1   . C   A 1 15 ? -3.401  -22.029 -4.021  1.00 74.70  ? 16  C   A OP1   1 
ATOM   303  O  OP2   . C   A 1 15 ? -2.953  -20.021 -2.513  1.00 62.45  ? 16  C   A OP2   1 
ATOM   304  O  "O5'" . C   A 1 15 ? -1.363  -20.610 -4.358  1.00 71.13  ? 16  C   A "O5'" 1 
ATOM   305  C  "C5'" . C   A 1 15 ? -1.031  -20.640 -5.743  1.00 66.51  ? 16  C   A "C5'" 1 
ATOM   306  C  "C4'" . C   A 1 15 ? 0.400   -20.210 -5.991  1.00 70.81  ? 16  C   A "C4'" 1 
ATOM   307  O  "O4'" . C   A 1 15 ? 0.531   -18.781 -5.786  1.00 66.18  ? 16  C   A "O4'" 1 
ATOM   308  C  "C3'" . C   A 1 15 ? 1.452   -20.819 -5.075  1.00 68.67  ? 16  C   A "C3'" 1 
ATOM   309  O  "O3'" . C   A 1 15 ? 1.860   -22.107 -5.498  1.00 77.30  ? 16  C   A "O3'" 1 
ATOM   310  C  "C2'" . C   A 1 15 ? 2.579   -19.794 -5.117  1.00 67.26  ? 16  C   A "C2'" 1 
ATOM   311  O  "O2'" . C   A 1 15 ? 3.362   -19.951 -6.295  1.00 72.92  ? 16  C   A "O2'" 1 
ATOM   312  C  "C1'" . C   A 1 15 ? 1.798   -18.484 -5.235  1.00 64.93  ? 16  C   A "C1'" 1 
ATOM   313  N  N1    . C   A 1 15 ? 1.605   -17.783 -3.939  1.00 59.58  ? 16  C   A N1    1 
ATOM   314  C  C2    . C   A 1 15 ? 2.706   -17.210 -3.284  1.00 56.29  ? 16  C   A C2    1 
ATOM   315  O  O2    . C   A 1 15 ? 3.839   -17.329 -3.792  1.00 55.81  ? 16  C   A O2    1 
ATOM   316  N  N3    . C   A 1 15 ? 2.506   -16.551 -2.108  1.00 51.25  ? 16  C   A N3    1 
ATOM   317  C  C4    . C   A 1 15 ? 1.285   -16.439 -1.585  1.00 49.26  ? 16  C   A C4    1 
ATOM   318  N  N4    . C   A 1 15 ? 1.146   -15.781 -0.433  1.00 47.33  ? 16  C   A N4    1 
ATOM   319  C  C5    . C   A 1 15 ? 0.150   -17.006 -2.230  1.00 53.98  ? 16  C   A C5    1 
ATOM   320  C  C6    . C   A 1 15 ? 0.352   -17.651 -3.392  1.00 56.28  ? 16  C   A C6    1 
ATOM   321  P  P     . G   A 1 16 ? 2.442   -23.160 -4.435  1.00 83.66  ? 17  G   A P     1 
ATOM   322  O  OP1   . G   A 1 16 ? 2.494   -24.475 -5.129  1.00 86.24  ? 17  G   A OP1   1 
ATOM   323  O  OP2   . G   A 1 16 ? 1.692   -23.037 -3.153  1.00 65.13  ? 17  G   A OP2   1 
ATOM   324  O  "O5'" . G   A 1 16 ? 3.938   -22.668 -4.186  1.00 76.10  ? 17  G   A "O5'" 1 
ATOM   325  C  "C5'" . G   A 1 16 ? 4.684   -23.181 -3.092  1.00 76.02  ? 17  G   A "C5'" 1 
ATOM   326  C  "C4'" . G   A 1 16 ? 6.026   -22.510 -2.958  1.00 74.57  ? 17  G   A "C4'" 1 
ATOM   327  O  "O4'" . G   A 1 16 ? 5.892   -21.083 -3.214  1.00 71.34  ? 17  G   A "O4'" 1 
ATOM   328  C  "C3'" . G   A 1 16 ? 6.634   -22.571 -1.566  1.00 76.54  ? 17  G   A "C3'" 1 
ATOM   329  O  "O3'" . G   A 1 16 ? 7.245   -23.805 -1.241  1.00 80.73  ? 17  G   A "O3'" 1 
ATOM   330  C  "C2'" . G   A 1 16 ? 7.560   -21.367 -1.561  1.00 72.68  ? 17  G   A "C2'" 1 
ATOM   331  O  "O2'" . G   A 1 16 ? 8.720   -21.619 -2.340  1.00 71.21  ? 17  G   A "O2'" 1 
ATOM   332  C  "C1'" . G   A 1 16 ? 6.681   -20.354 -2.293  1.00 68.12  ? 17  G   A "C1'" 1 
ATOM   333  N  N9    . G   A 1 16 ? 5.768   -19.699 -1.335  1.00 58.48  ? 17  G   A N9    1 
ATOM   334  C  C8    . G   A 1 16 ? 4.435   -19.977 -1.148  1.00 57.58  ? 17  G   A C8    1 
ATOM   335  N  N7    . G   A 1 16 ? 3.887   -19.266 -0.205  1.00 54.57  ? 17  G   A N7    1 
ATOM   336  C  C5    . G   A 1 16 ? 4.925   -18.478 0.275   1.00 56.39  ? 17  G   A C5    1 
ATOM   337  C  C6    . G   A 1 16 ? 4.932   -17.503 1.306   1.00 52.48  ? 17  G   A C6    1 
ATOM   338  O  O6    . G   A 1 16 ? 3.997   -17.131 2.019   1.00 52.05  ? 17  G   A O6    1 
ATOM   339  N  N1    . G   A 1 16 ? 6.189   -16.938 1.477   1.00 48.79  ? 17  G   A N1    1 
ATOM   340  C  C2    . G   A 1 16 ? 7.301   -17.270 0.747   1.00 53.06  ? 17  G   A C2    1 
ATOM   341  N  N2    . G   A 1 16 ? 8.420   -16.602 1.069   1.00 49.64  ? 17  G   A N2    1 
ATOM   342  N  N3    . G   A 1 16 ? 7.314   -18.176 -0.224  1.00 53.77  ? 17  G   A N3    1 
ATOM   343  C  C4    . G   A 1 16 ? 6.098   -18.739 -0.405  1.00 56.34  ? 17  G   A C4    1 
ATOM   344  P  P     . C   A 1 17 ? 6.848   -24.507 0.152   1.00 90.58  ? 18  C   A P     1 
ATOM   345  O  OP1   . C   A 1 17 ? 7.259   -25.930 0.126   1.00 88.49  ? 18  C   A OP1   1 
ATOM   346  O  OP2   . C   A 1 17 ? 5.432   -24.136 0.437   1.00 84.01  ? 18  C   A OP2   1 
ATOM   347  O  "O5'" . C   A 1 17 ? 7.749   -23.761 1.232   1.00 82.38  ? 18  C   A "O5'" 1 
ATOM   348  C  "C5'" . C   A 1 17 ? 9.147   -23.614 1.045   1.00 77.35  ? 18  C   A "C5'" 1 
ATOM   349  C  "C4'" . C   A 1 17 ? 9.713   -22.598 2.001   1.00 77.10  ? 18  C   A "C4'" 1 
ATOM   350  O  "O4'" . C   A 1 17 ? 9.122   -21.293 1.738   1.00 74.02  ? 18  C   A "O4'" 1 
ATOM   351  C  "C3'" . C   A 1 17 ? 9.425   -22.834 3.479   1.00 77.24  ? 18  C   A "C3'" 1 
ATOM   352  O  "O3'" . C   A 1 17 ? 10.265  -23.813 4.079   1.00 74.39  ? 18  C   A "O3'" 1 
ATOM   353  C  "C2'" . C   A 1 17 ? 9.592   -21.438 4.062   1.00 71.96  ? 18  C   A "C2'" 1 
ATOM   354  O  "O2'" . C   A 1 17 ? 10.971  -21.119 4.191   1.00 65.01  ? 18  C   A "O2'" 1 
ATOM   355  C  "C1'" . C   A 1 17 ? 8.989   -20.575 2.950   1.00 67.31  ? 18  C   A "C1'" 1 
ATOM   356  N  N1    . C   A 1 17 ? 7.552   -20.288 3.188   1.00 64.30  ? 18  C   A N1    1 
ATOM   357  C  C2    . C   A 1 17 ? 7.192   -19.320 4.146   1.00 65.67  ? 18  C   A C2    1 
ATOM   358  O  O2    . C   A 1 17 ? 8.078   -18.717 4.772   1.00 63.57  ? 18  C   A O2    1 
ATOM   359  N  N3    . C   A 1 17 ? 5.878   -19.059 4.378   1.00 63.97  ? 18  C   A N3    1 
ATOM   360  C  C4    . C   A 1 17 ? 4.933   -19.715 3.691   1.00 66.76  ? 18  C   A C4    1 
ATOM   361  N  N4    . C   A 1 17 ? 3.652   -19.420 3.952   1.00 60.18  ? 18  C   A N4    1 
ATOM   362  C  C5    . C   A 1 17 ? 5.266   -20.704 2.713   1.00 62.82  ? 18  C   A C5    1 
ATOM   363  C  C6    . C   A 1 17 ? 6.568   -20.952 2.499   1.00 65.07  ? 18  C   A C6    1 
ATOM   364  P  P     . C   A 1 18 ? 9.747   -24.662 5.348   1.00 79.10  ? 19  C   A P     1 
ATOM   365  O  OP1   . C   A 1 18 ? 10.848  -25.571 5.760   1.00 83.29  ? 19  C   A OP1   1 
ATOM   366  O  OP2   . C   A 1 18 ? 8.395   -25.205 5.055   1.00 71.91  ? 19  C   A OP2   1 
ATOM   367  O  "O5'" . C   A 1 18 ? 9.607   -23.584 6.511   1.00 76.16  ? 19  C   A "O5'" 1 
ATOM   368  C  "C5'" . C   A 1 18 ? 10.758  -22.928 7.016   1.00 71.54  ? 19  C   A "C5'" 1 
ATOM   369  C  "C4'" . C   A 1 18 ? 10.397  -21.719 7.837   1.00 73.93  ? 19  C   A "C4'" 1 
ATOM   370  O  "O4'" . C   A 1 18 ? 9.547   -20.818 7.077   1.00 75.05  ? 19  C   A "O4'" 1 
ATOM   371  C  "C3'" . C   A 1 18 ? 9.594   -21.975 9.098   1.00 76.46  ? 19  C   A "C3'" 1 
ATOM   372  O  "O3'" . C   A 1 18 ? 10.366  -22.495 10.164  1.00 78.82  ? 19  C   A "O3'" 1 
ATOM   373  C  "C2'" . C   A 1 18 ? 9.008   -20.599 9.379   1.00 77.70  ? 19  C   A "C2'" 1 
ATOM   374  O  "O2'" . C   A 1 18 ? 9.985   -19.736 9.946   1.00 73.58  ? 19  C   A "O2'" 1 
ATOM   375  C  "C1'" . C   A 1 18 ? 8.692   -20.117 7.961   1.00 73.51  ? 19  C   A "C1'" 1 
ATOM   376  N  N1    . C   A 1 18 ? 7.277   -20.370 7.595   1.00 71.70  ? 19  C   A N1    1 
ATOM   377  C  C2    . C   A 1 18 ? 6.299   -19.593 8.225   1.00 72.57  ? 19  C   A C2    1 
ATOM   378  O  O2    . C   A 1 18 ? 6.646   -18.727 9.044   1.00 72.24  ? 19  C   A O2    1 
ATOM   379  N  N3    . C   A 1 18 ? 4.994   -19.789 7.926   1.00 73.46  ? 19  C   A N3    1 
ATOM   380  C  C4    . C   A 1 18 ? 4.644   -20.719 7.041   1.00 75.62  ? 19  C   A C4    1 
ATOM   381  N  N4    . C   A 1 18 ? 3.337   -20.864 6.791   1.00 76.28  ? 19  C   A N4    1 
ATOM   382  C  C5    . C   A 1 18 ? 5.618   -21.535 6.384   1.00 72.05  ? 19  C   A C5    1 
ATOM   383  C  C6    . C   A 1 18 ? 6.909   -21.330 6.690   1.00 71.22  ? 19  C   A C6    1 
ATOM   384  P  P     . U   A 1 19 ? 9.754   -23.639 11.110  1.00 75.75  ? 20  U   A P     1 
ATOM   385  O  OP1   . U   A 1 19 ? 10.794  -23.997 12.105  1.00 76.19  ? 20  U   A OP1   1 
ATOM   386  O  OP2   . U   A 1 19 ? 9.141   -24.689 10.252  1.00 75.13  ? 20  U   A OP2   1 
ATOM   387  O  "O5'" . U   A 1 19 ? 8.562   -22.912 11.879  1.00 83.59  ? 20  U   A "O5'" 1 
ATOM   388  C  "C5'" . U   A 1 19 ? 8.765   -21.715 12.620  1.00 82.97  ? 20  U   A "C5'" 1 
ATOM   389  C  "C4'" . U   A 1 19 ? 7.447   -21.049 12.913  1.00 87.88  ? 20  U   A "C4'" 1 
ATOM   390  O  "O4'" . U   A 1 19 ? 6.812   -20.669 11.661  1.00 87.66  ? 20  U   A "O4'" 1 
ATOM   391  C  "C3'" . U   A 1 19 ? 6.426   -21.947 13.590  1.00 96.26  ? 20  U   A "C3'" 1 
ATOM   392  O  "O3'" . U   A 1 19 ? 6.609   -22.044 14.994  1.00 106.67 ? 20  U   A "O3'" 1 
ATOM   393  C  "C2'" . U   A 1 19 ? 5.092   -21.350 13.150  1.00 92.89  ? 20  U   A "C2'" 1 
ATOM   394  O  "O2'" . U   A 1 19 ? 4.768   -20.194 13.905  1.00 92.73  ? 20  U   A "O2'" 1 
ATOM   395  C  "C1'" . U   A 1 19 ? 5.421   -20.914 11.722  1.00 88.65  ? 20  U   A "C1'" 1 
ATOM   396  N  N1    . U   A 1 19 ? 5.079   -21.943 10.703  1.00 84.98  ? 20  U   A N1    1 
ATOM   397  C  C2    . U   A 1 19 ? 3.744   -22.175 10.391  1.00 87.23  ? 20  U   A C2    1 
ATOM   398  O  O2    . U   A 1 19 ? 2.813   -21.588 10.931  1.00 88.12  ? 20  U   A O2    1 
ATOM   399  N  N3    . U   A 1 19 ? 3.536   -23.139 9.421   1.00 85.51  ? 20  U   A N3    1 
ATOM   400  C  C4    . U   A 1 19 ? 4.488   -23.875 8.734   1.00 79.87  ? 20  U   A C4    1 
ATOM   401  O  O4    . U   A 1 19 ? 4.133   -24.704 7.886   1.00 70.55  ? 20  U   A O4    1 
ATOM   402  C  C5    . U   A 1 19 ? 5.838   -23.572 9.108   1.00 79.75  ? 20  U   A C5    1 
ATOM   403  C  C6    . U   A 1 19 ? 6.075   -22.642 10.045  1.00 80.59  ? 20  U   A C6    1 
ATOM   404  P  P     . U   A 1 20 ? 6.842   -23.489 15.664  1.00 109.38 ? 21  U   A P     1 
ATOM   405  O  OP1   . U   A 1 20 ? 6.996   -23.309 17.133  1.00 108.16 ? 21  U   A OP1   1 
ATOM   406  O  OP2   . U   A 1 20 ? 7.918   -24.184 14.910  1.00 102.85 ? 21  U   A OP2   1 
ATOM   407  O  "O5'" . U   A 1 20 ? 5.482   -24.251 15.332  1.00 115.18 ? 21  U   A "O5'" 1 
ATOM   408  C  "C5'" . U   A 1 20 ? 5.368   -25.666 15.402  1.00 113.60 ? 21  U   A "C5'" 1 
ATOM   409  C  "C4'" . U   A 1 20 ? 4.218   -26.035 16.298  1.00 116.93 ? 21  U   A "C4'" 1 
ATOM   410  O  "O4'" . U   A 1 20 ? 4.688   -25.977 17.672  1.00 117.14 ? 21  U   A "O4'" 1 
ATOM   411  C  "C3'" . U   A 1 20 ? 3.053   -25.050 16.240  1.00 119.16 ? 21  U   A "C3'" 1 
ATOM   412  O  "O3'" . U   A 1 20 ? 2.096   -25.321 15.221  1.00 120.39 ? 21  U   A "O3'" 1 
ATOM   413  C  "C2'" . U   A 1 20 ? 2.502   -25.069 17.663  1.00 118.70 ? 21  U   A "C2'" 1 
ATOM   414  O  "O2'" . U   A 1 20 ? 1.660   -26.196 17.869  1.00 118.62 ? 21  U   A "O2'" 1 
ATOM   415  C  "C1'" . U   A 1 20 ? 3.783   -25.257 18.478  1.00 118.24 ? 21  U   A "C1'" 1 
ATOM   416  N  N1    . U   A 1 20 ? 4.439   -23.968 18.843  1.00 117.38 ? 21  U   A N1    1 
ATOM   417  C  C2    . U   A 1 20 ? 5.354   -24.000 19.886  1.00 115.58 ? 21  U   A C2    1 
ATOM   418  O  O2    . U   A 1 20 ? 5.638   -25.024 20.490  1.00 111.65 ? 21  U   A O2    1 
ATOM   419  N  N3    . U   A 1 20 ? 5.947   -22.793 20.189  1.00 112.37 ? 21  U   A N3    1 
ATOM   420  C  C4    . U   A 1 20 ? 5.725   -21.570 19.586  1.00 108.92 ? 21  U   A C4    1 
ATOM   421  O  O4    . U   A 1 20 ? 6.333   -20.571 19.974  1.00 102.54 ? 21  U   A O4    1 
ATOM   422  C  C5    . U   A 1 20 ? 4.767   -21.605 18.527  1.00 112.57 ? 21  U   A C5    1 
ATOM   423  C  C6    . U   A 1 20 ? 4.179   -22.764 18.210  1.00 115.26 ? 21  U   A C6    1 
ATOM   424  P  P     . C   A 1 21 ? 1.747   -24.200 14.111  1.00 120.83 ? 22  C   A P     1 
ATOM   425  O  OP1   . C   A 1 21 ? 0.844   -24.796 13.090  1.00 118.38 ? 22  C   A OP1   1 
ATOM   426  O  OP2   . C   A 1 21 ? 3.026   -23.598 13.667  1.00 109.09 ? 22  C   A OP2   1 
ATOM   427  O  "O5'" . C   A 1 21 ? 0.918   -23.094 14.911  1.00 116.70 ? 22  C   A "O5'" 1 
ATOM   428  C  "C5'" . C   A 1 21 ? 1.578   -22.070 15.643  1.00 113.73 ? 22  C   A "C5'" 1 
ATOM   429  C  "C4'" . C   A 1 21 ? 0.615   -21.269 16.484  1.00 115.25 ? 22  C   A "C4'" 1 
ATOM   430  O  "O4'" . C   A 1 21 ? 0.108   -22.063 17.588  1.00 115.56 ? 22  C   A "O4'" 1 
ATOM   431  C  "C3'" . C   A 1 21 ? 1.198   -20.041 17.161  1.00 115.71 ? 22  C   A "C3'" 1 
ATOM   432  O  "O3'" . C   A 1 21 ? 1.324   -18.941 16.279  1.00 117.18 ? 22  C   A "O3'" 1 
ATOM   433  C  "C2'" . C   A 1 21 ? 0.215   -19.792 18.296  1.00 114.10 ? 22  C   A "C2'" 1 
ATOM   434  O  "O2'" . C   A 1 21 ? -0.945  -19.126 17.822  1.00 114.31 ? 22  C   A "O2'" 1 
ATOM   435  C  "C1'" . C   A 1 21 ? -0.181  -21.217 18.688  1.00 114.40 ? 22  C   A "C1'" 1 
ATOM   436  N  N1    . C   A 1 21 ? 0.527   -21.700 19.900  1.00 109.89 ? 22  C   A N1    1 
ATOM   437  C  C2    . C   A 1 21 ? 0.434   -20.997 21.116  1.00 110.89 ? 22  C   A C2    1 
ATOM   438  O  O2    . C   A 1 21 ? -0.227  -19.947 21.204  1.00 107.39 ? 22  C   A O2    1 
ATOM   439  N  N3    . C   A 1 21 ? 1.088   -21.473 22.202  1.00 111.61 ? 22  C   A N3    1 
ATOM   440  C  C4    . C   A 1 21 ? 1.801   -22.597 22.133  1.00 110.26 ? 22  C   A C4    1 
ATOM   441  N  N4    . C   A 1 21 ? 2.424   -23.024 23.234  1.00 102.09 ? 22  C   A N4    1 
ATOM   442  C  C5    . C   A 1 21 ? 1.903   -23.333 20.923  1.00 111.96 ? 22  C   A C5    1 
ATOM   443  C  C6    . C   A 1 21 ? 1.252   -22.854 19.855  1.00 111.68 ? 22  C   A C6    1 
ATOM   444  P  P     . G   A 1 22 ? 2.546   -17.903 16.417  1.00 122.66 ? 23  G   A P     1 
ATOM   445  O  OP1   . G   A 1 22 ? 2.767   -17.308 15.072  1.00 113.33 ? 23  G   A OP1   1 
ATOM   446  O  OP2   . G   A 1 22 ? 3.677   -18.607 17.083  1.00 111.42 ? 23  G   A OP2   1 
ATOM   447  O  "O5'" . G   A 1 22 ? 1.998   -16.751 17.384  1.00 116.85 ? 23  G   A "O5'" 1 
ATOM   448  C  "C5'" . G   A 1 22 ? 0.605   -16.439 17.499  1.00 113.60 ? 23  G   A "C5'" 1 
ATOM   449  C  "C4'" . G   A 1 22 ? 0.017   -15.918 16.209  1.00 113.45 ? 23  G   A "C4'" 1 
ATOM   450  O  "O4'" . G   A 1 22 ? -0.091  -17.012 15.250  1.00 116.16 ? 23  G   A "O4'" 1 
ATOM   451  C  "C3'" . G   A 1 22 ? -1.383  -15.314 16.306  1.00 114.57 ? 23  G   A "C3'" 1 
ATOM   452  O  "O3'" . G   A 1 22 ? -1.446  -14.302 15.288  1.00 116.37 ? 23  G   A "O3'" 1 
ATOM   453  C  "C2'" . G   A 1 22 ? -2.260  -16.525 15.983  1.00 116.21 ? 23  G   A "C2'" 1 
ATOM   454  O  "O2'" . G   A 1 22 ? -3.598  -16.264 15.610  1.00 116.31 ? 23  G   A "O2'" 1 
ATOM   455  C  "C1'" . G   A 1 22 ? -1.447  -17.188 14.872  1.00 117.32 ? 23  G   A "C1'" 1 
ATOM   456  N  N9    . G   A 1 22 ? -1.686  -18.628 14.655  1.00 118.25 ? 23  G   A N9    1 
ATOM   457  C  C8    . G   A 1 22 ? -1.036  -19.344 13.674  1.00 116.18 ? 23  G   A C8    1 
ATOM   458  N  N7    . G   A 1 22 ? -1.359  -20.607 13.628  1.00 118.90 ? 23  G   A N7    1 
ATOM   459  C  C5    . G   A 1 22 ? -2.285  -20.758 14.650  1.00 120.01 ? 23  G   A C5    1 
ATOM   460  C  C6    . G   A 1 22 ? -2.980  -21.927 15.068  1.00 117.95 ? 23  G   A C6    1 
ATOM   461  O  O6    . G   A 1 22 ? -2.910  -23.073 14.604  1.00 115.23 ? 23  G   A O6    1 
ATOM   462  N  N1    . G   A 1 22 ? -3.830  -21.666 16.140  1.00 118.53 ? 23  G   A N1    1 
ATOM   463  C  C2    . G   A 1 22 ? -3.992  -20.437 16.734  1.00 117.52 ? 23  G   A C2    1 
ATOM   464  N  N2    . G   A 1 22 ? -4.860  -20.376 17.758  1.00 109.29 ? 23  G   A N2    1 
ATOM   465  N  N3    . G   A 1 22 ? -3.348  -19.345 16.351  1.00 118.98 ? 23  G   A N3    1 
ATOM   466  C  C4    . G   A 1 22 ? -2.502  -19.555 15.308  1.00 120.46 ? 23  G   A C4    1 
ATOM   467  P  P     . G   A 1 23 ? -2.805  -13.725 14.634  1.00 120.11 ? 24  G   A P     1 
ATOM   468  O  OP1   . G   A 1 23 ? -3.687  -13.249 15.732  1.00 119.55 ? 24  G   A OP1   1 
ATOM   469  O  OP2   . G   A 1 23 ? -3.317  -14.715 13.646  1.00 113.17 ? 24  G   A OP2   1 
ATOM   470  O  "O5'" . G   A 1 23 ? -2.314  -12.457 13.789  1.00 109.99 ? 24  G   A "O5'" 1 
ATOM   471  C  "C5'" . G   A 1 23 ? -1.561  -12.595 12.582  1.00 104.65 ? 24  G   A "C5'" 1 
ATOM   472  C  "C4'" . G   A 1 23 ? -0.166  -13.119 12.846  1.00 102.78 ? 24  G   A "C4'" 1 
ATOM   473  O  "O4'" . G   A 1 23 ? -0.204  -14.562 12.956  1.00 105.91 ? 24  G   A "O4'" 1 
ATOM   474  C  "C3'" . G   A 1 23 ? 0.902   -12.870 11.787  1.00 95.54  ? 24  G   A "C3'" 1 
ATOM   475  O  "O3'" . G   A 1 23 ? 1.454   -11.559 11.843  1.00 91.59  ? 24  G   A "O3'" 1 
ATOM   476  C  "C2'" . G   A 1 23 ? 1.932   -13.953 12.100  1.00 94.56  ? 24  G   A "C2'" 1 
ATOM   477  O  "O2'" . G   A 1 23 ? 2.789   -13.536 13.150  1.00 97.34  ? 24  G   A "O2'" 1 
ATOM   478  C  "C1'" . G   A 1 23 ? 1.061   -15.093 12.634  1.00 101.25 ? 24  G   A "C1'" 1 
ATOM   479  N  N9    . G   A 1 23 ? 0.926   -16.222 11.696  1.00 95.50  ? 24  G   A N9    1 
ATOM   480  C  C8    . G   A 1 23 ? -0.209  -16.809 11.187  1.00 98.32  ? 24  G   A C8    1 
ATOM   481  N  N7    . G   A 1 23 ? 0.054   -17.817 10.395  1.00 95.77  ? 24  G   A N7    1 
ATOM   482  C  C5    . G   A 1 23 ? 1.443   -17.904 10.394  1.00 91.45  ? 24  G   A C5    1 
ATOM   483  C  C6    . G   A 1 23 ? 2.326   -18.794 9.725   1.00 84.01  ? 24  G   A C6    1 
ATOM   484  O  O6    . G   A 1 23 ? 2.045   -19.727 8.964   1.00 83.00  ? 24  G   A O6    1 
ATOM   485  N  N1    . G   A 1 23 ? 3.661   -18.514 10.016  1.00 81.46  ? 24  G   A N1    1 
ATOM   486  C  C2    . G   A 1 23 ? 4.098   -17.504 10.843  1.00 86.45  ? 24  G   A C2    1 
ATOM   487  N  N2    . G   A 1 23 ? 5.423   -17.367 11.014  1.00 79.83  ? 24  G   A N2    1 
ATOM   488  N  N3    . G   A 1 23 ? 3.286   -16.675 11.469  1.00 89.17  ? 24  G   A N3    1 
ATOM   489  C  C4    . G   A 1 23 ? 1.988   -16.930 11.201  1.00 91.05  ? 24  G   A C4    1 
ATOM   490  P  P     . G   A 1 24 ? 1.830   -10.767 10.490  1.00 86.43  ? 25  G   A P     1 
ATOM   491  O  OP1   . G   A 1 24 ? 1.288   -9.383  10.591  1.00 82.66  ? 25  G   A OP1   1 
ATOM   492  O  OP2   . G   A 1 24 ? 1.412   -11.646 9.366   1.00 89.32  ? 25  G   A OP2   1 
ATOM   493  O  "O5'" . G   A 1 24 ? 3.429   -10.668 10.492  1.00 82.03  ? 25  G   A "O5'" 1 
ATOM   494  C  "C5'" . G   A 1 24 ? 4.200   -11.604 11.226  1.00 82.20  ? 25  G   A "C5'" 1 
ATOM   495  C  "C4'" . G   A 1 24 ? 5.629   -11.759 10.759  1.00 77.49  ? 25  G   A "C4'" 1 
ATOM   496  O  "O4'" . G   A 1 24 ? 6.035   -13.128 11.067  1.00 79.70  ? 25  G   A "O4'" 1 
ATOM   497  C  "C3'" . G   A 1 24 ? 5.924   -11.631 9.265   1.00 71.69  ? 25  G   A "C3'" 1 
ATOM   498  O  "O3'" . G   A 1 24 ? 5.975   -10.294 8.756   1.00 72.18  ? 25  G   A "O3'" 1 
ATOM   499  C  "C2'" . G   A 1 24 ? 7.182   -12.478 9.131   1.00 71.24  ? 25  G   A "C2'" 1 
ATOM   500  O  "O2'" . G   A 1 24 ? 8.285   -11.860 9.781   1.00 67.88  ? 25  G   A "O2'" 1 
ATOM   501  C  "C1'" . G   A 1 24 ? 6.780   -13.660 9.992   1.00 74.72  ? 25  G   A "C1'" 1 
ATOM   502  N  N9    . G   A 1 24 ? 5.884   -14.545 9.230   1.00 73.10  ? 25  G   A N9    1 
ATOM   503  C  C8    . G   A 1 24 ? 4.513   -14.613 9.324   1.00 75.69  ? 25  G   A C8    1 
ATOM   504  N  N7    . G   A 1 24 ? 3.989   -15.469 8.493   1.00 78.03  ? 25  G   A N7    1 
ATOM   505  C  C5    . G   A 1 24 ? 5.073   -15.990 7.799   1.00 71.84  ? 25  G   A C5    1 
ATOM   506  C  C6    . G   A 1 24 ? 5.125   -16.961 6.769   1.00 66.68  ? 25  G   A C6    1 
ATOM   507  O  O6    . G   A 1 24 ? 4.191   -17.581 6.248   1.00 70.30  ? 25  G   A O6    1 
ATOM   508  N  N1    . G   A 1 24 ? 6.431   -17.193 6.350   1.00 65.68  ? 25  G   A N1    1 
ATOM   509  C  C2    . G   A 1 24 ? 7.548   -16.575 6.857   1.00 63.83  ? 25  G   A C2    1 
ATOM   510  N  N2    . G   A 1 24 ? 8.724   -16.931 6.322   1.00 62.50  ? 25  G   A N2    1 
ATOM   511  N  N3    . G   A 1 24 ? 7.513   -15.663 7.815   1.00 70.16  ? 25  G   A N3    1 
ATOM   512  C  C4    . G   A 1 24 ? 6.252   -15.422 8.238   1.00 72.99  ? 25  G   A C4    1 
ATOM   513  P  P     . C   A 1 25 ? 7.343   -9.521  8.377   1.00 70.78  ? 26  C   A P     1 
ATOM   514  O  OP1   . C   A 1 25 ? 8.231   -9.504  9.568   1.00 70.82  ? 26  C   A OP1   1 
ATOM   515  O  OP2   . C   A 1 25 ? 6.976   -8.224  7.770   1.00 59.51  ? 26  C   A OP2   1 
ATOM   516  O  "O5'" . C   A 1 25 ? 8.031   -10.402 7.239   1.00 61.84  ? 26  C   A "O5'" 1 
ATOM   517  C  "C5'" . C   A 1 25 ? 9.438   -10.590 7.259   1.00 62.54  ? 26  C   A "C5'" 1 
ATOM   518  C  "C4'" . C   A 1 25 ? 9.922   -11.636 6.283   1.00 58.29  ? 26  C   A "C4'" 1 
ATOM   519  O  "O4'" . C   A 1 25 ? 9.268   -12.918 6.479   1.00 59.64  ? 26  C   A "O4'" 1 
ATOM   520  C  "C3'" . C   A 1 25 ? 9.688   -11.369 4.818   1.00 53.00  ? 26  C   A "C3'" 1 
ATOM   521  O  "O3'" . C   A 1 25 ? 10.483  -10.332 4.289   1.00 53.49  ? 26  C   A "O3'" 1 
ATOM   522  C  "C2'" . C   A 1 25 ? 9.955   -12.739 4.214   1.00 55.76  ? 26  C   A "C2'" 1 
ATOM   523  O  "O2'" . C   A 1 25 ? 11.348  -13.024 4.217   1.00 55.91  ? 26  C   A "O2'" 1 
ATOM   524  C  "C1'" . C   A 1 25 ? 9.289   -13.637 5.255   1.00 55.94  ? 26  C   A "C1'" 1 
ATOM   525  N  N1    . C   A 1 25 ? 7.915   -13.989 4.838   1.00 53.74  ? 26  C   A N1    1 
ATOM   526  C  C2    . C   A 1 25 ? 7.781   -15.102 4.013   1.00 56.23  ? 26  C   A C2    1 
ATOM   527  O  O2    . C   A 1 25 ? 8.801   -15.735 3.712   1.00 60.20  ? 26  C   A O2    1 
ATOM   528  N  N3    . C   A 1 25 ? 6.560   -15.478 3.578   1.00 56.47  ? 26  C   A N3    1 
ATOM   529  C  C4    . C   A 1 25 ? 5.493   -14.774 3.928   1.00 55.13  ? 26  C   A C4    1 
ATOM   530  N  N4    . C   A 1 25 ? 4.310   -15.185 3.475   1.00 52.88  ? 26  C   A N4    1 
ATOM   531  C  C5    . C   A 1 25 ? 5.596   -13.622 4.757   1.00 60.33  ? 26  C   A C5    1 
ATOM   532  C  C6    . C   A 1 25 ? 6.815   -13.260 5.185   1.00 59.63  ? 26  C   A C6    1 
ATOM   533  P  P     . G   A 1 26 ? 9.853   -9.431  3.127   1.00 55.59  ? 27  G   A P     1 
ATOM   534  O  OP1   . G   A 1 26 ? 10.749  -8.261  2.905   1.00 52.61  ? 27  G   A OP1   1 
ATOM   535  O  OP2   . G   A 1 26 ? 8.414   -9.257  3.459   1.00 51.35  ? 27  G   A OP2   1 
ATOM   536  O  "O5'" . G   A 1 26 ? 9.916   -10.374 1.842   1.00 48.64  ? 27  G   A "O5'" 1 
ATOM   537  C  "C5'" . G   A 1 26 ? 11.158  -10.874 1.381   1.00 44.08  ? 27  G   A "C5'" 1 
ATOM   538  C  "C4'" . G   A 1 26 ? 10.985  -11.938 0.329   1.00 43.03  ? 27  G   A "C4'" 1 
ATOM   539  O  "O4'" . G   A 1 26 ? 10.198  -13.042 0.849   1.00 43.07  ? 27  G   A "O4'" 1 
ATOM   540  C  "C3'" . G   A 1 26 ? 10.244  -11.534 -0.930  1.00 40.58  ? 27  G   A "C3'" 1 
ATOM   541  O  "O3'" . G   A 1 26 ? 11.045  -10.773 -1.822  1.00 39.57  ? 27  G   A "O3'" 1 
ATOM   542  C  "C2'" . G   A 1 26 ? 9.801   -12.887 -1.484  1.00 39.89  ? 27  G   A "C2'" 1 
ATOM   543  O  "O2'" . G   A 1 26 ? 10.887  -13.555 -2.109  1.00 34.27  ? 27  G   A "O2'" 1 
ATOM   544  C  "C1'" . G   A 1 26 ? 9.467   -13.641 -0.199  1.00 36.87  ? 27  G   A "C1'" 1 
ATOM   545  N  N9    . G   A 1 26 ? 8.030   -13.584 0.126   1.00 46.74  ? 27  G   A N9    1 
ATOM   546  C  C8    . G   A 1 26 ? 7.409   -12.849 1.111   1.00 46.18  ? 27  G   A C8    1 
ATOM   547  N  N7    . G   A 1 26 ? 6.119   -13.019 1.141   1.00 43.88  ? 27  G   A N7    1 
ATOM   548  C  C5    . G   A 1 26 ? 5.869   -13.924 0.119   1.00 44.80  ? 27  G   A C5    1 
ATOM   549  C  C6    . G   A 1 26 ? 4.650   -14.494 -0.334  1.00 47.73  ? 27  G   A C6    1 
ATOM   550  O  O6    . G   A 1 26 ? 3.491   -14.316 0.077   1.00 49.73  ? 27  G   A O6    1 
ATOM   551  N  N1    . G   A 1 26 ? 4.868   -15.361 -1.395  1.00 45.11  ? 27  G   A N1    1 
ATOM   552  C  C2    . G   A 1 26 ? 6.080   -15.647 -1.955  1.00 45.01  ? 27  G   A C2    1 
ATOM   553  N  N2    . G   A 1 26 ? 6.055   -16.509 -2.980  1.00 48.22  ? 27  G   A N2    1 
ATOM   554  N  N3    . G   A 1 26 ? 7.224   -15.127 -1.546  1.00 44.50  ? 27  G   A N3    1 
ATOM   555  C  C4    . G   A 1 26 ? 7.038   -14.279 -0.515  1.00 45.50  ? 27  G   A C4    1 
ATOM   556  P  P     . C   A 1 27 ? 10.367  -9.743  -2.859  1.00 35.39  ? 28  C   A P     1 
ATOM   557  O  OP1   . C   A 1 27 ? 11.460  -9.128  -3.655  1.00 35.06  ? 28  C   A OP1   1 
ATOM   558  O  OP2   . C   A 1 27 ? 9.423   -8.870  -2.108  1.00 45.39  ? 28  C   A OP2   1 
ATOM   559  O  "O5'" . C   A 1 27 ? 9.508   -10.669 -3.812  1.00 38.51  ? 28  C   A "O5'" 1 
ATOM   560  C  "C5'" . C   A 1 27 ? 10.134  -11.586 -4.696  1.00 35.58  ? 28  C   A "C5'" 1 
ATOM   561  C  "C4'" . C   A 1 27 ? 9.107   -12.375 -5.457  1.00 35.50  ? 28  C   A "C4'" 1 
ATOM   562  O  "O4'" . C   A 1 27 ? 8.244   -13.076 -4.529  1.00 37.76  ? 28  C   A "O4'" 1 
ATOM   563  C  "C3'" . C   A 1 27 ? 8.146   -11.563 -6.307  1.00 36.96  ? 28  C   A "C3'" 1 
ATOM   564  O  "O3'" . C   A 1 27 ? 8.728   -11.208 -7.546  1.00 38.62  ? 28  C   A "O3'" 1 
ATOM   565  C  "C2'" . C   A 1 27 ? 6.946   -12.500 -6.446  1.00 35.29  ? 28  C   A "C2'" 1 
ATOM   566  O  "O2'" . C   A 1 27 ? 7.169   -13.441 -7.479  1.00 33.26  ? 28  C   A "O2'" 1 
ATOM   567  C  "C1'" . C   A 1 27 ? 6.967   -13.251 -5.106  1.00 38.24  ? 28  C   A "C1'" 1 
ATOM   568  N  N1    . C   A 1 27 ? 5.928   -12.792 -4.151  1.00 41.33  ? 28  C   A N1    1 
ATOM   569  C  C2    . C   A 1 27 ? 4.601   -13.192 -4.364  1.00 44.59  ? 28  C   A C2    1 
ATOM   570  O  O2    . C   A 1 27 ? 4.346   -13.893 -5.361  1.00 44.23  ? 28  C   A O2    1 
ATOM   571  N  N3    . C   A 1 27 ? 3.627   -12.791 -3.502  1.00 45.77  ? 28  C   A N3    1 
ATOM   572  C  C4    . C   A 1 27 ? 3.936   -12.032 -2.447  1.00 43.96  ? 28  C   A C4    1 
ATOM   573  N  N4    . C   A 1 27 ? 2.952   -11.669 -1.621  1.00 36.53  ? 28  C   A N4    1 
ATOM   574  C  C5    . C   A 1 27 ? 5.280   -11.625 -2.197  1.00 42.47  ? 28  C   A C5    1 
ATOM   575  C  C6    . C   A 1 27 ? 6.235   -12.029 -3.058  1.00 41.47  ? 28  C   A C6    1 
ATOM   576  P  P     . C   A 1 28 ? 8.630   -9.716  -8.125  1.00 35.42  ? 29  C   A P     1 
ATOM   577  O  OP1   . C   A 1 28 ? 8.780   -8.714  -7.046  1.00 34.08  ? 29  C   A OP1   1 
ATOM   578  O  OP2   . C   A 1 28 ? 7.451   -9.663  -9.012  1.00 37.65  ? 29  C   A OP2   1 
ATOM   579  O  "O5'" . C   A 1 28 ? 9.909   -9.609  -9.061  1.00 31.00  ? 29  C   A "O5'" 1 
ATOM   580  C  "C5'" . C   A 1 28 ? 11.193  -9.906  -8.555  1.00 27.82  ? 29  C   A "C5'" 1 
ATOM   581  C  "C4'" . C   A 1 28 ? 12.275  -9.485  -9.515  1.00 30.06  ? 29  C   A "C4'" 1 
ATOM   582  O  "O4'" . C   A 1 28 ? 12.217  -10.292 -10.728 1.00 31.64  ? 29  C   A "O4'" 1 
ATOM   583  C  "C3'" . C   A 1 28 ? 12.210  -8.053  -10.019 1.00 29.50  ? 29  C   A "C3'" 1 
ATOM   584  O  "O3'" . C   A 1 28 ? 12.732  -7.118  -9.083  1.00 31.57  ? 29  C   A "O3'" 1 
ATOM   585  C  "C2'" . C   A 1 28 ? 13.006  -8.130  -11.321 1.00 29.89  ? 29  C   A "C2'" 1 
ATOM   586  O  "O2'" . C   A 1 28 ? 14.397  -8.152  -11.056 1.00 34.12  ? 29  C   A "O2'" 1 
ATOM   587  C  "C1'" . C   A 1 28 ? 12.612  -9.515  -11.839 1.00 31.52  ? 29  C   A "C1'" 1 
ATOM   588  N  N1    . C   A 1 28 ? 11.489  -9.449  -12.802 1.00 30.89  ? 29  C   A N1    1 
ATOM   589  C  C2    . C   A 1 28 ? 11.723  -8.952  -14.087 1.00 27.15  ? 29  C   A C2    1 
ATOM   590  O  O2    . C   A 1 28 ? 12.860  -8.579  -14.428 1.00 32.99  ? 29  C   A O2    1 
ATOM   591  N  N3    . C   A 1 28 ? 10.703  -8.892  -14.957 1.00 31.51  ? 29  C   A N3    1 
ATOM   592  C  C4    . C   A 1 28 ? 9.483   -9.296  -14.598 1.00 34.06  ? 29  C   A C4    1 
ATOM   593  N  N4    . C   A 1 28 ? 8.513   -9.206  -15.518 1.00 35.10  ? 29  C   A N4    1 
ATOM   594  C  C5    . C   A 1 28 ? 9.208   -9.804  -13.294 1.00 32.33  ? 29  C   A C5    1 
ATOM   595  C  C6    . C   A 1 28 ? 10.239  -9.865  -12.434 1.00 33.58  ? 29  C   A C6    1 
ATOM   596  P  P     . A   A 1 29 ? 12.150  -5.615  -8.969  1.00 31.57  ? 30  A   A P     1 
ATOM   597  O  OP1   . A   A 1 29 ? 12.992  -4.877  -7.999  1.00 32.40  ? 30  A   A OP1   1 
ATOM   598  O  OP2   . A   A 1 29 ? 10.682  -5.649  -8.758  1.00 28.87  ? 30  A   A OP2   1 
ATOM   599  O  "O5'" . A   A 1 29 ? 12.477  -4.981  -10.384 1.00 30.27  ? 30  A   A "O5'" 1 
ATOM   600  C  "C5'" . A   A 1 29 ? 13.822  -4.770  -10.778 1.00 29.27  ? 30  A   A "C5'" 1 
ATOM   601  C  "C4'" . A   A 1 29 ? 13.897  -4.254  -12.188 1.00 31.26  ? 30  A   A "C4'" 1 
ATOM   602  O  "O4'" . A   A 1 29 ? 13.504  -5.300  -13.118 1.00 33.08  ? 30  A   A "O4'" 1 
ATOM   603  C  "C3'" . A   A 1 29 ? 12.955  -3.112  -12.528 1.00 29.91  ? 30  A   A "C3'" 1 
ATOM   604  O  "O3'" . A   A 1 29 ? 13.393  -1.847  -12.070 1.00 32.13  ? 30  A   A "O3'" 1 
ATOM   605  C  "C2'" . A   A 1 29 ? 12.872  -3.221  -14.036 1.00 28.31  ? 30  A   A "C2'" 1 
ATOM   606  O  "O2'" . A   A 1 29 ? 14.079  -2.760  -14.617 1.00 30.08  ? 30  A   A "O2'" 1 
ATOM   607  C  "C1'" . A   A 1 29 ? 12.800  -4.732  -14.202 1.00 29.20  ? 30  A   A "C1'" 1 
ATOM   608  N  N9    . A   A 1 29 ? 11.402  -5.173  -14.093 1.00 31.62  ? 30  A   A N9    1 
ATOM   609  C  C8    . A   A 1 29 ? 10.812  -5.791  -13.031 1.00 28.22  ? 30  A   A C8    1 
ATOM   610  N  N7    . A   A 1 29 ? 9.543   -6.040  -13.217 1.00 29.27  ? 30  A   A N7    1 
ATOM   611  C  C5    . A   A 1 29 ? 9.283   -5.549  -14.478 1.00 31.24  ? 30  A   A C5    1 
ATOM   612  C  C6    . A   A 1 29 ? 8.109   -5.521  -15.243 1.00 33.00  ? 30  A   A C6    1 
ATOM   613  N  N6    . A   A 1 29 ? 6.935   -6.017  -14.816 1.00 29.48  ? 30  A   A N6    1 
ATOM   614  N  N1    . A   A 1 29 ? 8.204   -4.947  -16.461 1.00 30.88  ? 30  A   A N1    1 
ATOM   615  C  C2    . A   A 1 29 ? 9.373   -4.445  -16.874 1.00 27.30  ? 30  A   A C2    1 
ATOM   616  N  N3    . A   A 1 29 ? 10.548  -4.424  -16.249 1.00 30.47  ? 30  A   A N3    1 
ATOM   617  C  C4    . A   A 1 29 ? 10.421  -4.998  -15.036 1.00 32.57  ? 30  A   A C4    1 
ATOM   618  P  P     . A   A 1 30 ? 12.299  -0.712  -11.766 1.00 26.79  ? 31  A   A P     1 
ATOM   619  O  OP1   . A   A 1 30 ? 13.038  0.543   -11.462 1.00 32.83  ? 31  A   A OP1   1 
ATOM   620  O  OP2   . A   A 1 30 ? 11.324  -1.293  -10.819 1.00 27.56  ? 31  A   A OP2   1 
ATOM   621  O  "O5'" . A   A 1 30 ? 11.551  -0.508  -13.150 1.00 31.37  ? 31  A   A "O5'" 1 
ATOM   622  C  "C5'" . A   A 1 30 ? 12.108  0.298   -14.180 1.00 32.54  ? 31  A   A "C5'" 1 
ATOM   623  C  "C4'" . A   A 1 30 ? 11.072  0.575   -15.237 1.00 29.62  ? 31  A   A "C4'" 1 
ATOM   624  O  "O4'" . A   A 1 30 ? 10.524  -0.691  -15.680 1.00 33.33  ? 31  A   A "O4'" 1 
ATOM   625  C  "C3'" . A   A 1 30 ? 9.857   1.363   -14.759 1.00 33.08  ? 31  A   A "C3'" 1 
ATOM   626  O  "O3'" . A   A 1 30 ? 10.068  2.761   -14.805 1.00 29.58  ? 31  A   A "O3'" 1 
ATOM   627  C  "C2'" . A   A 1 30 ? 8.762   0.886   -15.697 1.00 35.58  ? 31  A   A "C2'" 1 
ATOM   628  O  "O2'" . A   A 1 30 ? 8.900   1.506   -16.968 1.00 36.14  ? 31  A   A "O2'" 1 
ATOM   629  C  "C1'" . A   A 1 30 ? 9.128   -0.584  -15.854 1.00 29.92  ? 31  A   A "C1'" 1 
ATOM   630  N  N9    . A   A 1 30 ? 8.483   -1.435  -14.839 1.00 33.03  ? 31  A   A N9    1 
ATOM   631  C  C8    . A   A 1 30 ? 9.093   -2.024  -13.753 1.00 32.59  ? 31  A   A C8    1 
ATOM   632  N  N7    . A   A 1 30 ? 8.274   -2.741  -13.018 1.00 32.86  ? 31  A   A N7    1 
ATOM   633  C  C5    . A   A 1 30 ? 7.050   -2.628  -13.658 1.00 29.47  ? 31  A   A C5    1 
ATOM   634  C  C6    . A   A 1 30 ? 5.783   -3.167  -13.378 1.00 30.41  ? 31  A   A C6    1 
ATOM   635  N  N6    . A   A 1 30 ? 5.515   -3.952  -12.327 1.00 27.31  ? 31  A   A N6    1 
ATOM   636  N  N1    . A   A 1 30 ? 4.771   -2.854  -14.224 1.00 30.88  ? 31  A   A N1    1 
ATOM   637  C  C2    . A   A 1 30 ? 5.038   -2.066  -15.271 1.00 30.61  ? 31  A   A C2    1 
ATOM   638  N  N3    . A   A 1 30 ? 6.189   -1.513  -15.646 1.00 33.75  ? 31  A   A N3    1 
ATOM   639  C  C4    . A   A 1 30 ? 7.167   -1.835  -14.790 1.00 33.16  ? 31  A   A C4    1 
ATOM   640  P  P     . U   A 1 31 ? 9.610   3.698   -13.592 1.00 31.77  ? 32  U   A P     1 
ATOM   641  O  OP1   . U   A 1 31 ? 10.007  5.063   -14.011 1.00 31.15  ? 32  U   A OP1   1 
ATOM   642  O  OP2   . U   A 1 31 ? 10.095  3.153   -12.298 1.00 32.24  ? 32  U   A OP2   1 
ATOM   643  O  "O5'" . U   A 1 31 ? 8.025   3.565   -13.576 1.00 31.99  ? 32  U   A "O5'" 1 
ATOM   644  C  "C5'" . U   A 1 31 ? 7.230   4.149   -14.598 1.00 27.71  ? 32  U   A "C5'" 1 
ATOM   645  C  "C4'" . U   A 1 31 ? 5.789   3.742   -14.447 1.00 30.86  ? 32  U   A "C4'" 1 
ATOM   646  O  "O4'" . U   A 1 31 ? 5.658   2.300   -14.568 1.00 33.80  ? 32  U   A "O4'" 1 
ATOM   647  C  "C3'" . U   A 1 31 ? 5.168   4.039   -13.098 1.00 32.74  ? 32  U   A "C3'" 1 
ATOM   648  O  "O3'" . U   A 1 31 ? 4.810   5.400   -12.933 1.00 30.53  ? 32  U   A "O3'" 1 
ATOM   649  C  "C2'" . U   A 1 31 ? 3.991   3.070   -13.059 1.00 33.52  ? 32  U   A "C2'" 1 
ATOM   650  O  "O2'" . U   A 1 31 ? 2.912   3.544   -13.847 1.00 37.55  ? 32  U   A "O2'" 1 
ATOM   651  C  "C1'" . U   A 1 31 ? 4.590   1.848   -13.751 1.00 32.52  ? 32  U   A "C1'" 1 
ATOM   652  N  N1    . U   A 1 31 ? 5.098   0.875   -12.755 1.00 32.76  ? 32  U   A N1    1 
ATOM   653  C  C2    . U   A 1 31 ? 4.197   -0.066  -12.295 1.00 30.78  ? 32  U   A C2    1 
ATOM   654  O  O2    . U   A 1 31 ? 3.037   -0.136  -12.684 1.00 27.07  ? 32  U   A O2    1 
ATOM   655  N  N3    . U   A 1 31 ? 4.708   -0.932  -11.358 1.00 29.14  ? 32  U   A N3    1 
ATOM   656  C  C4    . U   A 1 31 ? 5.987   -0.948  -10.835 1.00 32.02  ? 32  U   A C4    1 
ATOM   657  O  O4    . U   A 1 31 ? 6.284   -1.808  -9.988  1.00 32.67  ? 32  U   A O4    1 
ATOM   658  C  C5    . U   A 1 31 ? 6.858   0.061   -11.365 1.00 28.00  ? 32  U   A C5    1 
ATOM   659  C  C6    . U   A 1 31 ? 6.392   0.917   -12.279 1.00 30.14  ? 32  U   A C6    1 
ATOM   660  P  P     . C   A 1 32 ? 5.631   6.314   -11.904 1.00 34.31  ? 33  C   A P     1 
ATOM   661  O  OP1   . C   A 1 32 ? 5.859   7.654   -12.498 1.00 37.41  ? 33  C   A OP1   1 
ATOM   662  O  OP2   . C   A 1 32 ? 6.781   5.493   -11.449 1.00 30.89  ? 33  C   A OP2   1 
ATOM   663  O  "O5'" . C   A 1 32 ? 4.654   6.476   -10.659 1.00 30.49  ? 33  C   A "O5'" 1 
ATOM   664  C  "C5'" . C   A 1 32 ? 4.489   5.413   -9.736  1.00 27.98  ? 33  C   A "C5'" 1 
ATOM   665  C  "C4'" . C   A 1 32 ? 4.263   5.932   -8.340  1.00 30.20  ? 33  C   A "C4'" 1 
ATOM   666  O  "O4'" . C   A 1 32 ? 2.869   6.338   -8.177  1.00 30.41  ? 33  C   A "O4'" 1 
ATOM   667  C  "C3'" . C   A 1 32 ? 4.491   4.931   -7.222  1.00 26.29  ? 33  C   A "C3'" 1 
ATOM   668  O  "O3'" . C   A 1 32 ? 5.861   4.792   -6.883  1.00 28.58  ? 33  C   A "O3'" 1 
ATOM   669  C  "C2'" . C   A 1 32 ? 3.643   5.506   -6.091  1.00 32.11  ? 33  C   A "C2'" 1 
ATOM   670  O  "O2'" . C   A 1 32 ? 4.310   6.579   -5.447  1.00 29.47  ? 33  C   A "O2'" 1 
ATOM   671  C  "C1'" . C   A 1 32 ? 2.437   6.059   -6.862  1.00 28.33  ? 33  C   A "C1'" 1 
ATOM   672  N  N1    . C   A 1 32 ? 1.365   5.040   -6.919  1.00 25.11  ? 33  C   A N1    1 
ATOM   673  C  C2    . C   A 1 32 ? 0.712   4.741   -5.723  1.00 26.63  ? 33  C   A C2    1 
ATOM   674  O  O2    . C   A 1 32 ? 0.987   5.353   -4.682  1.00 29.80  ? 33  C   A O2    1 
ATOM   675  N  N3    . C   A 1 32 ? -0.236  3.793   -5.704  1.00 27.73  ? 33  C   A N3    1 
ATOM   676  C  C4    . C   A 1 32 ? -0.549  3.138   -6.808  1.00 26.24  ? 33  C   A C4    1 
ATOM   677  N  N4    . C   A 1 32 ? -1.509  2.221   -6.678  1.00 26.99  ? 33  C   A N4    1 
ATOM   678  C  C5    . C   A 1 32 ? 0.102   3.408   -8.047  1.00 24.91  ? 33  C   A C5    1 
ATOM   679  C  C6    . C   A 1 32 ? 1.054   4.352   -8.056  1.00 25.23  ? 33  C   A C6    1 
ATOM   680  P  P     . G   A 1 33 ? 6.591   3.360   -6.897  1.00 30.99  ? 34  G   A P     1 
ATOM   681  O  OP1   . G   A 1 33 ? 8.016   3.584   -6.521  1.00 32.58  ? 34  G   A OP1   1 
ATOM   682  O  OP2   . G   A 1 33 ? 6.260   2.663   -8.164  1.00 33.32  ? 34  G   A OP2   1 
ATOM   683  O  "O5'" . G   A 1 33 ? 5.840   2.500   -5.781  1.00 30.52  ? 34  G   A "O5'" 1 
ATOM   684  C  "C5'" . G   A 1 33 ? 5.725   2.940   -4.435  1.00 21.51  ? 34  G   A "C5'" 1 
ATOM   685  C  "C4'" . G   A 1 33 ? 4.617   2.195   -3.730  1.00 22.97  ? 34  G   A "C4'" 1 
ATOM   686  O  "O4'" . G   A 1 33 ? 3.342   2.552   -4.325  1.00 29.86  ? 34  G   A "O4'" 1 
ATOM   687  C  "C3'" . G   A 1 33 ? 4.656   0.682   -3.843  1.00 26.39  ? 34  G   A "C3'" 1 
ATOM   688  O  "O3'" . G   A 1 33 ? 5.524   0.072   -2.914  1.00 24.33  ? 34  G   A "O3'" 1 
ATOM   689  C  "C2'" . G   A 1 33 ? 3.203   0.281   -3.640  1.00 27.88  ? 34  G   A "C2'" 1 
ATOM   690  O  "O2'" . G   A 1 33 ? 2.868   0.250   -2.262  1.00 30.70  ? 34  G   A "O2'" 1 
ATOM   691  C  "C1'" . G   A 1 33 ? 2.471   1.436   -4.315  1.00 28.94  ? 34  G   A "C1'" 1 
ATOM   692  N  N9    . G   A 1 33 ? 2.123   1.095   -5.705  1.00 27.92  ? 34  G   A N9    1 
ATOM   693  C  C8    . G   A 1 33 ? 2.877   1.392   -6.815  1.00 29.59  ? 34  G   A C8    1 
ATOM   694  N  N7    . G   A 1 33 ? 2.345   0.947   -7.919  1.00 32.82  ? 34  G   A N7    1 
ATOM   695  C  C5    . G   A 1 33 ? 1.171   0.316   -7.507  1.00 31.64  ? 34  G   A C5    1 
ATOM   696  C  C6    . G   A 1 33 ? 0.164   -0.345  -8.266  1.00 29.30  ? 34  G   A C6    1 
ATOM   697  O  O6    . G   A 1 33 ? 0.114   -0.528  -9.489  1.00 33.01  ? 34  G   A O6    1 
ATOM   698  N  N1    . G   A 1 33 ? -0.851  -0.847  -7.464  1.00 27.33  ? 34  G   A N1    1 
ATOM   699  C  C2    . G   A 1 33 ? -0.901  -0.730  -6.106  1.00 28.12  ? 34  G   A C2    1 
ATOM   700  N  N2    . G   A 1 33 ? -1.969  -1.291  -5.530  1.00 30.52  ? 34  G   A N2    1 
ATOM   701  N  N3    . G   A 1 33 ? 0.018   -0.111  -5.381  1.00 30.01  ? 34  G   A N3    1 
ATOM   702  C  C4    . G   A 1 33 ? 1.025   0.384   -6.139  1.00 27.48  ? 34  G   A C4    1 
ATOM   703  P  P     . U   A 1 34 ? 6.282   -1.280  -3.328  1.00 25.11  ? 35  U   A P     1 
ATOM   704  O  OP1   . U   A 1 34 ? 7.087   -1.730  -2.156  1.00 29.21  ? 35  U   A OP1   1 
ATOM   705  O  OP2   . U   A 1 34 ? 6.932   -1.031  -4.640  1.00 26.13  ? 35  U   A OP2   1 
ATOM   706  O  "O5'" . U   A 1 34 ? 5.095   -2.326  -3.565  1.00 26.72  ? 35  U   A "O5'" 1 
ATOM   707  C  "C5'" . U   A 1 34 ? 4.304   -2.790  -2.477  1.00 26.76  ? 35  U   A "C5'" 1 
ATOM   708  C  "C4'" . U   A 1 34 ? 3.112   -3.587  -2.946  1.00 27.84  ? 35  U   A "C4'" 1 
ATOM   709  O  "O4'" . U   A 1 34 ? 2.344   -2.820  -3.897  1.00 27.72  ? 35  U   A "O4'" 1 
ATOM   710  C  "C3'" . U   A 1 34 ? 3.426   -4.862  -3.695  1.00 29.94  ? 35  U   A "C3'" 1 
ATOM   711  O  "O3'" . U   A 1 34 ? 3.790   -5.918  -2.842  1.00 30.41  ? 35  U   A "O3'" 1 
ATOM   712  C  "C2'" . U   A 1 34 ? 2.150   -5.122  -4.470  1.00 30.04  ? 35  U   A "C2'" 1 
ATOM   713  O  "O2'" . U   A 1 34 ? 1.184   -5.742  -3.635  1.00 33.88  ? 35  U   A "O2'" 1 
ATOM   714  C  "C1'" . U   A 1 34 ? 1.693   -3.694  -4.792  1.00 30.71  ? 35  U   A "C1'" 1 
ATOM   715  N  N1    . U   A 1 34 ? 2.031   -3.295  -6.172  1.00 33.58  ? 35  U   A N1    1 
ATOM   716  C  C2    . U   A 1 34 ? 1.149   -3.688  -7.153  1.00 31.07  ? 35  U   A C2    1 
ATOM   717  O  O2    . U   A 1 34 ? 0.152   -4.328  -6.912  1.00 33.12  ? 35  U   A O2    1 
ATOM   718  N  N3    . U   A 1 34 ? 1.472   -3.311  -8.424  1.00 30.80  ? 35  U   A N3    1 
ATOM   719  C  C4    . U   A 1 34 ? 2.585   -2.604  -8.813  1.00 32.46  ? 35  U   A C4    1 
ATOM   720  O  O4    . U   A 1 34 ? 2.738   -2.341  -10.015 1.00 30.80  ? 35  U   A O4    1 
ATOM   721  C  C5    . U   A 1 34 ? 3.452   -2.223  -7.730  1.00 30.18  ? 35  U   A C5    1 
ATOM   722  C  C6    . U   A 1 34 ? 3.158   -2.572  -6.473  1.00 30.06  ? 35  U   A C6    1 
ATOM   723  P  P     . A   A 1 35 ? 5.112   -6.737  -3.204  1.00 26.79  ? 36  A   A P     1 
ATOM   724  O  OP1   . A   A 1 35 ? 5.363   -7.797  -2.211  1.00 32.22  ? 36  A   A OP1   1 
ATOM   725  O  OP2   . A   A 1 35 ? 6.122   -5.701  -3.512  1.00 23.93  ? 36  A   A OP2   1 
ATOM   726  O  "O5'" . A   A 1 35 ? 4.730   -7.436  -4.588  1.00 32.36  ? 36  A   A "O5'" 1 
ATOM   727  C  "C5'" . A   A 1 35 ? 5.633   -8.313  -5.239  1.00 34.49  ? 36  A   A "C5'" 1 
ATOM   728  C  "C4'" . A   A 1 35 ? 4.902   -9.235  -6.181  1.00 34.27  ? 36  A   A "C4'" 1 
ATOM   729  O  "O4'" . A   A 1 35 ? 4.280   -10.306 -5.436  1.00 32.90  ? 36  A   A "O4'" 1 
ATOM   730  C  "C3'" . A   A 1 35 ? 3.765   -8.607  -6.968  1.00 37.35  ? 36  A   A "C3'" 1 
ATOM   731  O  "O3'" . A   A 1 35 ? 4.237   -7.942  -8.126  1.00 36.44  ? 36  A   A "O3'" 1 
ATOM   732  C  "C2'" . A   A 1 35 ? 2.864   -9.800  -7.268  1.00 36.95  ? 36  A   A "C2'" 1 
ATOM   733  O  "O2'" . A   A 1 35 ? 3.385   -10.571 -8.348  1.00 36.45  ? 36  A   A "O2'" 1 
ATOM   734  C  "C1'" . A   A 1 35 ? 3.029   -10.624 -5.998  1.00 38.43  ? 36  A   A "C1'" 1 
ATOM   735  N  N9    . A   A 1 35 ? 1.999   -10.344 -4.984  1.00 44.01  ? 36  A   A N9    1 
ATOM   736  C  C8    . A   A 1 35 ? 2.160   -9.644  -3.809  1.00 38.04  ? 36  A   A C8    1 
ATOM   737  N  N7    . A   A 1 35 ? 1.071   -9.580  -3.083  1.00 41.18  ? 36  A   A N7    1 
ATOM   738  C  C5    . A   A 1 35 ? 0.142   -10.293 -3.829  1.00 42.45  ? 36  A   A C5    1 
ATOM   739  C  C6    . A   A 1 35 ? -1.206  -10.596 -3.600  1.00 41.11  ? 36  A   A C6    1 
ATOM   740  N  N6    . A   A 1 35 ? -1.854  -10.195 -2.513  1.00 42.73  ? 36  A   A N6    1 
ATOM   741  N  N1    . A   A 1 35 ? -1.858  -11.325 -4.540  1.00 47.09  ? 36  A   A N1    1 
ATOM   742  C  C2    . A   A 1 35 ? -1.194  -11.730 -5.637  1.00 40.15  ? 36  A   A C2    1 
ATOM   743  N  N3    . A   A 1 35 ? 0.081   -11.507 -5.958  1.00 39.05  ? 36  A   A N3    1 
ATOM   744  C  C4    . A   A 1 35 ? 0.697   -10.781 -5.003  1.00 41.86  ? 36  A   A C4    1 
ATOM   745  P  P     . G   A 1 36 ? 3.790   -6.434  -8.427  1.00 33.35  ? 37  G   A P     1 
ATOM   746  O  OP1   . G   A 1 36 ? 4.751   -5.912  -9.431  1.00 30.43  ? 37  G   A OP1   1 
ATOM   747  O  OP2   . G   A 1 36 ? 3.621   -5.714  -7.140  1.00 35.12  ? 37  G   A OP2   1 
ATOM   748  O  "O5'" . G   A 1 36 ? 2.333   -6.583  -9.043  1.00 33.33  ? 37  G   A "O5'" 1 
ATOM   749  C  "C5'" . G   A 1 36 ? 2.086   -7.428  -10.157 1.00 34.48  ? 37  G   A "C5'" 1 
ATOM   750  C  "C4'" . G   A 1 36 ? 0.646   -7.872  -10.203 1.00 35.99  ? 37  G   A "C4'" 1 
ATOM   751  O  "O4'" . G   A 1 36 ? 0.347   -8.708  -9.053  1.00 34.71  ? 37  G   A "O4'" 1 
ATOM   752  C  "C3'" . G   A 1 36 ? -0.392  -6.761  -10.134 1.00 36.46  ? 37  G   A "C3'" 1 
ATOM   753  O  "O3'" . G   A 1 36 ? -0.588  -6.125  -11.386 1.00 35.88  ? 37  G   A "O3'" 1 
ATOM   754  C  "C2'" . G   A 1 36 ? -1.623  -7.486  -9.596  1.00 36.63  ? 37  G   A "C2'" 1 
ATOM   755  O  "O2'" . G   A 1 36 ? -2.284  -8.201  -10.625 1.00 37.35  ? 37  G   A "O2'" 1 
ATOM   756  C  "C1'" . G   A 1 36 ? -0.989  -8.504  -8.640  1.00 36.67  ? 37  G   A "C1'" 1 
ATOM   757  N  N9    . G   A 1 36 ? -1.010  -8.048  -7.229  1.00 38.64  ? 37  G   A N9    1 
ATOM   758  C  C8    . G   A 1 36 ? -0.011  -7.435  -6.506  1.00 35.89  ? 37  G   A C8    1 
ATOM   759  N  N7    . G   A 1 36 ? -0.353  -7.164  -5.272  1.00 35.32  ? 37  G   A N7    1 
ATOM   760  C  C5    . G   A 1 36 ? -1.663  -7.616  -5.173  1.00 38.32  ? 37  G   A C5    1 
ATOM   761  C  C6    . G   A 1 36 ? -2.572  -7.596  -4.078  1.00 40.34  ? 37  G   A C6    1 
ATOM   762  O  O6    . G   A 1 36 ? -2.404  -7.159  -2.933  1.00 38.39  ? 37  G   A O6    1 
ATOM   763  N  N1    . G   A 1 36 ? -3.799  -8.153  -4.414  1.00 41.45  ? 37  G   A N1    1 
ATOM   764  C  C2    . G   A 1 36 ? -4.120  -8.675  -5.647  1.00 43.78  ? 37  G   A C2    1 
ATOM   765  N  N2    . G   A 1 36 ? -5.359  -9.177  -5.785  1.00 41.31  ? 37  G   A N2    1 
ATOM   766  N  N3    . G   A 1 36 ? -3.278  -8.705  -6.668  1.00 38.70  ? 37  G   A N3    1 
ATOM   767  C  C4    . G   A 1 36 ? -2.079  -8.164  -6.365  1.00 37.01  ? 37  G   A C4    1 
ATOM   768  P  P     . C   A 1 37 ? -1.151  -4.623  -11.477 1.00 36.42  ? 38  C   A P     1 
ATOM   769  O  OP1   . C   A 1 37 ? -1.234  -4.236  -12.908 1.00 30.56  ? 38  C   A OP1   1 
ATOM   770  O  OP2   . C   A 1 37 ? -0.411  -3.743  -10.548 1.00 36.28  ? 38  C   A OP2   1 
ATOM   771  O  "O5'" . C   A 1 37 ? -2.643  -4.772  -10.959 1.00 40.38  ? 38  C   A "O5'" 1 
ATOM   772  C  "C5'" . C   A 1 37 ? -3.602  -5.502  -11.712 1.00 39.22  ? 38  C   A "C5'" 1 
ATOM   773  C  "C4'" . C   A 1 37 ? -4.971  -5.426  -11.082 1.00 36.18  ? 38  C   A "C4'" 1 
ATOM   774  O  "O4'" . C   A 1 37 ? -5.018  -6.289  -9.919  1.00 40.69  ? 38  C   A "O4'" 1 
ATOM   775  C  "C3'" . C   A 1 37 ? -5.383  -4.069  -10.535 1.00 35.11  ? 38  C   A "C3'" 1 
ATOM   776  O  "O3'" . C   A 1 37 ? -5.842  -3.177  -11.526 1.00 37.82  ? 38  C   A "O3'" 1 
ATOM   777  C  "C2'" . C   A 1 37 ? -6.444  -4.444  -9.516  1.00 36.97  ? 38  C   A "C2'" 1 
ATOM   778  O  "O2'" . C   A 1 37 ? -7.645  -4.807  -10.171 1.00 34.02  ? 38  C   A "O2'" 1 
ATOM   779  C  "C1'" . C   A 1 37 ? -5.832  -5.706  -8.919  1.00 38.15  ? 38  C   A "C1'" 1 
ATOM   780  N  N1    . C   A 1 37 ? -4.990  -5.391  -7.744  1.00 38.40  ? 38  C   A N1    1 
ATOM   781  C  C2    . C   A 1 37 ? -5.599  -5.266  -6.495  1.00 39.97  ? 38  C   A C2    1 
ATOM   782  O  O2    . C   A 1 37 ? -6.824  -5.432  -6.403  1.00 37.15  ? 38  C   A O2    1 
ATOM   783  N  N3    . C   A 1 37 ? -4.827  -4.973  -5.420  1.00 39.84  ? 38  C   A N3    1 
ATOM   784  C  C4    . C   A 1 37 ? -3.505  -4.813  -5.561  1.00 38.87  ? 38  C   A C4    1 
ATOM   785  N  N4    . C   A 1 37 ? -2.785  -4.521  -4.473  1.00 38.61  ? 38  C   A N4    1 
ATOM   786  C  C5    . C   A 1 37 ? -2.859  -4.919  -6.821  1.00 33.94  ? 38  C   A C5    1 
ATOM   787  C  C6    . C   A 1 37 ? -3.637  -5.209  -7.867  1.00 38.65  ? 38  C   A C6    1 
ATOM   788  P  P     . G   A 1 38 ? -5.789  -1.596  -11.270 1.00 34.78  ? 39  G   A P     1 
ATOM   789  O  OP1   . G   A 1 38 ? -6.372  -0.975  -12.488 1.00 38.87  ? 39  G   A OP1   1 
ATOM   790  O  OP2   . G   A 1 38 ? -4.432  -1.195  -10.818 1.00 35.81  ? 39  G   A OP2   1 
ATOM   791  O  "O5'" . G   A 1 38 ? -6.755  -1.362  -10.025 1.00 40.34  ? 39  G   A "O5'" 1 
ATOM   792  C  "C5'" . G   A 1 38 ? -8.164  -1.438  -10.160 1.00 34.25  ? 39  G   A "C5'" 1 
ATOM   793  C  "C4'" . G   A 1 38 ? -8.862  -1.325  -8.826  1.00 35.26  ? 39  G   A "C4'" 1 
ATOM   794  O  "O4'" . G   A 1 38 ? -8.356  -2.320  -7.897  1.00 36.95  ? 39  G   A "O4'" 1 
ATOM   795  C  "C3'" . G   A 1 38 ? -8.688  -0.023  -8.065  1.00 40.47  ? 39  G   A "C3'" 1 
ATOM   796  O  "O3'" . G   A 1 38 ? -9.468  1.042   -8.572  1.00 36.03  ? 39  G   A "O3'" 1 
ATOM   797  C  "C2'" . G   A 1 38 ? -9.081  -0.433  -6.657  1.00 39.00  ? 39  G   A "C2'" 1 
ATOM   798  O  "O2'" . G   A 1 38 ? -10.489 -0.589  -6.572  1.00 38.75  ? 39  G   A "O2'" 1 
ATOM   799  C  "C1'" . G   A 1 38 ? -8.443  -1.819  -6.572  1.00 33.80  ? 39  G   A "C1'" 1 
ATOM   800  N  N9    . G   A 1 38 ? -7.091  -1.749  -5.972  1.00 38.17  ? 39  G   A N9    1 
ATOM   801  C  C8    . G   A 1 38 ? -5.870  -1.849  -6.611  1.00 37.18  ? 39  G   A C8    1 
ATOM   802  N  N7    . G   A 1 38 ? -4.847  -1.729  -5.795  1.00 33.50  ? 39  G   A N7    1 
ATOM   803  C  C5    . G   A 1 38 ? -5.421  -1.532  -4.550  1.00 36.25  ? 39  G   A C5    1 
ATOM   804  C  C6    . G   A 1 38 ? -4.810  -1.339  -3.285  1.00 37.45  ? 39  G   A C6    1 
ATOM   805  O  O6    . G   A 1 38 ? -3.597  -1.304  -3.024  1.00 33.08  ? 39  G   A O6    1 
ATOM   806  N  N1    . G   A 1 38 ? -5.754  -1.182  -2.276  1.00 32.87  ? 39  G   A N1    1 
ATOM   807  C  C2    . G   A 1 38 ? -7.115  -1.202  -2.457  1.00 36.54  ? 39  G   A C2    1 
ATOM   808  N  N2    . G   A 1 38 ? -7.873  -1.018  -1.358  1.00 32.52  ? 39  G   A N2    1 
ATOM   809  N  N3    . G   A 1 38 ? -7.689  -1.381  -3.634  1.00 33.39  ? 39  G   A N3    1 
ATOM   810  C  C4    . G   A 1 38 ? -6.797  -1.536  -4.634  1.00 35.01  ? 39  G   A C4    1 
ATOM   811  P  P     . U   A 1 39 ? -8.933  2.552   -8.465  1.00 40.20  ? 40  U   A P     1 
ATOM   812  O  OP1   . U   A 1 39 ? -9.902  3.415   -9.184  1.00 37.72  ? 40  U   A OP1   1 
ATOM   813  O  OP2   . U   A 1 39 ? -7.486  2.607   -8.783  1.00 40.69  ? 40  U   A OP2   1 
ATOM   814  O  "O5'" . U   A 1 39 ? -9.068  2.906   -6.922  1.00 37.86  ? 40  U   A "O5'" 1 
ATOM   815  C  "C5'" . U   A 1 39 ? -10.323 2.830   -6.265  1.00 38.68  ? 40  U   A "C5'" 1 
ATOM   816  C  "C4'" . U   A 1 39 ? -10.144 2.905   -4.771  1.00 38.80  ? 40  U   A "C4'" 1 
ATOM   817  O  "O4'" . U   A 1 39 ? -9.221  1.873   -4.335  1.00 37.83  ? 40  U   A "O4'" 1 
ATOM   818  C  "C3'" . U   A 1 39 ? -9.538  4.202   -4.268  1.00 37.04  ? 40  U   A "C3'" 1 
ATOM   819  O  "O3'" . U   A 1 39 ? -10.536 5.191   -4.084  1.00 40.16  ? 40  U   A "O3'" 1 
ATOM   820  C  "C2'" . U   A 1 39 ? -8.843  3.791   -2.971  1.00 35.44  ? 40  U   A "C2'" 1 
ATOM   821  O  "O2'" . U   A 1 39 ? -9.754  3.810   -1.884  1.00 46.59  ? 40  U   A "O2'" 1 
ATOM   822  C  "C1'" . U   A 1 39 ? -8.452  2.337   -3.251  1.00 35.56  ? 40  U   A "C1'" 1 
ATOM   823  N  N1    . U   A 1 39 ? -7.016  2.170   -3.569  1.00 35.65  ? 40  U   A N1    1 
ATOM   824  C  C2    . U   A 1 39 ? -6.136  2.196   -2.520  1.00 31.45  ? 40  U   A C2    1 
ATOM   825  O  O2    . U   A 1 39 ? -6.464  2.358   -1.370  1.00 34.35  ? 40  U   A O2    1 
ATOM   826  N  N3    . U   A 1 39 ? -4.833  2.030   -2.851  1.00 35.73  ? 40  U   A N3    1 
ATOM   827  C  C4    . U   A 1 39 ? -4.309  1.826   -4.090  1.00 32.42  ? 40  U   A C4    1 
ATOM   828  O  O4    . U   A 1 39 ? -3.098  1.701   -4.196  1.00 29.68  ? 40  U   A O4    1 
ATOM   829  C  C5    . U   A 1 39 ? -5.280  1.799   -5.137  1.00 38.24  ? 40  U   A C5    1 
ATOM   830  C  C6    . U   A 1 39 ? -6.574  1.966   -4.847  1.00 35.03  ? 40  U   A C6    1 
ATOM   831  P  P     . G   A 1 40 ? -10.265 6.731   -4.444  1.00 32.24  ? 41  G   A P     1 
ATOM   832  O  OP1   . G   A 1 40 ? -11.560 7.440   -4.283  1.00 42.59  ? 41  G   A OP1   1 
ATOM   833  O  OP2   . G   A 1 40 ? -9.448  6.870   -5.673  1.00 34.89  ? 41  G   A OP2   1 
ATOM   834  O  "O5'" . G   A 1 40 ? -9.353  7.225   -3.256  1.00 39.89  ? 41  G   A "O5'" 1 
ATOM   835  C  "C5'" . G   A 1 40 ? -8.923  8.569   -3.194  1.00 36.68  ? 41  G   A "C5'" 1 
ATOM   836  C  "C4'" . G   A 1 40 ? -7.784  8.675   -2.232  1.00 38.05  ? 41  G   A "C4'" 1 
ATOM   837  O  "O4'" . G   A 1 40 ? -6.589  8.142   -2.858  1.00 35.13  ? 41  G   A "O4'" 1 
ATOM   838  C  "C3'" . G   A 1 40 ? -7.448  10.083  -1.755  1.00 37.30  ? 41  G   A "C3'" 1 
ATOM   839  O  "O3'" . G   A 1 40 ? -7.242  10.051  -0.345  1.00 38.21  ? 41  G   A "O3'" 1 
ATOM   840  C  "C2'" . G   A 1 40 ? -6.134  10.413  -2.470  1.00 36.71  ? 41  G   A "C2'" 1 
ATOM   841  O  "O2'" . G   A 1 40 ? -5.290  11.236  -1.695  1.00 33.04  ? 41  G   A "O2'" 1 
ATOM   842  C  "C1'" . G   A 1 40 ? -5.511  9.032   -2.673  1.00 35.83  ? 41  G   A "C1'" 1 
ATOM   843  N  N9    . G   A 1 40 ? -4.635  8.863   -3.841  1.00 35.28  ? 41  G   A N9    1 
ATOM   844  C  C8    . G   A 1 40 ? -4.954  9.002   -5.168  1.00 32.44  ? 41  G   A C8    1 
ATOM   845  N  N7    . G   A 1 40 ? -3.966  8.705   -5.969  1.00 31.97  ? 41  G   A N7    1 
ATOM   846  C  C5    . G   A 1 40 ? -2.932  8.316   -5.128  1.00 35.57  ? 41  G   A C5    1 
ATOM   847  C  C6    . G   A 1 40 ? -1.600  7.880   -5.405  1.00 33.61  ? 41  G   A C6    1 
ATOM   848  O  O6    . G   A 1 40 ? -1.029  7.732   -6.489  1.00 31.28  ? 41  G   A O6    1 
ATOM   849  N  N1    . G   A 1 40 ? -0.895  7.581   -4.247  1.00 31.86  ? 41  G   A N1    1 
ATOM   850  C  C2    . G   A 1 40 ? -1.401  7.702   -2.979  1.00 34.18  ? 41  G   A C2    1 
ATOM   851  N  N2    . G   A 1 40 ? -0.570  7.377   -1.976  1.00 31.25  ? 41  G   A N2    1 
ATOM   852  N  N3    . G   A 1 40 ? -2.628  8.109   -2.708  1.00 34.40  ? 41  G   A N3    1 
ATOM   853  C  C4    . G   A 1 40 ? -3.338  8.394   -3.815  1.00 35.44  ? 41  G   A C4    1 
ATOM   854  P  P     . U   A 1 41 ? -8.321  10.730  0.631   1.00 34.98  ? 42  U   A P     1 
ATOM   855  O  OP1   . U   A 1 41 ? -9.650  10.149  0.352   1.00 34.69  ? 42  U   A OP1   1 
ATOM   856  O  OP2   . U   A 1 41 ? -8.100  12.186  0.548   1.00 27.64  ? 42  U   A OP2   1 
ATOM   857  O  "O5'" . U   A 1 41 ? -7.910  10.204  2.079   1.00 35.27  ? 42  U   A "O5'" 1 
ATOM   858  C  "C5'" . U   A 1 41 ? -8.409  8.962   2.569   1.00 32.66  ? 42  U   A "C5'" 1 
ATOM   859  C  "C4'" . U   A 1 41 ? -7.675  8.519   3.810   1.00 41.45  ? 42  U   A "C4'" 1 
ATOM   860  O  "O4'" . U   A 1 41 ? -6.394  7.938   3.433   1.00 38.66  ? 42  U   A "O4'" 1 
ATOM   861  C  "C3'" . U   A 1 41 ? -7.346  9.624   4.809   1.00 36.58  ? 42  U   A "C3'" 1 
ATOM   862  O  "O3'" . U   A 1 41 ? -7.253  9.033   6.101   1.00 41.61  ? 42  U   A "O3'" 1 
ATOM   863  C  "C2'" . U   A 1 41 ? -5.946  10.031  4.379   1.00 32.82  ? 42  U   A "C2'" 1 
ATOM   864  O  "O2'" . U   A 1 41 ? -5.199  10.710  5.361   1.00 34.02  ? 42  U   A "O2'" 1 
ATOM   865  C  "C1'" . U   A 1 41 ? -5.349  8.675   4.042   1.00 31.86  ? 42  U   A "C1'" 1 
ATOM   866  N  N1    . U   A 1 41 ? -4.219  8.707   3.113   1.00 34.01  ? 42  U   A N1    1 
ATOM   867  C  C2    . U   A 1 41 ? -2.991  8.589   3.696   1.00 31.83  ? 42  U   A C2    1 
ATOM   868  O  O2    . U   A 1 41 ? -2.882  8.506   4.906   1.00 33.98  ? 42  U   A O2    1 
ATOM   869  N  N3    . U   A 1 41 ? -1.935  8.596   2.822   1.00 29.83  ? 42  U   A N3    1 
ATOM   870  C  C4    . U   A 1 41 ? -2.004  8.694   1.443   1.00 33.81  ? 42  U   A C4    1 
ATOM   871  O  O4    . U   A 1 41 ? -0.968  8.682   0.777   1.00 33.83  ? 42  U   A O4    1 
ATOM   872  C  C5    . U   A 1 41 ? -3.324  8.809   0.910   1.00 29.12  ? 42  U   A C5    1 
ATOM   873  C  C6    . U   A 1 41 ? -4.367  8.804   1.749   1.00 34.36  ? 42  U   A C6    1 
ATOM   874  P  P     . C   A 1 42 ? -8.293  9.439   7.251   1.00 44.94  ? 43  C   A P     1 
ATOM   875  O  OP1   . C   A 1 42 ? -9.327  8.378   7.282   1.00 39.59  ? 43  C   A OP1   1 
ATOM   876  O  OP2   . C   A 1 42 ? -8.676  10.860  7.027   1.00 42.86  ? 43  C   A OP2   1 
ATOM   877  O  "O5'" . C   A 1 42 ? -7.432  9.353   8.591   1.00 49.34  ? 43  C   A "O5'" 1 
ATOM   878  C  "C5'" . C   A 1 42 ? -7.928  8.699   9.751   1.00 51.71  ? 43  C   A "C5'" 1 
ATOM   879  C  "C4'" . C   A 1 42 ? -7.011  8.905   10.932  1.00 46.77  ? 43  C   A "C4'" 1 
ATOM   880  O  "O4'" . C   A 1 42 ? -5.953  7.910   10.920  1.00 49.87  ? 43  C   A "O4'" 1 
ATOM   881  C  "C3'" . C   A 1 42 ? -6.269  10.228  10.944  1.00 50.08  ? 43  C   A "C3'" 1 
ATOM   882  O  "O3'" . C   A 1 42 ? -7.048  11.304  11.429  1.00 48.05  ? 43  C   A "O3'" 1 
ATOM   883  C  "C2'" . C   A 1 42 ? -5.041  9.924   11.784  1.00 50.51  ? 43  C   A "C2'" 1 
ATOM   884  O  "O2'" . C   A 1 42 ? -5.374  9.938   13.163  1.00 48.34  ? 43  C   A "O2'" 1 
ATOM   885  C  "C1'" . C   A 1 42 ? -4.740  8.486   11.357  1.00 50.34  ? 43  C   A "C1'" 1 
ATOM   886  N  N1    . C   A 1 42 ? -3.783  8.440   10.229  1.00 50.44  ? 43  C   A N1    1 
ATOM   887  C  C2    . C   A 1 42 ? -2.419  8.630   10.458  1.00 48.55  ? 43  C   A C2    1 
ATOM   888  O  O2    . C   A 1 42 ? -2.021  8.829   11.618  1.00 49.65  ? 43  C   A O2    1 
ATOM   889  N  N3    . C   A 1 42 ? -1.558  8.589   9.411   1.00 49.61  ? 43  C   A N3    1 
ATOM   890  C  C4    . C   A 1 42 ? -2.009  8.370   8.172   1.00 44.84  ? 43  C   A C4    1 
ATOM   891  N  N4    . C   A 1 42 ? -1.127  8.332   7.161   1.00 33.67  ? 43  C   A N4    1 
ATOM   892  C  C5    . C   A 1 42 ? -3.396  8.179   7.921   1.00 42.28  ? 43  C   A C5    1 
ATOM   893  C  C6    . C   A 1 42 ? -4.235  8.219   8.957   1.00 45.20  ? 43  C   A C6    1 
ATOM   894  P  P     . G   A 1 43 ? -6.821  12.746  10.776  1.00 57.57  ? 44  G   A P     1 
ATOM   895  O  OP1   . G   A 1 43 ? -7.030  13.799  11.794  1.00 61.25  ? 44  G   A OP1   1 
ATOM   896  O  OP2   . G   A 1 43 ? -7.586  12.796  9.497   1.00 53.21  ? 44  G   A OP2   1 
ATOM   897  O  "O5'" . G   A 1 43 ? -5.276  12.704  10.397  1.00 53.54  ? 44  G   A "O5'" 1 
ATOM   898  C  "C5'" . G   A 1 43 ? -4.404  13.762  10.729  1.00 44.86  ? 44  G   A "C5'" 1 
ATOM   899  C  "C4'" . G   A 1 43 ? -2.987  13.270  10.835  1.00 44.42  ? 44  G   A "C4'" 1 
ATOM   900  O  "O4'" . G   A 1 43 ? -2.834  11.995  10.154  1.00 42.40  ? 44  G   A "O4'" 1 
ATOM   901  C  "C3'" . G   A 1 43 ? -1.949  14.156  10.184  1.00 41.25  ? 44  G   A "C3'" 1 
ATOM   902  O  "O3'" . G   A 1 43 ? -1.606  15.258  10.999  1.00 39.69  ? 44  G   A "O3'" 1 
ATOM   903  C  "C2'" . G   A 1 43 ? -0.803  13.189  9.936   1.00 39.43  ? 44  G   A "C2'" 1 
ATOM   904  O  "O2'" . G   A 1 43 ? -0.111  12.920  11.143  1.00 41.91  ? 44  G   A "O2'" 1 
ATOM   905  C  "C1'" . G   A 1 43 ? -1.561  11.928  9.544   1.00 40.00  ? 44  G   A "C1'" 1 
ATOM   906  N  N9    . G   A 1 43 ? -1.744  11.843  8.086   1.00 38.16  ? 44  G   A N9    1 
ATOM   907  C  C8    . G   A 1 43 ? -2.943  11.796  7.431   1.00 38.20  ? 44  G   A C8    1 
ATOM   908  N  N7    . G   A 1 43 ? -2.830  11.731  6.134   1.00 37.27  ? 44  G   A N7    1 
ATOM   909  C  C5    . G   A 1 43 ? -1.465  11.732  5.926   1.00 37.75  ? 44  G   A C5    1 
ATOM   910  C  C6    . G   A 1 43 ? -0.758  11.667  4.708   1.00 31.32  ? 44  G   A C6    1 
ATOM   911  O  O6    . G   A 1 43 ? -1.233  11.600  3.565   1.00 30.47  ? 44  G   A O6    1 
ATOM   912  N  N1    . G   A 1 43 ? 0.616   11.693  4.927   1.00 29.36  ? 44  G   A N1    1 
ATOM   913  C  C2    . G   A 1 43 ? 1.228   11.768  6.154   1.00 31.75  ? 44  G   A C2    1 
ATOM   914  N  N2    . G   A 1 43 ? 2.575   11.780  6.141   1.00 27.06  ? 44  G   A N2    1 
ATOM   915  N  N3    . G   A 1 43 ? 0.565   11.834  7.304   1.00 33.39  ? 44  G   A N3    1 
ATOM   916  C  C4    . G   A 1 43 ? -0.772  11.800  7.117   1.00 35.77  ? 44  G   A C4    1 
ATOM   917  P  P     . G   A 1 44 ? -1.489  16.726  10.365  1.00 42.07  ? 45  G   A P     1 
ATOM   918  O  OP1   . G   A 1 44 ? -1.281  17.671  11.491  1.00 44.99  ? 45  G   A OP1   1 
ATOM   919  O  OP2   . G   A 1 44 ? -2.639  16.938  9.438   1.00 36.00  ? 45  G   A OP2   1 
ATOM   920  O  "O5'" . G   A 1 44 ? -0.141  16.656  9.520   1.00 36.17  ? 45  G   A "O5'" 1 
ATOM   921  C  "C5'" . G   A 1 44 ? 1.084   16.280  10.129  1.00 35.62  ? 45  G   A "C5'" 1 
ATOM   922  C  "C4'" . G   A 1 44 ? 2.201   16.288  9.119   1.00 39.99  ? 45  G   A "C4'" 1 
ATOM   923  O  "O4'" . G   A 1 44 ? 2.066   15.135  8.248   1.00 35.52  ? 45  G   A "O4'" 1 
ATOM   924  C  "C3'" . G   A 1 44 ? 2.205   17.478  8.175   1.00 38.91  ? 45  G   A "C3'" 1 
ATOM   925  O  "O3'" . G   A 1 44 ? 2.868   18.606  8.725   1.00 41.52  ? 45  G   A "O3'" 1 
ATOM   926  C  "C2'" . G   A 1 44 ? 2.884   16.927  6.931   1.00 34.75  ? 45  G   A "C2'" 1 
ATOM   927  O  "O2'" . G   A 1 44 ? 4.291   16.901  7.114   1.00 39.79  ? 45  G   A "O2'" 1 
ATOM   928  C  "C1'" . G   A 1 44 ? 2.383   15.486  6.923   1.00 33.29  ? 45  G   A "C1'" 1 
ATOM   929  N  N9    . G   A 1 44 ? 1.176   15.287  6.094   1.00 33.81  ? 45  G   A N9    1 
ATOM   930  C  C8    . G   A 1 44 ? -0.116  15.162  6.548   1.00 35.69  ? 45  G   A C8    1 
ATOM   931  N  N7    . G   A 1 44 ? -0.982  14.958  5.593   1.00 32.59  ? 45  G   A N7    1 
ATOM   932  C  C5    . G   A 1 44 ? -0.215  14.948  4.443   1.00 34.37  ? 45  G   A C5    1 
ATOM   933  C  C6    . G   A 1 44 ? -0.608  14.768  3.091   1.00 31.57  ? 45  G   A C6    1 
ATOM   934  O  O6    . G   A 1 44 ? -1.744  14.585  2.629   1.00 33.34  ? 45  G   A O6    1 
ATOM   935  N  N1    . G   A 1 44 ? 0.485   14.819  2.240   1.00 29.43  ? 45  G   A N1    1 
ATOM   936  C  C2    . G   A 1 44 ? 1.788   15.017  2.619   1.00 32.65  ? 45  G   A C2    1 
ATOM   937  N  N2    . G   A 1 44 ? 2.690   15.037  1.613   1.00 29.22  ? 45  G   A N2    1 
ATOM   938  N  N3    . G   A 1 44 ? 2.164   15.181  3.884   1.00 31.71  ? 45  G   A N3    1 
ATOM   939  C  C4    . G   A 1 44 ? 1.118   15.138  4.732   1.00 31.98  ? 45  G   A C4    1 
ATOM   940  P  P     . C   A 1 45 ? 2.331   20.086  8.405   1.00 39.49  ? 46  C   A P     1 
ATOM   941  O  OP1   . C   A 1 45 ? 3.130   21.085  9.150   1.00 38.88  ? 46  C   A OP1   1 
ATOM   942  O  OP2   . C   A 1 45 ? 0.850   20.053  8.517   1.00 39.59  ? 46  C   A OP2   1 
ATOM   943  O  "O5'" . C   A 1 45 ? 2.693   20.302  6.881   1.00 33.99  ? 46  C   A "O5'" 1 
ATOM   944  C  "C5'" . C   A 1 45 ? 4.037   20.492  6.491   1.00 35.48  ? 46  C   A "C5'" 1 
ATOM   945  C  "C4'" . C   A 1 45 ? 4.155   20.401  5.000   1.00 36.44  ? 46  C   A "C4'" 1 
ATOM   946  O  "O4'" . C   A 1 45 ? 3.689   19.096  4.569   1.00 33.39  ? 46  C   A "O4'" 1 
ATOM   947  C  "C3'" . C   A 1 45 ? 3.277   21.360  4.216   1.00 36.64  ? 46  C   A "C3'" 1 
ATOM   948  O  "O3'" . C   A 1 45 ? 3.779   22.681  4.151   1.00 35.28  ? 46  C   A "O3'" 1 
ATOM   949  C  "C2'" . C   A 1 45 ? 3.178   20.664  2.874   1.00 33.98  ? 46  C   A "C2'" 1 
ATOM   950  O  "O2'" . C   A 1 45 ? 4.398   20.799  2.168   1.00 36.16  ? 46  C   A "O2'" 1 
ATOM   951  C  "C1'" . C   A 1 45 ? 3.056   19.211  3.317   1.00 28.47  ? 46  C   A "C1'" 1 
ATOM   952  N  N1    . C   A 1 45 ? 1.646   18.804  3.471   1.00 34.92  ? 46  C   A N1    1 
ATOM   953  C  C2    . C   A 1 45 ? 0.942   18.501  2.307   1.00 30.99  ? 46  C   A C2    1 
ATOM   954  O  O2    . C   A 1 45 ? 1.528   18.600  1.226   1.00 25.48  ? 46  C   A O2    1 
ATOM   955  N  N3    . C   A 1 45 ? -0.355  18.126  2.382   1.00 32.78  ? 46  C   A N3    1 
ATOM   956  C  C4    . C   A 1 45 ? -0.951  18.051  3.567   1.00 34.45  ? 46  C   A C4    1 
ATOM   957  N  N4    . C   A 1 45 ? -2.234  17.666  3.571   1.00 29.42  ? 46  C   A N4    1 
ATOM   958  C  C5    . C   A 1 45 ? -0.248  18.351  4.781   1.00 30.75  ? 46  C   A C5    1 
ATOM   959  C  C6    . C   A 1 45 ? 1.032   18.727  4.690   1.00 32.48  ? 46  C   A C6    1 
ATOM   960  P  P     . G   A 1 46 ? 2.747   23.909  4.195   1.00 42.10  ? 47  G   A P     1 
ATOM   961  O  OP1   . G   A 1 46 ? 3.483   25.174  4.459   1.00 44.06  ? 47  G   A OP1   1 
ATOM   962  O  OP2   . G   A 1 46 ? 1.619   23.527  5.081   1.00 38.17  ? 47  G   A OP2   1 
ATOM   963  O  "O5'" . G   A 1 46 ? 2.208   23.972  2.699   1.00 36.37  ? 47  G   A "O5'" 1 
ATOM   964  C  "C5'" . G   A 1 46 ? 3.094   24.230  1.622   1.00 39.16  ? 47  G   A "C5'" 1 
ATOM   965  C  "C4'" . G   A 1 46 ? 2.433   23.973  0.294   1.00 41.09  ? 47  G   A "C4'" 1 
ATOM   966  O  "O4'" . G   A 1 46 ? 2.014   22.586  0.217   1.00 38.40  ? 47  G   A "O4'" 1 
ATOM   967  C  "C3'" . G   A 1 46 ? 1.152   24.751  0.028   1.00 36.45  ? 47  G   A "C3'" 1 
ATOM   968  O  "O3'" . G   A 1 46 ? 1.390   26.079  -0.392  1.00 36.59  ? 47  G   A "O3'" 1 
ATOM   969  C  "C2'" . G   A 1 46 ? 0.462   23.891  -1.023  1.00 32.73  ? 47  G   A "C2'" 1 
ATOM   970  O  "O2'" . G   A 1 46 ? 1.064   24.071  -2.296  1.00 37.85  ? 47  G   A "O2'" 1 
ATOM   971  C  "C1'" . G   A 1 46 ? 0.822   22.490  -0.541  1.00 34.10  ? 47  G   A "C1'" 1 
ATOM   972  N  N9    . G   A 1 46 ? -0.243  21.883  0.282   1.00 33.32  ? 47  G   A N9    1 
ATOM   973  C  C8    . G   A 1 46 ? -0.255  21.595  1.628   1.00 32.02  ? 47  G   A C8    1 
ATOM   974  N  N7    . G   A 1 46 ? -1.383  21.043  2.008   1.00 32.43  ? 47  G   A N7    1 
ATOM   975  C  C5    . G   A 1 46 ? -2.151  20.954  0.850   1.00 30.13  ? 47  G   A C5    1 
ATOM   976  C  C6    . G   A 1 46 ? -3.454  20.444  0.614   1.00 29.61  ? 47  G   A C6    1 
ATOM   977  O  O6    . G   A 1 46 ? -4.247  19.929  1.411   1.00 30.49  ? 47  G   A O6    1 
ATOM   978  N  N1    . G   A 1 46 ? -3.821  20.561  -0.721  1.00 31.74  ? 47  G   A N1    1 
ATOM   979  C  C2    . G   A 1 46 ? -3.030  21.098  -1.711  1.00 30.94  ? 47  G   A C2    1 
ATOM   980  N  N2    . G   A 1 46 ? -3.530  21.136  -2.959  1.00 27.08  ? 47  G   A N2    1 
ATOM   981  N  N3    . G   A 1 46 ? -1.823  21.584  -1.495  1.00 29.23  ? 47  G   A N3    1 
ATOM   982  C  C4    . G   A 1 46 ? -1.453  21.468  -0.214  1.00 29.65  ? 47  G   A C4    1 
ATOM   983  P  P     . C   A 1 47 ? 0.294   27.227  -0.140  1.00 35.59  ? 48  C   A P     1 
ATOM   984  O  OP1   . C   A 1 47 ? 0.942   28.468  -0.629  1.00 35.76  ? 48  C   A OP1   1 
ATOM   985  O  OP2   . C   A 1 47 ? -0.228  27.147  1.248   1.00 31.39  ? 48  C   A OP2   1 
ATOM   986  O  "O5'" . C   A 1 47 ? -0.907  26.865  -1.129  1.00 30.86  ? 48  C   A "O5'" 1 
ATOM   987  C  "C5'" . C   A 1 47 ? -0.829  27.208  -2.502  1.00 33.00  ? 48  C   A "C5'" 1 
ATOM   988  C  "C4'" . C   A 1 47 ? -2.028  26.711  -3.268  1.00 37.94  ? 48  C   A "C4'" 1 
ATOM   989  O  "O4'" . C   A 1 47 ? -2.268  25.312  -2.968  1.00 31.86  ? 48  C   A "O4'" 1 
ATOM   990  C  "C3'" . C   A 1 47 ? -3.344  27.384  -2.936  1.00 33.90  ? 48  C   A "C3'" 1 
ATOM   991  O  "O3'" . C   A 1 47 ? -3.492  28.627  -3.586  1.00 33.46  ? 48  C   A "O3'" 1 
ATOM   992  C  "C2'" . C   A 1 47 ? -4.368  26.340  -3.363  1.00 32.71  ? 48  C   A "C2'" 1 
ATOM   993  O  "O2'" . C   A 1 47 ? -4.524  26.334  -4.774  1.00 35.15  ? 48  C   A "O2'" 1 
ATOM   994  C  "C1'" . C   A 1 47 ? -3.655  25.050  -2.981  1.00 32.56  ? 48  C   A "C1'" 1 
ATOM   995  N  N1    . C   A 1 47 ? -4.063  24.527  -1.654  1.00 30.84  ? 48  C   A N1    1 
ATOM   996  C  C2    . C   A 1 47 ? -5.285  23.865  -1.560  1.00 29.17  ? 48  C   A C2    1 
ATOM   997  O  O2    . C   A 1 47 ? -6.002  23.767  -2.569  1.00 33.81  ? 48  C   A O2    1 
ATOM   998  N  N3    . C   A 1 47 ? -5.674  23.363  -0.376  1.00 31.45  ? 48  C   A N3    1 
ATOM   999  C  C4    . C   A 1 47 ? -4.891  23.482  0.697   1.00 30.93  ? 48  C   A C4    1 
ATOM   1000 N  N4    . C   A 1 47 ? -5.332  22.954  1.847   1.00 26.97  ? 48  C   A N4    1 
ATOM   1001 C  C5    . C   A 1 47 ? -3.627  24.144  0.631   1.00 31.45  ? 48  C   A C5    1 
ATOM   1002 C  C6    . C   A 1 47 ? -3.254  24.646  -0.555  1.00 31.85  ? 48  C   A C6    1 
ATOM   1003 P  P     . C   A 1 48 ? -4.123  29.864  -2.788  1.00 32.99  ? 49  C   A P     1 
ATOM   1004 O  OP1   . C   A 1 48 ? -3.858  31.080  -3.591  1.00 44.06  ? 49  C   A OP1   1 
ATOM   1005 O  OP2   . C   A 1 48 ? -3.636  29.827  -1.387  1.00 44.51  ? 49  C   A OP2   1 
ATOM   1006 O  "O5'" . C   A 1 48 ? -5.685  29.542  -2.769  1.00 35.51  ? 49  C   A "O5'" 1 
ATOM   1007 C  "C5'" . C   A 1 48 ? -6.397  29.327  -3.980  1.00 30.66  ? 49  C   A "C5'" 1 
ATOM   1008 C  "C4'" . C   A 1 48 ? -7.797  28.833  -3.715  1.00 32.59  ? 49  C   A "C4'" 1 
ATOM   1009 O  "O4'" . C   A 1 48 ? -7.746  27.510  -3.142  1.00 33.35  ? 49  C   A "O4'" 1 
ATOM   1010 C  "C3'" . C   A 1 48 ? -8.632  29.647  -2.735  1.00 30.35  ? 49  C   A "C3'" 1 
ATOM   1011 O  "O3'" . C   A 1 48 ? -9.313  30.700  -3.391  1.00 37.09  ? 49  C   A "O3'" 1 
ATOM   1012 C  "C2'" . C   A 1 48 ? -9.619  28.632  -2.167  1.00 32.99  ? 49  C   A "C2'" 1 
ATOM   1013 O  "O2'" . C   A 1 48 ? -10.820 28.638  -2.928  1.00 35.38  ? 49  C   A "O2'" 1 
ATOM   1014 C  "C1'" . C   A 1 48 ? -8.875  27.293  -2.332  1.00 30.80  ? 49  C   A "C1'" 1 
ATOM   1015 N  N1    . C   A 1 48 ? -8.413  26.737  -1.044  1.00 28.53  ? 49  C   A N1    1 
ATOM   1016 C  C2    . C   A 1 48 ? -9.232  25.854  -0.333  1.00 30.26  ? 49  C   A C2    1 
ATOM   1017 O  O2    . C   A 1 48 ? -10.335 25.538  -0.806  1.00 28.21  ? 49  C   A O2    1 
ATOM   1018 N  N3    . C   A 1 48 ? -8.800  25.355  0.855   1.00 28.79  ? 49  C   A N3    1 
ATOM   1019 C  C4    . C   A 1 48 ? -7.608  25.708  1.337   1.00 30.10  ? 49  C   A C4    1 
ATOM   1020 N  N4    . C   A 1 48 ? -7.228  25.196  2.522   1.00 34.68  ? 49  C   A N4    1 
ATOM   1021 C  C5    . C   A 1 48 ? -6.759  26.608  0.631   1.00 28.71  ? 49  C   A C5    1 
ATOM   1022 C  C6    . C   A 1 48 ? -7.193  27.093  -0.543  1.00 30.37  ? 49  C   A C6    1 
HETATM 1023 P  PG    . GTP B 2 .  ? -9.538  20.431  7.842   1.00 66.52  ? 101 GTP A PG    1 
HETATM 1024 O  O1G   . GTP B 2 .  ? -9.187  21.683  7.058   1.00 42.21  ? 101 GTP A O1G   1 
HETATM 1025 O  O2G   . GTP B 2 .  ? -8.673  20.311  9.086   1.00 52.61  ? 101 GTP A O2G   1 
HETATM 1026 O  O3G   . GTP B 2 .  ? -9.357  19.239  6.916   1.00 43.00  ? 101 GTP A O3G   1 
HETATM 1027 O  O3B   . GTP B 2 .  ? -11.072 20.553  8.345   1.00 51.43  ? 101 GTP A O3B   1 
HETATM 1028 P  PB    . GTP B 2 .  ? -11.705 19.678  9.553   1.00 41.06  ? 101 GTP A PB    1 
HETATM 1029 O  O1B   . GTP B 2 .  ? -12.527 20.628  10.392  1.00 40.44  ? 101 GTP A O1B   1 
HETATM 1030 O  O2B   . GTP B 2 .  ? -10.669 18.929  10.366  1.00 49.59  ? 101 GTP A O2B   1 
HETATM 1031 O  O3A   . GTP B 2 .  ? -12.792 18.686  8.875   1.00 48.44  ? 101 GTP A O3A   1 
HETATM 1032 P  PA    . GTP B 2 .  ? -12.480 17.490  7.848   1.00 39.74  ? 101 GTP A PA    1 
HETATM 1033 O  O1A   . GTP B 2 .  ? -13.126 16.229  8.369   1.00 37.21  ? 101 GTP A O1A   1 
HETATM 1034 O  O2A   . GTP B 2 .  ? -10.998 17.328  7.621   1.00 37.78  ? 101 GTP A O2A   1 
HETATM 1035 O  "O5'" . GTP B 2 .  ? -13.253 17.956  6.513   1.00 32.43  ? 101 GTP A "O5'" 1 
HETATM 1036 C  "C5'" . GTP B 2 .  ? -14.662 17.966  6.483   1.00 33.58  ? 101 GTP A "C5'" 1 
HETATM 1037 C  "C4'" . GTP B 2 .  ? -15.141 18.620  5.191   1.00 33.62  ? 101 GTP A "C4'" 1 
HETATM 1038 O  "O4'" . GTP B 2 .  ? -15.040 20.020  5.318   1.00 25.17  ? 101 GTP A "O4'" 1 
HETATM 1039 C  "C3'" . GTP B 2 .  ? -14.271 18.277  3.999   1.00 24.15  ? 101 GTP A "C3'" 1 
HETATM 1040 O  "O3'" . GTP B 2 .  ? -14.689 17.113  3.354   1.00 28.45  ? 101 GTP A "O3'" 1 
HETATM 1041 C  "C2'" . GTP B 2 .  ? -14.414 19.502  3.136   1.00 28.41  ? 101 GTP A "C2'" 1 
HETATM 1042 O  "O2'" . GTP B 2 .  ? -15.674 19.544  2.524   1.00 31.45  ? 101 GTP A "O2'" 1 
HETATM 1043 C  "C1'" . GTP B 2 .  ? -14.467 20.595  4.156   1.00 30.31  ? 101 GTP A "C1'" 1 
HETATM 1044 N  N9    . GTP B 2 .  ? -13.082 21.023  4.359   1.00 28.76  ? 101 GTP A N9    1 
HETATM 1045 C  C8    . GTP B 2 .  ? -12.252 20.678  5.394   1.00 33.43  ? 101 GTP A C8    1 
HETATM 1046 N  N7    . GTP B 2 .  ? -11.060 21.299  5.208   1.00 31.85  ? 101 GTP A N7    1 
HETATM 1047 C  C5    . GTP B 2 .  ? -11.124 22.038  4.084   1.00 30.15  ? 101 GTP A C5    1 
HETATM 1048 C  C6    . GTP B 2 .  ? -10.209 22.863  3.440   1.00 30.52  ? 101 GTP A C6    1 
HETATM 1049 O  O6    . GTP B 2 .  ? -9.083  23.046  3.873   1.00 31.72  ? 101 GTP A O6    1 
HETATM 1050 N  N1    . GTP B 2 .  ? -10.566 23.508  2.282   1.00 32.75  ? 101 GTP A N1    1 
HETATM 1051 C  C2    . GTP B 2 .  ? -11.829 23.325  1.761   1.00 27.49  ? 101 GTP A C2    1 
HETATM 1052 N  N2    . GTP B 2 .  ? -12.145 23.941  0.631   1.00 28.62  ? 101 GTP A N2    1 
HETATM 1053 N  N3    . GTP B 2 .  ? -12.738 22.505  2.399   1.00 26.53  ? 101 GTP A N3    1 
HETATM 1054 C  C4    . GTP B 2 .  ? -12.396 21.874  3.543   1.00 27.26  ? 101 GTP A C4    1 
HETATM 1055 C  C10   . J8U C 3 .  ? -6.338  5.999   -7.374  1.00 33.72  ? 102 J8U A C10   1 
HETATM 1056 C  C13   . J8U C 3 .  ? -2.695  5.266   0.829   1.00 31.75  ? 102 J8U A C13   1 
HETATM 1057 C  C17   . J8U C 3 .  ? -0.553  5.100   1.894   1.00 31.76  ? 102 J8U A C17   1 
HETATM 1058 C  C20   . J8U C 3 .  ? -3.310  5.380   2.065   1.00 32.80  ? 102 J8U A C20   1 
HETATM 1059 C  C21   . J8U C 3 .  ? -0.336  5.131   4.420   1.00 32.33  ? 102 J8U A C21   1 
HETATM 1060 C  C24   . J8U C 3 .  ? -3.932  6.734   -10.950 1.00 34.20  ? 102 J8U A C24   1 
HETATM 1061 C  C01   . J8U C 3 .  ? -3.286  4.929   -5.388  1.00 32.09  ? 102 J8U A C01   1 
HETATM 1062 C  C02   . J8U C 3 .  ? -4.589  5.329   -5.632  1.00 32.24  ? 102 J8U A C02   1 
HETATM 1063 C  C03   . J8U C 3 .  ? -5.414  5.648   -4.566  1.00 33.88  ? 102 J8U A C03   1 
HETATM 1064 C  C04   . J8U C 3 .  ? -4.933  5.561   -3.260  1.00 33.90  ? 102 J8U A C04   1 
HETATM 1065 C  C05   . J8U C 3 .  ? -3.631  5.142   -3.008  1.00 33.71  ? 102 J8U A C05   1 
HETATM 1066 C  C06   . J8U C 3 .  ? -2.811  4.844   -4.090  1.00 32.60  ? 102 J8U A C06   1 
HETATM 1067 C  C08   . J8U C 3 .  ? -4.156  4.979   -8.072  1.00 36.40  ? 102 J8U A C08   1 
HETATM 1068 C  C09   . J8U C 3 .  ? -3.456  6.194   -8.687  1.00 38.19  ? 102 J8U A C09   1 
HETATM 1069 C  C11   . J8U C 3 .  ? -3.002  5.053   -1.603  1.00 31.74  ? 102 J8U A C11   1 
HETATM 1070 C  C12   . J8U C 3 .  ? -3.541  5.363   -0.431  1.00 32.04  ? 102 J8U A C12   1 
HETATM 1071 C  C14   . J8U C 3 .  ? -4.976  5.863   -0.248  1.00 39.31  ? 102 J8U A C14   1 
HETATM 1072 C  C16   . J8U C 3 .  ? -1.316  5.146   0.739   1.00 30.24  ? 102 J8U A C16   1 
HETATM 1073 C  C18   . J8U C 3 .  ? -1.172  5.187   3.141   1.00 34.87  ? 102 J8U A C18   1 
HETATM 1074 C  C19   . J8U C 3 .  ? -2.551  5.328   3.222   1.00 32.65  ? 102 J8U A C19   1 
HETATM 1075 C  C25   . J8U C 3 .  ? -1.679  6.276   -10.263 1.00 32.94  ? 102 J8U A C25   1 
HETATM 1076 N  N07   . J8U C 3 .  ? -5.044  5.425   -7.012  1.00 37.91  ? 102 J8U A N07   1 
HETATM 1077 N  N15   . J8U C 3 .  ? -6.042  6.242   -0.116  1.00 37.31  ? 102 J8U A N15   1 
HETATM 1078 N  N22   . J8U C 3 .  ? 0.299   5.088   5.358   1.00 33.61  ? 102 J8U A N22   1 
HETATM 1079 N  N23   . J8U C 3 .  ? -3.083  5.940   -10.069 1.00 38.76  ? 102 J8U A N23   1 
HETATM 1080 MG MG    . MG  D 4 .  ? 6.924   6.024   -0.171  1.00 36.71  ? 103 MG  A MG    1 
HETATM 1081 MG MG    . MG  E 4 .  ? 9.113   -5.144  -9.537  1.00 27.18  ? 104 MG  A MG    1 
HETATM 1082 MG MG    . MG  F 4 .  ? 9.981   3.054   -10.218 1.00 34.38  ? 105 MG  A MG    1 
HETATM 1083 MG MG    . MG  G 4 .  ? -6.887  13.803  0.762   1.00 31.94  ? 106 MG  A MG    1 
HETATM 1084 MG MG    . MG  H 4 .  ? 10.726  5.056   2.233   1.00 40.49  ? 107 MG  A MG    1 
HETATM 1085 O  O     . HOH I 5 .  ? -9.342  13.108  8.298   1.00 49.39  ? 201 HOH A O     1 
HETATM 1086 O  O     . HOH I 5 .  ? -2.660  -0.303  -12.006 1.00 32.97  ? 202 HOH A O     1 
HETATM 1087 O  O     . HOH I 5 .  ? 6.776   -4.056  -9.561  1.00 23.62  ? 203 HOH A O     1 
HETATM 1088 O  O     . HOH I 5 .  ? -11.995 13.136  -5.264  1.00 24.31  ? 204 HOH A O     1 
HETATM 1089 O  O     . HOH I 5 .  ? -11.090 14.978  0.661   1.00 35.26  ? 205 HOH A O     1 
HETATM 1090 O  O     . HOH I 5 .  ? 7.144   9.701   -12.487 1.00 33.82  ? 206 HOH A O     1 
HETATM 1091 O  O     . HOH I 5 .  ? 15.029  1.432   -12.519 1.00 31.47  ? 207 HOH A O     1 
HETATM 1092 O  O     . HOH I 5 .  ? 1.410   4.660   -12.269 1.00 25.41  ? 208 HOH A O     1 
HETATM 1093 O  O     . HOH I 5 .  ? -1.296  1.503   -1.860  1.00 32.05  ? 209 HOH A O     1 
HETATM 1094 O  O     . HOH I 5 .  ? -15.379 18.494  -4.864  1.00 29.07  ? 210 HOH A O     1 
HETATM 1095 O  O     . HOH I 5 .  ? -5.669  13.610  -3.392  1.00 28.87  ? 211 HOH A O     1 
HETATM 1096 O  O     . HOH I 5 .  ? 7.477   3.505   3.606   1.00 33.94  ? 212 HOH A O     1 
HETATM 1097 O  O     . HOH I 5 .  ? -3.688  12.044  3.003   1.00 32.17  ? 213 HOH A O     1 
HETATM 1098 O  O     . HOH I 5 .  ? 10.999  -7.779  -5.794  1.00 32.85  ? 214 HOH A O     1 
HETATM 1099 O  O     . HOH I 5 .  ? -3.946  14.627  3.979   1.00 31.10  ? 215 HOH A O     1 
HETATM 1100 O  O     . HOH I 5 .  ? 8.908   6.485   -0.479  1.00 31.94  ? 216 HOH A O     1 
HETATM 1101 O  O     . HOH I 5 .  ? 8.153   3.660   -10.223 1.00 29.91  ? 217 HOH A O     1 
HETATM 1102 O  O     . HOH I 5 .  ? -1.533  19.100  8.023   1.00 32.01  ? 218 HOH A O     1 
HETATM 1103 O  O     . HOH I 5 .  ? 12.057  2.699   -10.346 1.00 26.48  ? 219 HOH A O     1 
HETATM 1104 O  O     . HOH I 5 .  ? 10.692  4.881   -10.416 1.00 31.57  ? 220 HOH A O     1 
HETATM 1105 O  O     . HOH I 5 .  ? 0.791   -1.750  -11.810 1.00 19.76  ? 221 HOH A O     1 
HETATM 1106 O  O     . HOH I 5 .  ? 9.380   4.945   5.859   1.00 36.58  ? 222 HOH A O     1 
HETATM 1107 O  O     . HOH I 5 .  ? 9.863   -3.501  -10.596 1.00 27.57  ? 223 HOH A O     1 
HETATM 1108 O  O     . HOH I 5 .  ? 1.450   10.994  -10.002 1.00 42.78  ? 224 HOH A O     1 
HETATM 1109 O  O     . HOH I 5 .  ? 9.594   -13.544 -8.577  1.00 35.13  ? 225 HOH A O     1 
HETATM 1110 O  O     . HOH I 5 .  ? 9.348   0.057   -4.969  1.00 29.47  ? 226 HOH A O     1 
HETATM 1111 O  O     . HOH I 5 .  ? 0.448   -0.871  -2.526  1.00 26.15  ? 227 HOH A O     1 
HETATM 1112 O  O     . HOH I 5 .  ? 7.120   5.083   -1.963  1.00 26.17  ? 228 HOH A O     1 
HETATM 1113 O  O     . HOH I 5 .  ? 6.103   -4.959  -6.437  1.00 26.62  ? 229 HOH A O     1 
HETATM 1114 O  O     . HOH I 5 .  ? 10.193  3.181   -8.053  1.00 20.12  ? 230 HOH A O     1 
HETATM 1115 O  O     . HOH I 5 .  ? 8.839   -3.849  -7.955  1.00 25.79  ? 231 HOH A O     1 
HETATM 1116 O  O     . HOH I 5 .  ? -13.004 14.227  10.178  1.00 57.01  ? 232 HOH A O     1 
HETATM 1117 O  O     . HOH I 5 .  ? 8.327   4.231   0.784   1.00 32.17  ? 233 HOH A O     1 
HETATM 1118 O  O     . HOH I 5 .  ? -2.197  -5.054  -0.936  1.00 28.78  ? 234 HOH A O     1 
HETATM 1119 O  O     . HOH I 5 .  ? 13.780  -6.841  -6.304  1.00 17.49  ? 235 HOH A O     1 
HETATM 1120 O  O     . HOH I 5 .  ? 8.093   -5.953  -7.980  1.00 24.26  ? 236 HOH A O     1 
HETATM 1121 O  O     . HOH I 5 .  ? 6.013   -8.034  -10.677 1.00 30.72  ? 237 HOH A O     1 
HETATM 1122 O  O     . HOH I 5 .  ? -9.584  -3.455  8.635   1.00 45.05  ? 238 HOH A O     1 
HETATM 1123 O  O     . HOH I 5 .  ? -6.700  13.439  2.634   1.00 29.05  ? 239 HOH A O     1 
HETATM 1124 O  O     . HOH I 5 .  ? -5.982  12.816  7.058   1.00 46.65  ? 240 HOH A O     1 
HETATM 1125 O  O     . HOH I 5 .  ? 6.779   -2.462  -7.081  1.00 22.27  ? 241 HOH A O     1 
HETATM 1126 O  O     . HOH I 5 .  ? 10.268  -5.114  -6.001  1.00 12.97  ? 242 HOH A O     1 
HETATM 1127 O  O     . HOH I 5 .  ? 0.903   0.946   -0.165  1.00 31.77  ? 243 HOH A O     1 
HETATM 1128 O  O     . HOH I 5 .  ? 4.077   2.095   -9.952  1.00 25.83  ? 244 HOH A O     1 
HETATM 1129 O  O     . HOH I 5 .  ? -5.074  12.769  0.745   1.00 29.44  ? 245 HOH A O     1 
HETATM 1130 O  O     . HOH I 5 .  ? -8.541  14.902  1.479   1.00 27.75  ? 246 HOH A O     1 
HETATM 1131 O  O     . HOH I 5 .  ? -4.741  20.751  -6.511  1.00 31.53  ? 247 HOH A O     1 
HETATM 1132 O  O     . HOH I 5 .  ? -9.035  14.398  -2.196  1.00 28.21  ? 248 HOH A O     1 
HETATM 1133 O  O     . HOH I 5 .  ? -6.497  14.565  -0.954  1.00 29.81  ? 249 HOH A O     1 
HETATM 1134 O  O     . HOH I 5 .  ? 9.498   0.969   -10.151 1.00 33.40  ? 250 HOH A O     1 
HETATM 1135 O  O     . HOH I 5 .  ? 7.936   0.188   -8.356  1.00 26.58  ? 251 HOH A O     1 
HETATM 1136 O  O     . HOH I 5 .  ? -0.822  -3.250  -2.586  1.00 37.49  ? 252 HOH A O     1 
HETATM 1137 O  O     . HOH I 5 .  ? 8.174   -6.861  -10.638 1.00 26.67  ? 253 HOH A O     1 
HETATM 1138 O  O     . HOH I 5 .  ? -1.148  10.958  -8.505  1.00 33.49  ? 254 HOH A O     1 
HETATM 1139 O  O     . HOH I 5 .  ? -1.022  24.613  3.776   1.00 33.86  ? 255 HOH A O     1 
HETATM 1140 O  O     . HOH I 5 .  ? -5.730  15.050  1.799   1.00 27.27  ? 256 HOH A O     1 
HETATM 1141 O  O     . HOH I 5 .  ? -8.203  11.162  -5.006  1.00 37.82  ? 257 HOH A O     1 
HETATM 1142 O  O     . HOH I 5 .  ? -13.997 15.732  11.513  1.00 49.78  ? 258 HOH A O     1 
HETATM 1143 O  O     . HOH I 5 .  ? -6.957  3.036   6.081   1.00 42.74  ? 259 HOH A O     1 
HETATM 1144 O  O     . HOH I 5 .  ? -3.019  21.545  5.220   1.00 40.07  ? 260 HOH A O     1 
HETATM 1145 O  O     . HOH I 5 .  ? -7.625  5.092   5.689   1.00 47.65  ? 261 HOH A O     1 
HETATM 1146 O  O     . HOH I 5 .  ? -6.217  4.880   7.570   1.00 41.59  ? 262 HOH A O     1 
HETATM 1147 O  O     . HOH I 5 .  ? -15.404 12.585  9.838   1.00 49.94  ? 263 HOH A O     1 
# 
loop_
_pdbx_poly_seq_scheme.asym_id 
_pdbx_poly_seq_scheme.entity_id 
_pdbx_poly_seq_scheme.seq_id 
_pdbx_poly_seq_scheme.mon_id 
_pdbx_poly_seq_scheme.ndb_seq_num 
_pdbx_poly_seq_scheme.pdb_seq_num 
_pdbx_poly_seq_scheme.auth_seq_num 
_pdbx_poly_seq_scheme.pdb_mon_id 
_pdbx_poly_seq_scheme.auth_mon_id 
_pdbx_poly_seq_scheme.pdb_strand_id 
_pdbx_poly_seq_scheme.pdb_ins_code 
_pdbx_poly_seq_scheme.hetero 
A 1 1  G 1  2  2  G G A . n 
A 1 2  C 2  3  3  C C A . n 
A 1 3  G 3  4  4  G G A . n 
A 1 4  C 4  5  5  C C A . n 
A 1 5  A 5  6  6  A A A . n 
A 1 6  C 6  7  7  C C A . n 
A 1 7  U 7  8  8  U U A . n 
A 1 8  G 8  9  9  G G A . n 
A 1 9  G 9  10 10 G G A . n 
A 1 10 C 10 11 11 C C A . n 
A 1 11 G 11 12 12 G G A . n 
A 1 12 C 12 13 13 C C A . n 
A 1 13 U 13 14 14 U U A . n 
A 1 14 G 14 15 15 G G A . n 
A 1 15 C 15 16 16 C C A . n 
A 1 16 G 16 17 17 G G A . n 
A 1 17 C 17 18 18 C C A . n 
A 1 18 C 18 19 19 C C A . n 
A 1 19 U 19 20 20 U U A . n 
A 1 20 U 20 21 21 U U A . n 
A 1 21 C 21 22 22 C C A . n 
A 1 22 G 22 23 23 G G A . n 
A 1 23 G 23 24 24 G G A . n 
A 1 24 G 24 25 25 G G A . n 
A 1 25 C 25 26 26 C C A . n 
A 1 26 G 26 27 27 G G A . n 
A 1 27 C 27 28 28 C C A . n 
A 1 28 C 28 29 29 C C A . n 
A 1 29 A 29 30 30 A A A . n 
A 1 30 A 30 31 31 A A A . n 
A 1 31 U 31 32 32 U U A . n 
A 1 32 C 32 33 33 C C A . n 
A 1 33 G 33 34 34 G G A . n 
A 1 34 U 34 35 35 U U A . n 
A 1 35 A 35 36 36 A A A . n 
A 1 36 G 36 37 37 G G A . n 
A 1 37 C 37 38 38 C C A . n 
A 1 38 G 38 39 39 G G A . n 
A 1 39 U 39 40 40 U U A . n 
A 1 40 G 40 41 41 G G A . n 
A 1 41 U 41 42 42 U U A . n 
A 1 42 C 42 43 43 C C A . n 
A 1 43 G 43 44 44 G G A . n 
A 1 44 G 44 45 45 G G A . n 
A 1 45 C 45 46 46 C C A . n 
A 1 46 G 46 47 47 G G A . n 
A 1 47 C 47 48 48 C C A . n 
A 1 48 C 48 49 49 C C A . n 
# 
loop_
_pdbx_nonpoly_scheme.asym_id 
_pdbx_nonpoly_scheme.entity_id 
_pdbx_nonpoly_scheme.mon_id 
_pdbx_nonpoly_scheme.ndb_seq_num 
_pdbx_nonpoly_scheme.pdb_seq_num 
_pdbx_nonpoly_scheme.auth_seq_num 
_pdbx_nonpoly_scheme.pdb_mon_id 
_pdbx_nonpoly_scheme.auth_mon_id 
_pdbx_nonpoly_scheme.pdb_strand_id 
_pdbx_nonpoly_scheme.pdb_ins_code 
B 2 GTP 1  101 1  GTP GTP A . 
C 3 J8U 1  102 1  J8U LIG A . 
D 4 MG  1  103 1  MG  MG  A . 
E 4 MG  1  104 2  MG  MG  A . 
F 4 MG  1  105 3  MG  MG  A . 
G 4 MG  1  106 4  MG  MG  A . 
H 4 MG  1  107 5  MG  MG  A . 
I 5 HOH 1  201 43 HOH HOH A . 
I 5 HOH 2  202 19 HOH HOH A . 
I 5 HOH 3  203 10 HOH HOH A . 
I 5 HOH 4  204 60 HOH HOH A . 
I 5 HOH 5  205 49 HOH HOH A . 
I 5 HOH 6  206 25 HOH HOH A . 
I 5 HOH 7  207 24 HOH HOH A . 
I 5 HOH 8  208 18 HOH HOH A . 
I 5 HOH 9  209 40 HOH HOH A . 
I 5 HOH 10 210 34 HOH HOH A . 
I 5 HOH 11 211 42 HOH HOH A . 
I 5 HOH 12 212 32 HOH HOH A . 
I 5 HOH 13 213 48 HOH HOH A . 
I 5 HOH 14 214 9  HOH HOH A . 
I 5 HOH 15 215 26 HOH HOH A . 
I 5 HOH 16 216 47 HOH HOH A . 
I 5 HOH 17 217 21 HOH HOH A . 
I 5 HOH 18 218 57 HOH HOH A . 
I 5 HOH 19 219 20 HOH HOH A . 
I 5 HOH 20 220 23 HOH HOH A . 
I 5 HOH 21 221 2  HOH HOH A . 
I 5 HOH 22 222 6  HOH HOH A . 
I 5 HOH 23 223 13 HOH HOH A . 
I 5 HOH 24 224 61 HOH HOH A . 
I 5 HOH 25 225 51 HOH HOH A . 
I 5 HOH 26 226 14 HOH HOH A . 
I 5 HOH 27 227 8  HOH HOH A . 
I 5 HOH 28 228 45 HOH HOH A . 
I 5 HOH 29 229 38 HOH HOH A . 
I 5 HOH 30 230 15 HOH HOH A . 
I 5 HOH 31 231 50 HOH HOH A . 
I 5 HOH 32 232 52 HOH HOH A . 
I 5 HOH 33 233 46 HOH HOH A . 
I 5 HOH 34 234 7  HOH HOH A . 
I 5 HOH 35 235 3  HOH HOH A . 
I 5 HOH 36 236 12 HOH HOH A . 
I 5 HOH 37 237 54 HOH HOH A . 
I 5 HOH 38 238 37 HOH HOH A . 
I 5 HOH 39 239 58 HOH HOH A . 
I 5 HOH 40 240 63 HOH HOH A . 
I 5 HOH 41 241 4  HOH HOH A . 
I 5 HOH 42 242 1  HOH HOH A . 
I 5 HOH 43 243 39 HOH HOH A . 
I 5 HOH 44 244 17 HOH HOH A . 
I 5 HOH 45 245 55 HOH HOH A . 
I 5 HOH 46 246 35 HOH HOH A . 
I 5 HOH 47 247 53 HOH HOH A . 
I 5 HOH 48 248 59 HOH HOH A . 
I 5 HOH 49 249 5  HOH HOH A . 
I 5 HOH 50 250 22 HOH HOH A . 
I 5 HOH 51 251 16 HOH HOH A . 
I 5 HOH 52 252 31 HOH HOH A . 
I 5 HOH 53 253 11 HOH HOH A . 
I 5 HOH 54 254 44 HOH HOH A . 
I 5 HOH 55 255 29 HOH HOH A . 
I 5 HOH 56 256 56 HOH HOH A . 
I 5 HOH 57 257 36 HOH HOH A . 
I 5 HOH 58 258 33 HOH HOH A . 
I 5 HOH 59 259 27 HOH HOH A . 
I 5 HOH 60 260 30 HOH HOH A . 
I 5 HOH 61 261 28 HOH HOH A . 
I 5 HOH 62 262 41 HOH HOH A . 
I 5 HOH 63 263 62 HOH HOH A . 
# 
_pdbx_struct_assembly.id                   1 
_pdbx_struct_assembly.details              author_and_software_defined_assembly 
_pdbx_struct_assembly.method_details       PISA 
_pdbx_struct_assembly.oligomeric_details   monomeric 
_pdbx_struct_assembly.oligomeric_count     1 
# 
_pdbx_struct_assembly_gen.assembly_id       1 
_pdbx_struct_assembly_gen.oper_expression   1 
_pdbx_struct_assembly_gen.asym_id_list      A,B,C,D,E,F,G,H,I 
# 
loop_
_pdbx_struct_assembly_prop.biol_id 
_pdbx_struct_assembly_prop.type 
_pdbx_struct_assembly_prop.value 
_pdbx_struct_assembly_prop.details 
1 'ABSA (A^2)' 420  ? 
1 MORE         -9   ? 
1 'SSA (A^2)'  8290 ? 
# 
_pdbx_struct_oper_list.id                   1 
_pdbx_struct_oper_list.type                 'identity operation' 
_pdbx_struct_oper_list.name                 1_555 
_pdbx_struct_oper_list.symmetry_operation   x,y,z 
_pdbx_struct_oper_list.matrix[1][1]         1.0000000000 
_pdbx_struct_oper_list.matrix[1][2]         0.0000000000 
_pdbx_struct_oper_list.matrix[1][3]         0.0000000000 
_pdbx_struct_oper_list.vector[1]            0.0000000000 
_pdbx_struct_oper_list.matrix[2][1]         0.0000000000 
_pdbx_struct_oper_list.matrix[2][2]         1.0000000000 
_pdbx_struct_oper_list.matrix[2][3]         0.0000000000 
_pdbx_struct_oper_list.vector[2]            0.0000000000 
_pdbx_struct_oper_list.matrix[3][1]         0.0000000000 
_pdbx_struct_oper_list.matrix[3][2]         0.0000000000 
_pdbx_struct_oper_list.matrix[3][3]         1.0000000000 
_pdbx_struct_oper_list.vector[3]            0.0000000000 
# 
loop_
_pdbx_struct_conn_angle.id 
_pdbx_struct_conn_angle.ptnr1_label_atom_id 
_pdbx_struct_conn_angle.ptnr1_label_alt_id 
_pdbx_struct_conn_angle.ptnr1_label_asym_id 
_pdbx_struct_conn_angle.ptnr1_label_comp_id 
_pdbx_struct_conn_angle.ptnr1_label_seq_id 
_pdbx_struct_conn_angle.ptnr1_auth_atom_id 
_pdbx_struct_conn_angle.ptnr1_auth_asym_id 
_pdbx_struct_conn_angle.ptnr1_auth_comp_id 
_pdbx_struct_conn_angle.ptnr1_auth_seq_id 
_pdbx_struct_conn_angle.ptnr1_PDB_ins_code 
_pdbx_struct_conn_angle.ptnr1_symmetry 
_pdbx_struct_conn_angle.ptnr2_label_atom_id 
_pdbx_struct_conn_angle.ptnr2_label_alt_id 
_pdbx_struct_conn_angle.ptnr2_label_asym_id 
_pdbx_struct_conn_angle.ptnr2_label_comp_id 
_pdbx_struct_conn_angle.ptnr2_label_seq_id 
_pdbx_struct_conn_angle.ptnr2_auth_atom_id 
_pdbx_struct_conn_angle.ptnr2_auth_asym_id 
_pdbx_struct_conn_angle.ptnr2_auth_comp_id 
_pdbx_struct_conn_angle.ptnr2_auth_seq_id 
_pdbx_struct_conn_angle.ptnr2_PDB_ins_code 
_pdbx_struct_conn_angle.ptnr2_symmetry 
_pdbx_struct_conn_angle.ptnr3_label_atom_id 
_pdbx_struct_conn_angle.ptnr3_label_alt_id 
_pdbx_struct_conn_angle.ptnr3_label_asym_id 
_pdbx_struct_conn_angle.ptnr3_label_comp_id 
_pdbx_struct_conn_angle.ptnr3_label_seq_id 
_pdbx_struct_conn_angle.ptnr3_auth_atom_id 
_pdbx_struct_conn_angle.ptnr3_auth_asym_id 
_pdbx_struct_conn_angle.ptnr3_auth_comp_id 
_pdbx_struct_conn_angle.ptnr3_auth_seq_id 
_pdbx_struct_conn_angle.ptnr3_PDB_ins_code 
_pdbx_struct_conn_angle.ptnr3_symmetry 
_pdbx_struct_conn_angle.value 
_pdbx_struct_conn_angle.value_esd 
1  OP2 ? A C   6  ? A C   7   ? 1_555 MG ? D MG . ? A MG 103 ? 1_555 OP2 ? A U   7 ? A U   8   ? 1_555 101.2 ? 
2  OP2 ? A C   6  ? A C   7   ? 1_555 MG ? D MG . ? A MG 103 ? 1_555 O   ? I HOH . ? A HOH 216 ? 1_555 90.0  ? 
3  OP2 ? A U   7  ? A U   8   ? 1_555 MG ? D MG . ? A MG 103 ? 1_555 O   ? I HOH . ? A HOH 216 ? 1_555 80.8  ? 
4  OP2 ? A C   6  ? A C   7   ? 1_555 MG ? D MG . ? A MG 103 ? 1_555 O   ? I HOH . ? A HOH 228 ? 1_555 92.3  ? 
5  OP2 ? A U   7  ? A U   8   ? 1_555 MG ? D MG . ? A MG 103 ? 1_555 O   ? I HOH . ? A HOH 228 ? 1_555 158.9 ? 
6  O   ? I HOH .  ? A HOH 216 ? 1_555 MG ? D MG . ? A MG 103 ? 1_555 O   ? I HOH . ? A HOH 228 ? 1_555 83.1  ? 
7  OP2 ? A C   6  ? A C   7   ? 1_555 MG ? D MG . ? A MG 103 ? 1_555 O   ? I HOH . ? A HOH 233 ? 1_555 160.8 ? 
8  OP2 ? A U   7  ? A U   8   ? 1_555 MG ? D MG . ? A MG 103 ? 1_555 O   ? I HOH . ? A HOH 233 ? 1_555 74.8  ? 
9  O   ? I HOH .  ? A HOH 216 ? 1_555 MG ? D MG . ? A MG 103 ? 1_555 O   ? I HOH . ? A HOH 233 ? 1_555 70.9  ? 
10 O   ? I HOH .  ? A HOH 228 ? 1_555 MG ? D MG . ? A MG 103 ? 1_555 O   ? I HOH . ? A HOH 233 ? 1_555 87.1  ? 
11 OP1 ? A U   7  ? A U   8   ? 1_555 MG ? H MG . ? A MG 107 ? 1_555 O   ? I HOH . ? A HOH 224 ? 4_555 97.8  ? 
12 OP1 ? A U   7  ? A U   8   ? 1_555 MG ? H MG . ? A MG 107 ? 1_555 O   ? I HOH . ? A HOH 233 ? 1_555 86.3  ? 
13 O   ? I HOH .  ? A HOH 224 ? 4_555 MG ? H MG . ? A MG 107 ? 1_555 O   ? I HOH . ? A HOH 233 ? 1_555 98.8  ? 
14 OP1 ? A U   7  ? A U   8   ? 1_555 MG ? H MG . ? A MG 107 ? 1_555 O   ? I HOH . ? A HOH 254 ? 4_555 167.5 ? 
15 O   ? I HOH .  ? A HOH 224 ? 4_555 MG ? H MG . ? A MG 107 ? 1_555 O   ? I HOH . ? A HOH 254 ? 4_555 83.7  ? 
16 O   ? I HOH .  ? A HOH 233 ? 1_555 MG ? H MG . ? A MG 107 ? 1_555 O   ? I HOH . ? A HOH 254 ? 4_555 105.8 ? 
17 OP2 ? A A   29 ? A A   30  ? 1_555 MG ? E MG . ? A MG 104 ? 1_555 O   ? I HOH . ? A HOH 203 ? 1_555 154.3 ? 
18 OP2 ? A A   29 ? A A   30  ? 1_555 MG ? E MG . ? A MG 104 ? 1_555 O   ? I HOH . ? A HOH 223 ? 1_555 97.2  ? 
19 O   ? I HOH .  ? A HOH 203 ? 1_555 MG ? E MG . ? A MG 104 ? 1_555 O   ? I HOH . ? A HOH 223 ? 1_555 89.4  ? 
20 OP2 ? A A   29 ? A A   30  ? 1_555 MG ? E MG . ? A MG 104 ? 1_555 O   ? I HOH . ? A HOH 231 ? 1_555 87.7  ? 
21 O   ? I HOH .  ? A HOH 203 ? 1_555 MG ? E MG . ? A MG 104 ? 1_555 O   ? I HOH . ? A HOH 231 ? 1_555 67.8  ? 
22 O   ? I HOH .  ? A HOH 223 ? 1_555 MG ? E MG . ? A MG 104 ? 1_555 O   ? I HOH . ? A HOH 231 ? 1_555 86.7  ? 
23 OP2 ? A A   29 ? A A   30  ? 1_555 MG ? E MG . ? A MG 104 ? 1_555 O   ? I HOH . ? A HOH 236 ? 1_555 89.7  ? 
24 O   ? I HOH .  ? A HOH 203 ? 1_555 MG ? E MG . ? A MG 104 ? 1_555 O   ? I HOH . ? A HOH 236 ? 1_555 73.7  ? 
25 O   ? I HOH .  ? A HOH 223 ? 1_555 MG ? E MG . ? A MG 104 ? 1_555 O   ? I HOH . ? A HOH 236 ? 1_555 151.7 ? 
26 O   ? I HOH .  ? A HOH 231 ? 1_555 MG ? E MG . ? A MG 104 ? 1_555 O   ? I HOH . ? A HOH 236 ? 1_555 66.1  ? 
27 OP2 ? A A   29 ? A A   30  ? 1_555 MG ? E MG . ? A MG 104 ? 1_555 O   ? I HOH . ? A HOH 253 ? 1_555 111.0 ? 
28 O   ? I HOH .  ? A HOH 203 ? 1_555 MG ? E MG . ? A MG 104 ? 1_555 O   ? I HOH . ? A HOH 253 ? 1_555 86.5  ? 
29 O   ? I HOH .  ? A HOH 223 ? 1_555 MG ? E MG . ? A MG 104 ? 1_555 O   ? I HOH . ? A HOH 253 ? 1_555 120.1 ? 
30 O   ? I HOH .  ? A HOH 231 ? 1_555 MG ? E MG . ? A MG 104 ? 1_555 O   ? I HOH . ? A HOH 253 ? 1_555 143.2 ? 
31 O   ? I HOH .  ? A HOH 236 ? 1_555 MG ? E MG . ? A MG 104 ? 1_555 O   ? I HOH . ? A HOH 253 ? 1_555 82.0  ? 
32 OP2 ? A U   31 ? A U   32  ? 1_555 MG ? F MG . ? A MG 105 ? 1_555 O   ? I HOH . ? A HOH 217 ? 1_555 92.0  ? 
33 OP2 ? A U   31 ? A U   32  ? 1_555 MG ? F MG . ? A MG 105 ? 1_555 O   ? I HOH . ? A HOH 219 ? 1_555 83.9  ? 
34 O   ? I HOH .  ? A HOH 217 ? 1_555 MG ? F MG . ? A MG 105 ? 1_555 O   ? I HOH . ? A HOH 219 ? 1_555 170.6 ? 
35 OP2 ? A U   31 ? A U   32  ? 1_555 MG ? F MG . ? A MG 105 ? 1_555 O   ? I HOH . ? A HOH 220 ? 1_555 80.6  ? 
36 O   ? I HOH .  ? A HOH 217 ? 1_555 MG ? F MG . ? A MG 105 ? 1_555 O   ? I HOH . ? A HOH 220 ? 1_555 92.9  ? 
37 O   ? I HOH .  ? A HOH 219 ? 1_555 MG ? F MG . ? A MG 105 ? 1_555 O   ? I HOH . ? A HOH 220 ? 1_555 78.1  ? 
38 OP2 ? A U   31 ? A U   32  ? 1_555 MG ? F MG . ? A MG 105 ? 1_555 O   ? I HOH . ? A HOH 230 ? 1_555 169.4 ? 
39 O   ? I HOH .  ? A HOH 217 ? 1_555 MG ? F MG . ? A MG 105 ? 1_555 O   ? I HOH . ? A HOH 230 ? 1_555 94.4  ? 
40 O   ? I HOH .  ? A HOH 219 ? 1_555 MG ? F MG . ? A MG 105 ? 1_555 O   ? I HOH . ? A HOH 230 ? 1_555 88.5  ? 
41 O   ? I HOH .  ? A HOH 220 ? 1_555 MG ? F MG . ? A MG 105 ? 1_555 O   ? I HOH . ? A HOH 230 ? 1_555 90.6  ? 
42 OP2 ? A U   31 ? A U   32  ? 1_555 MG ? F MG . ? A MG 105 ? 1_555 O   ? I HOH . ? A HOH 250 ? 1_555 95.2  ? 
43 O   ? I HOH .  ? A HOH 217 ? 1_555 MG ? F MG . ? A MG 105 ? 1_555 O   ? I HOH . ? A HOH 250 ? 1_555 95.3  ? 
44 O   ? I HOH .  ? A HOH 219 ? 1_555 MG ? F MG . ? A MG 105 ? 1_555 O   ? I HOH . ? A HOH 250 ? 1_555 93.4  ? 
45 O   ? I HOH .  ? A HOH 220 ? 1_555 MG ? F MG . ? A MG 105 ? 1_555 O   ? I HOH . ? A HOH 250 ? 1_555 170.9 ? 
46 O   ? I HOH .  ? A HOH 230 ? 1_555 MG ? F MG . ? A MG 105 ? 1_555 O   ? I HOH . ? A HOH 250 ? 1_555 92.7  ? 
47 OP2 ? A U   41 ? A U   42  ? 1_555 MG ? G MG . ? A MG 106 ? 1_555 O   ? I HOH . ? A HOH 239 ? 1_555 90.6  ? 
48 OP2 ? A U   41 ? A U   42  ? 1_555 MG ? G MG . ? A MG 106 ? 1_555 O   ? I HOH . ? A HOH 245 ? 1_555 97.1  ? 
49 O   ? I HOH .  ? A HOH 239 ? 1_555 MG ? G MG . ? A MG 106 ? 1_555 O   ? I HOH . ? A HOH 245 ? 1_555 80.2  ? 
50 OP2 ? A U   41 ? A U   42  ? 1_555 MG ? G MG . ? A MG 106 ? 1_555 O   ? I HOH . ? A HOH 246 ? 1_555 89.0  ? 
51 O   ? I HOH .  ? A HOH 239 ? 1_555 MG ? G MG . ? A MG 106 ? 1_555 O   ? I HOH . ? A HOH 246 ? 1_555 81.0  ? 
52 O   ? I HOH .  ? A HOH 245 ? 1_555 MG ? G MG . ? A MG 106 ? 1_555 O   ? I HOH . ? A HOH 246 ? 1_555 160.3 ? 
53 OP2 ? A U   41 ? A U   42  ? 1_555 MG ? G MG . ? A MG 106 ? 1_555 O   ? I HOH . ? A HOH 249 ? 1_555 110.1 ? 
54 O   ? I HOH .  ? A HOH 239 ? 1_555 MG ? G MG . ? A MG 106 ? 1_555 O   ? I HOH . ? A HOH 249 ? 1_555 158.4 ? 
55 O   ? I HOH .  ? A HOH 245 ? 1_555 MG ? G MG . ? A MG 106 ? 1_555 O   ? I HOH . ? A HOH 249 ? 1_555 90.7  ? 
56 O   ? I HOH .  ? A HOH 246 ? 1_555 MG ? G MG . ? A MG 106 ? 1_555 O   ? I HOH . ? A HOH 249 ? 1_555 104.8 ? 
57 OP2 ? A U   41 ? A U   42  ? 1_555 MG ? G MG . ? A MG 106 ? 1_555 O   ? I HOH . ? A HOH 256 ? 1_555 154.0 ? 
58 O   ? I HOH .  ? A HOH 239 ? 1_555 MG ? G MG . ? A MG 106 ? 1_555 O   ? I HOH . ? A HOH 256 ? 1_555 63.5  ? 
59 O   ? I HOH .  ? A HOH 245 ? 1_555 MG ? G MG . ? A MG 106 ? 1_555 O   ? I HOH . ? A HOH 256 ? 1_555 79.0  ? 
60 O   ? I HOH .  ? A HOH 246 ? 1_555 MG ? G MG . ? A MG 106 ? 1_555 O   ? I HOH . ? A HOH 256 ? 1_555 87.3  ? 
61 O   ? I HOH .  ? A HOH 249 ? 1_555 MG ? G MG . ? A MG 106 ? 1_555 O   ? I HOH . ? A HOH 256 ? 1_555 95.7  ? 
# 
loop_
_pdbx_audit_revision_history.ordinal 
_pdbx_audit_revision_history.data_content_type 
_pdbx_audit_revision_history.major_revision 
_pdbx_audit_revision_history.minor_revision 
_pdbx_audit_revision_history.revision_date 
1 'Structure model' 1 0 2021-11-24 
2 'Structure model' 1 1 2022-02-16 
3 'Structure model' 1 2 2023-11-29 
# 
_pdbx_audit_revision_details.ordinal             1 
_pdbx_audit_revision_details.revision_ordinal    1 
_pdbx_audit_revision_details.data_content_type   'Structure model' 
_pdbx_audit_revision_details.provider            repository 
_pdbx_audit_revision_details.type                'Initial release' 
_pdbx_audit_revision_details.description         ? 
_pdbx_audit_revision_details.details             ? 
# 
loop_
_pdbx_audit_revision_group.ordinal 
_pdbx_audit_revision_group.revision_ordinal 
_pdbx_audit_revision_group.data_content_type 
_pdbx_audit_revision_group.group 
1 2 'Structure model' 'Database references'    
2 3 'Structure model' 'Data collection'        
3 3 'Structure model' 'Refinement description' 
# 
loop_
_pdbx_audit_revision_category.ordinal 
_pdbx_audit_revision_category.revision_ordinal 
_pdbx_audit_revision_category.data_content_type 
_pdbx_audit_revision_category.category 
1 2 'Structure model' citation                      
2 2 'Structure model' citation_author               
3 3 'Structure model' chem_comp_atom                
4 3 'Structure model' chem_comp_bond                
5 3 'Structure model' pdbx_initial_refinement_model 
# 
loop_
_pdbx_audit_revision_item.ordinal 
_pdbx_audit_revision_item.revision_ordinal 
_pdbx_audit_revision_item.data_content_type 
_pdbx_audit_revision_item.item 
1 2 'Structure model' '_citation.journal_volume'          
2 2 'Structure model' '_citation.page_first'              
3 2 'Structure model' '_citation.page_last'               
4 2 'Structure model' '_citation_author.identifier_ORCID' 
# 
loop_
_software.citation_id 
_software.classification 
_software.compiler_name 
_software.compiler_version 
_software.contact_author 
_software.contact_author_email 
_software.date 
_software.description 
_software.dependencies 
_software.hardware 
_software.language 
_software.location 
_software.mods 
_software.name 
_software.os 
_software.os_version 
_software.type 
_software.version 
_software.pdbx_ordinal 
? 'data scaling'    ? ? ? ? ? ? ? ? ? ? ? HKL-2000    ? ? ? .         1 
? refinement        ? ? ? ? ? ? ? ? ? ? ? PHENIX      ? ? ? 1.14_3260 2 
? 'data extraction' ? ? ? ? ? ? ? ? ? ? ? PDB_EXTRACT ? ? ? 3.25      3 
? 'data reduction'  ? ? ? ? ? ? ? ? ? ? ? HKL-3000    ? ? ? .         4 
? phasing           ? ? ? ? ? ? ? ? ? ? ? PHASER      ? ? ? .         5 
# 
_pdbx_entry_details.entry_id                 7EON 
_pdbx_entry_details.has_ligand_of_interest   Y 
_pdbx_entry_details.compound_details         ? 
_pdbx_entry_details.source_details           ? 
_pdbx_entry_details.nonpolymer_details       ? 
_pdbx_entry_details.sequence_details         ? 
# 
loop_
_pdbx_validate_close_contact.id 
_pdbx_validate_close_contact.PDB_model_num 
_pdbx_validate_close_contact.auth_atom_id_1 
_pdbx_validate_close_contact.auth_asym_id_1 
_pdbx_validate_close_contact.auth_comp_id_1 
_pdbx_validate_close_contact.auth_seq_id_1 
_pdbx_validate_close_contact.PDB_ins_code_1 
_pdbx_validate_close_contact.label_alt_id_1 
_pdbx_validate_close_contact.auth_atom_id_2 
_pdbx_validate_close_contact.auth_asym_id_2 
_pdbx_validate_close_contact.auth_comp_id_2 
_pdbx_validate_close_contact.auth_seq_id_2 
_pdbx_validate_close_contact.PDB_ins_code_2 
_pdbx_validate_close_contact.label_alt_id_2 
_pdbx_validate_close_contact.dist 
1 1 O   A HOH 239 ? ? O A HOH 256 ? ? 2.06 
2 1 OP2 A G   44  ? ? O A HOH 201 ? ? 2.15 
# 
loop_
_chem_comp_atom.comp_id 
_chem_comp_atom.atom_id 
_chem_comp_atom.type_symbol 
_chem_comp_atom.pdbx_aromatic_flag 
_chem_comp_atom.pdbx_stereo_config 
_chem_comp_atom.pdbx_ordinal 
A   OP3    O  N N 1   
A   P      P  N N 2   
A   OP1    O  N N 3   
A   OP2    O  N N 4   
A   "O5'"  O  N N 5   
A   "C5'"  C  N N 6   
A   "C4'"  C  N R 7   
A   "O4'"  O  N N 8   
A   "C3'"  C  N S 9   
A   "O3'"  O  N N 10  
A   "C2'"  C  N R 11  
A   "O2'"  O  N N 12  
A   "C1'"  C  N R 13  
A   N9     N  Y N 14  
A   C8     C  Y N 15  
A   N7     N  Y N 16  
A   C5     C  Y N 17  
A   C6     C  Y N 18  
A   N6     N  N N 19  
A   N1     N  Y N 20  
A   C2     C  Y N 21  
A   N3     N  Y N 22  
A   C4     C  Y N 23  
A   HOP3   H  N N 24  
A   HOP2   H  N N 25  
A   "H5'"  H  N N 26  
A   "H5''" H  N N 27  
A   "H4'"  H  N N 28  
A   "H3'"  H  N N 29  
A   "HO3'" H  N N 30  
A   "H2'"  H  N N 31  
A   "HO2'" H  N N 32  
A   "H1'"  H  N N 33  
A   H8     H  N N 34  
A   H61    H  N N 35  
A   H62    H  N N 36  
A   H2     H  N N 37  
C   OP3    O  N N 38  
C   P      P  N N 39  
C   OP1    O  N N 40  
C   OP2    O  N N 41  
C   "O5'"  O  N N 42  
C   "C5'"  C  N N 43  
C   "C4'"  C  N R 44  
C   "O4'"  O  N N 45  
C   "C3'"  C  N S 46  
C   "O3'"  O  N N 47  
C   "C2'"  C  N R 48  
C   "O2'"  O  N N 49  
C   "C1'"  C  N R 50  
C   N1     N  N N 51  
C   C2     C  N N 52  
C   O2     O  N N 53  
C   N3     N  N N 54  
C   C4     C  N N 55  
C   N4     N  N N 56  
C   C5     C  N N 57  
C   C6     C  N N 58  
C   HOP3   H  N N 59  
C   HOP2   H  N N 60  
C   "H5'"  H  N N 61  
C   "H5''" H  N N 62  
C   "H4'"  H  N N 63  
C   "H3'"  H  N N 64  
C   "HO3'" H  N N 65  
C   "H2'"  H  N N 66  
C   "HO2'" H  N N 67  
C   "H1'"  H  N N 68  
C   H41    H  N N 69  
C   H42    H  N N 70  
C   H5     H  N N 71  
C   H6     H  N N 72  
G   OP3    O  N N 73  
G   P      P  N N 74  
G   OP1    O  N N 75  
G   OP2    O  N N 76  
G   "O5'"  O  N N 77  
G   "C5'"  C  N N 78  
G   "C4'"  C  N R 79  
G   "O4'"  O  N N 80  
G   "C3'"  C  N S 81  
G   "O3'"  O  N N 82  
G   "C2'"  C  N R 83  
G   "O2'"  O  N N 84  
G   "C1'"  C  N R 85  
G   N9     N  Y N 86  
G   C8     C  Y N 87  
G   N7     N  Y N 88  
G   C5     C  Y N 89  
G   C6     C  N N 90  
G   O6     O  N N 91  
G   N1     N  N N 92  
G   C2     C  N N 93  
G   N2     N  N N 94  
G   N3     N  N N 95  
G   C4     C  Y N 96  
G   HOP3   H  N N 97  
G   HOP2   H  N N 98  
G   "H5'"  H  N N 99  
G   "H5''" H  N N 100 
G   "H4'"  H  N N 101 
G   "H3'"  H  N N 102 
G   "HO3'" H  N N 103 
G   "H2'"  H  N N 104 
G   "HO2'" H  N N 105 
G   "H1'"  H  N N 106 
G   H8     H  N N 107 
G   H1     H  N N 108 
G   H21    H  N N 109 
G   H22    H  N N 110 
GTP PG     P  N N 111 
GTP O1G    O  N N 112 
GTP O2G    O  N N 113 
GTP O3G    O  N N 114 
GTP O3B    O  N N 115 
GTP PB     P  N N 116 
GTP O1B    O  N N 117 
GTP O2B    O  N N 118 
GTP O3A    O  N N 119 
GTP PA     P  N N 120 
GTP O1A    O  N N 121 
GTP O2A    O  N N 122 
GTP "O5'"  O  N N 123 
GTP "C5'"  C  N N 124 
GTP "C4'"  C  N R 125 
GTP "O4'"  O  N N 126 
GTP "C3'"  C  N S 127 
GTP "O3'"  O  N N 128 
GTP "C2'"  C  N R 129 
GTP "O2'"  O  N N 130 
GTP "C1'"  C  N R 131 
GTP N9     N  Y N 132 
GTP C8     C  Y N 133 
GTP N7     N  Y N 134 
GTP C5     C  Y N 135 
GTP C6     C  N N 136 
GTP O6     O  N N 137 
GTP N1     N  N N 138 
GTP C2     C  N N 139 
GTP N2     N  N N 140 
GTP N3     N  N N 141 
GTP C4     C  Y N 142 
GTP HOG2   H  N N 143 
GTP HOG3   H  N N 144 
GTP HOB2   H  N N 145 
GTP HOA2   H  N N 146 
GTP "H5'"  H  N N 147 
GTP "H5''" H  N N 148 
GTP "H4'"  H  N N 149 
GTP "H3'"  H  N N 150 
GTP "HO3'" H  N N 151 
GTP "H2'"  H  N N 152 
GTP "HO2'" H  N N 153 
GTP "H1'"  H  N N 154 
GTP H8     H  N N 155 
GTP HN1    H  N N 156 
GTP HN21   H  N N 157 
GTP HN22   H  N N 158 
HOH O      O  N N 159 
HOH H1     H  N N 160 
HOH H2     H  N N 161 
J8U C10    C  N N 162 
J8U C13    C  Y N 163 
J8U C17    C  Y N 164 
J8U C20    C  Y N 165 
J8U C21    C  N N 166 
J8U C24    C  N N 167 
J8U C01    C  Y N 168 
J8U C02    C  Y N 169 
J8U C03    C  Y N 170 
J8U C04    C  Y N 171 
J8U C05    C  Y N 172 
J8U C06    C  Y N 173 
J8U C08    C  N N 174 
J8U C09    C  N N 175 
J8U C11    C  N N 176 
J8U C12    C  N N 177 
J8U C14    C  N N 178 
J8U C16    C  Y N 179 
J8U C18    C  Y N 180 
J8U C19    C  Y N 181 
J8U C25    C  N N 182 
J8U N07    N  N N 183 
J8U N15    N  N N 184 
J8U N22    N  N N 185 
J8U N23    N  N N 186 
J8U H1     H  N N 187 
J8U H2     H  N N 188 
J8U H3     H  N N 189 
J8U H4     H  N N 190 
J8U H5     H  N N 191 
J8U H6     H  N N 192 
J8U H7     H  N N 193 
J8U H8     H  N N 194 
J8U H9     H  N N 195 
J8U H10    H  N N 196 
J8U H11    H  N N 197 
J8U H12    H  N N 198 
J8U H13    H  N N 199 
J8U H14    H  N N 200 
J8U H15    H  N N 201 
J8U H16    H  N N 202 
J8U H17    H  N N 203 
J8U H18    H  N N 204 
J8U H19    H  N N 205 
J8U H20    H  N N 206 
J8U H21    H  N N 207 
J8U H22    H  N N 208 
MG  MG     MG N N 209 
U   OP3    O  N N 210 
U   P      P  N N 211 
U   OP1    O  N N 212 
U   OP2    O  N N 213 
U   "O5'"  O  N N 214 
U   "C5'"  C  N N 215 
U   "C4'"  C  N R 216 
U   "O4'"  O  N N 217 
U   "C3'"  C  N S 218 
U   "O3'"  O  N N 219 
U   "C2'"  C  N R 220 
U   "O2'"  O  N N 221 
U   "C1'"  C  N R 222 
U   N1     N  N N 223 
U   C2     C  N N 224 
U   O2     O  N N 225 
U   N3     N  N N 226 
U   C4     C  N N 227 
U   O4     O  N N 228 
U   C5     C  N N 229 
U   C6     C  N N 230 
U   HOP3   H  N N 231 
U   HOP2   H  N N 232 
U   "H5'"  H  N N 233 
U   "H5''" H  N N 234 
U   "H4'"  H  N N 235 
U   "H3'"  H  N N 236 
U   "HO3'" H  N N 237 
U   "H2'"  H  N N 238 
U   "HO2'" H  N N 239 
U   "H1'"  H  N N 240 
U   H3     H  N N 241 
U   H5     H  N N 242 
U   H6     H  N N 243 
# 
loop_
_chem_comp_bond.comp_id 
_chem_comp_bond.atom_id_1 
_chem_comp_bond.atom_id_2 
_chem_comp_bond.value_order 
_chem_comp_bond.pdbx_aromatic_flag 
_chem_comp_bond.pdbx_stereo_config 
_chem_comp_bond.pdbx_ordinal 
A   OP3   P      sing N N 1   
A   OP3   HOP3   sing N N 2   
A   P     OP1    doub N N 3   
A   P     OP2    sing N N 4   
A   P     "O5'"  sing N N 5   
A   OP2   HOP2   sing N N 6   
A   "O5'" "C5'"  sing N N 7   
A   "C5'" "C4'"  sing N N 8   
A   "C5'" "H5'"  sing N N 9   
A   "C5'" "H5''" sing N N 10  
A   "C4'" "O4'"  sing N N 11  
A   "C4'" "C3'"  sing N N 12  
A   "C4'" "H4'"  sing N N 13  
A   "O4'" "C1'"  sing N N 14  
A   "C3'" "O3'"  sing N N 15  
A   "C3'" "C2'"  sing N N 16  
A   "C3'" "H3'"  sing N N 17  
A   "O3'" "HO3'" sing N N 18  
A   "C2'" "O2'"  sing N N 19  
A   "C2'" "C1'"  sing N N 20  
A   "C2'" "H2'"  sing N N 21  
A   "O2'" "HO2'" sing N N 22  
A   "C1'" N9     sing N N 23  
A   "C1'" "H1'"  sing N N 24  
A   N9    C8     sing Y N 25  
A   N9    C4     sing Y N 26  
A   C8    N7     doub Y N 27  
A   C8    H8     sing N N 28  
A   N7    C5     sing Y N 29  
A   C5    C6     sing Y N 30  
A   C5    C4     doub Y N 31  
A   C6    N6     sing N N 32  
A   C6    N1     doub Y N 33  
A   N6    H61    sing N N 34  
A   N6    H62    sing N N 35  
A   N1    C2     sing Y N 36  
A   C2    N3     doub Y N 37  
A   C2    H2     sing N N 38  
A   N3    C4     sing Y N 39  
C   OP3   P      sing N N 40  
C   OP3   HOP3   sing N N 41  
C   P     OP1    doub N N 42  
C   P     OP2    sing N N 43  
C   P     "O5'"  sing N N 44  
C   OP2   HOP2   sing N N 45  
C   "O5'" "C5'"  sing N N 46  
C   "C5'" "C4'"  sing N N 47  
C   "C5'" "H5'"  sing N N 48  
C   "C5'" "H5''" sing N N 49  
C   "C4'" "O4'"  sing N N 50  
C   "C4'" "C3'"  sing N N 51  
C   "C4'" "H4'"  sing N N 52  
C   "O4'" "C1'"  sing N N 53  
C   "C3'" "O3'"  sing N N 54  
C   "C3'" "C2'"  sing N N 55  
C   "C3'" "H3'"  sing N N 56  
C   "O3'" "HO3'" sing N N 57  
C   "C2'" "O2'"  sing N N 58  
C   "C2'" "C1'"  sing N N 59  
C   "C2'" "H2'"  sing N N 60  
C   "O2'" "HO2'" sing N N 61  
C   "C1'" N1     sing N N 62  
C   "C1'" "H1'"  sing N N 63  
C   N1    C2     sing N N 64  
C   N1    C6     sing N N 65  
C   C2    O2     doub N N 66  
C   C2    N3     sing N N 67  
C   N3    C4     doub N N 68  
C   C4    N4     sing N N 69  
C   C4    C5     sing N N 70  
C   N4    H41    sing N N 71  
C   N4    H42    sing N N 72  
C   C5    C6     doub N N 73  
C   C5    H5     sing N N 74  
C   C6    H6     sing N N 75  
G   OP3   P      sing N N 76  
G   OP3   HOP3   sing N N 77  
G   P     OP1    doub N N 78  
G   P     OP2    sing N N 79  
G   P     "O5'"  sing N N 80  
G   OP2   HOP2   sing N N 81  
G   "O5'" "C5'"  sing N N 82  
G   "C5'" "C4'"  sing N N 83  
G   "C5'" "H5'"  sing N N 84  
G   "C5'" "H5''" sing N N 85  
G   "C4'" "O4'"  sing N N 86  
G   "C4'" "C3'"  sing N N 87  
G   "C4'" "H4'"  sing N N 88  
G   "O4'" "C1'"  sing N N 89  
G   "C3'" "O3'"  sing N N 90  
G   "C3'" "C2'"  sing N N 91  
G   "C3'" "H3'"  sing N N 92  
G   "O3'" "HO3'" sing N N 93  
G   "C2'" "O2'"  sing N N 94  
G   "C2'" "C1'"  sing N N 95  
G   "C2'" "H2'"  sing N N 96  
G   "O2'" "HO2'" sing N N 97  
G   "C1'" N9     sing N N 98  
G   "C1'" "H1'"  sing N N 99  
G   N9    C8     sing Y N 100 
G   N9    C4     sing Y N 101 
G   C8    N7     doub Y N 102 
G   C8    H8     sing N N 103 
G   N7    C5     sing Y N 104 
G   C5    C6     sing N N 105 
G   C5    C4     doub Y N 106 
G   C6    O6     doub N N 107 
G   C6    N1     sing N N 108 
G   N1    C2     sing N N 109 
G   N1    H1     sing N N 110 
G   C2    N2     sing N N 111 
G   C2    N3     doub N N 112 
G   N2    H21    sing N N 113 
G   N2    H22    sing N N 114 
G   N3    C4     sing N N 115 
GTP PG    O1G    doub N N 116 
GTP PG    O2G    sing N N 117 
GTP PG    O3G    sing N N 118 
GTP PG    O3B    sing N N 119 
GTP O2G   HOG2   sing N N 120 
GTP O3G   HOG3   sing N N 121 
GTP O3B   PB     sing N N 122 
GTP PB    O1B    doub N N 123 
GTP PB    O2B    sing N N 124 
GTP PB    O3A    sing N N 125 
GTP O2B   HOB2   sing N N 126 
GTP O3A   PA     sing N N 127 
GTP PA    O1A    doub N N 128 
GTP PA    O2A    sing N N 129 
GTP PA    "O5'"  sing N N 130 
GTP O2A   HOA2   sing N N 131 
GTP "O5'" "C5'"  sing N N 132 
GTP "C5'" "C4'"  sing N N 133 
GTP "C5'" "H5'"  sing N N 134 
GTP "C5'" "H5''" sing N N 135 
GTP "C4'" "O4'"  sing N N 136 
GTP "C4'" "C3'"  sing N N 137 
GTP "C4'" "H4'"  sing N N 138 
GTP "O4'" "C1'"  sing N N 139 
GTP "C3'" "O3'"  sing N N 140 
GTP "C3'" "C2'"  sing N N 141 
GTP "C3'" "H3'"  sing N N 142 
GTP "O3'" "HO3'" sing N N 143 
GTP "C2'" "O2'"  sing N N 144 
GTP "C2'" "C1'"  sing N N 145 
GTP "C2'" "H2'"  sing N N 146 
GTP "O2'" "HO2'" sing N N 147 
GTP "C1'" N9     sing N N 148 
GTP "C1'" "H1'"  sing N N 149 
GTP N9    C8     sing Y N 150 
GTP N9    C4     sing Y N 151 
GTP C8    N7     doub Y N 152 
GTP C8    H8     sing N N 153 
GTP N7    C5     sing Y N 154 
GTP C5    C6     sing N N 155 
GTP C5    C4     doub Y N 156 
GTP C6    O6     doub N N 157 
GTP C6    N1     sing N N 158 
GTP N1    C2     sing N N 159 
GTP N1    HN1    sing N N 160 
GTP C2    N2     sing N N 161 
GTP C2    N3     doub N N 162 
GTP N2    HN21   sing N N 163 
GTP N2    HN22   sing N N 164 
GTP N3    C4     sing N N 165 
HOH O     H1     sing N N 166 
HOH O     H2     sing N N 167 
J8U C25   N23    sing N N 168 
J8U N23   C24    sing N N 169 
J8U N23   C09    sing N N 170 
J8U C08   C09    sing N N 171 
J8U C08   N07    sing N N 172 
J8U C01   C06    doub Y N 173 
J8U C01   C02    sing Y N 174 
J8U N07   C02    sing N N 175 
J8U N07   C10    sing N N 176 
J8U C06   C05    sing Y N 177 
J8U C02   C03    doub Y N 178 
J8U C05   C11    sing N N 179 
J8U C05   C04    doub Y N 180 
J8U C03   C04    sing Y N 181 
J8U C11   C12    doub N Z 182 
J8U C16   C17    doub Y N 183 
J8U C16   C13    sing Y N 184 
J8U C17   C18    sing Y N 185 
J8U C12   C13    sing N N 186 
J8U C12   C14    sing N N 187 
J8U C13   C20    doub Y N 188 
J8U C18   C21    sing N N 189 
J8U C18   C19    doub Y N 190 
J8U C14   N15    trip N N 191 
J8U C21   N22    trip N N 192 
J8U C20   C19    sing Y N 193 
J8U C10   H1     sing N N 194 
J8U C10   H2     sing N N 195 
J8U C10   H3     sing N N 196 
J8U C17   H4     sing N N 197 
J8U C20   H5     sing N N 198 
J8U C24   H6     sing N N 199 
J8U C24   H7     sing N N 200 
J8U C24   H8     sing N N 201 
J8U C01   H9     sing N N 202 
J8U C03   H10    sing N N 203 
J8U C04   H11    sing N N 204 
J8U C06   H12    sing N N 205 
J8U C08   H13    sing N N 206 
J8U C08   H14    sing N N 207 
J8U C09   H15    sing N N 208 
J8U C09   H16    sing N N 209 
J8U C11   H17    sing N N 210 
J8U C16   H18    sing N N 211 
J8U C19   H19    sing N N 212 
J8U C25   H20    sing N N 213 
J8U C25   H21    sing N N 214 
J8U C25   H22    sing N N 215 
U   OP3   P      sing N N 216 
U   OP3   HOP3   sing N N 217 
U   P     OP1    doub N N 218 
U   P     OP2    sing N N 219 
U   P     "O5'"  sing N N 220 
U   OP2   HOP2   sing N N 221 
U   "O5'" "C5'"  sing N N 222 
U   "C5'" "C4'"  sing N N 223 
U   "C5'" "H5'"  sing N N 224 
U   "C5'" "H5''" sing N N 225 
U   "C4'" "O4'"  sing N N 226 
U   "C4'" "C3'"  sing N N 227 
U   "C4'" "H4'"  sing N N 228 
U   "O4'" "C1'"  sing N N 229 
U   "C3'" "O3'"  sing N N 230 
U   "C3'" "C2'"  sing N N 231 
U   "C3'" "H3'"  sing N N 232 
U   "O3'" "HO3'" sing N N 233 
U   "C2'" "O2'"  sing N N 234 
U   "C2'" "C1'"  sing N N 235 
U   "C2'" "H2'"  sing N N 236 
U   "O2'" "HO2'" sing N N 237 
U   "C1'" N1     sing N N 238 
U   "C1'" "H1'"  sing N N 239 
U   N1    C2     sing N N 240 
U   N1    C6     sing N N 241 
U   C2    O2     doub N N 242 
U   C2    N3     sing N N 243 
U   N3    C4     sing N N 244 
U   N3    H3     sing N N 245 
U   C4    O4     doub N N 246 
U   C4    C5     sing N N 247 
U   C5    C6     doub N N 248 
U   C5    H5     sing N N 249 
U   C6    H6     sing N N 250 
# 
loop_
_ndb_struct_conf_na.entry_id 
_ndb_struct_conf_na.feature 
7EON 'double helix'         
7EON 'a-form double helix'  
7EON 'hairpin loop'         
7EON 'bulge loop'           
7EON 'mismatched base pair' 
7EON 'internal loop'        
7EON 'triple helix'         
# 
loop_
_ndb_struct_na_base_pair.model_number 
_ndb_struct_na_base_pair.i_label_asym_id 
_ndb_struct_na_base_pair.i_label_comp_id 
_ndb_struct_na_base_pair.i_label_seq_id 
_ndb_struct_na_base_pair.i_symmetry 
_ndb_struct_na_base_pair.j_label_asym_id 
_ndb_struct_na_base_pair.j_label_comp_id 
_ndb_struct_na_base_pair.j_label_seq_id 
_ndb_struct_na_base_pair.j_symmetry 
_ndb_struct_na_base_pair.shear 
_ndb_struct_na_base_pair.stretch 
_ndb_struct_na_base_pair.stagger 
_ndb_struct_na_base_pair.buckle 
_ndb_struct_na_base_pair.propeller 
_ndb_struct_na_base_pair.opening 
_ndb_struct_na_base_pair.pair_number 
_ndb_struct_na_base_pair.pair_name 
_ndb_struct_na_base_pair.i_auth_asym_id 
_ndb_struct_na_base_pair.i_auth_seq_id 
_ndb_struct_na_base_pair.i_PDB_ins_code 
_ndb_struct_na_base_pair.j_auth_asym_id 
_ndb_struct_na_base_pair.j_auth_seq_id 
_ndb_struct_na_base_pair.j_PDB_ins_code 
_ndb_struct_na_base_pair.hbond_type_28 
_ndb_struct_na_base_pair.hbond_type_12 
1 A G 1  1_555 A C 47 1_555 -0.491 -0.218 0.127  5.090   -17.955 -0.801  1  A_G2:C48_A  A 2  ? A 48 ? 19 1 
1 A C 2  1_555 A G 46 1_555 0.422  -0.124 -0.363 10.641  -15.771 -2.061  2  A_C3:G47_A  A 3  ? A 47 ? 19 1 
1 A G 3  1_555 A C 45 1_555 -0.461 -0.154 0.092  -6.055  -16.594 1.768   3  A_G4:C46_A  A 4  ? A 46 ? 19 1 
1 A C 4  1_555 A G 44 1_555 0.098  -0.154 0.662  -16.853 -8.275  -2.644  4  A_C5:G45_A  A 5  ? A 45 ? 19 1 
1 A C 6  1_555 A G 43 1_555 0.190  0.093  -0.283 1.732   -4.071  5.241   5  A_C7:G44_A  A 7  ? A 44 ? 19 1 
1 A U 7  1_555 A U 41 1_555 2.546  -1.958 0.255  -3.955  -12.700 8.021   6  A_U8:U42_A  A 8  ? A 42 ? 16 1 
1 A G 8  1_555 A C 32 1_555 0.079  5.338  0.850  22.393  29.875  130.890 7  A_G9:C33_A  A 9  ? A 33 ? 22 2 
1 A G 9  1_555 A U 39 1_555 -2.529 -0.710 0.295  8.334   -5.623  -10.392 8  A_G10:U40_A A 10 ? A 40 ? 28 1 
1 A C 10 1_555 A G 38 1_555 0.184  -0.163 0.058  9.678   -16.510 0.993   9  A_C11:G39_A A 11 ? A 39 ? 19 1 
1 A G 11 1_555 A C 37 1_555 -0.710 -0.126 0.027  -0.452  -13.904 0.675   10 A_G12:C38_A A 12 ? A 38 ? 19 1 
1 A C 12 1_555 A G 36 1_555 -0.092 -0.052 0.210  -9.764  -21.341 0.373   11 A_C13:G37_A A 13 ? A 37 ? 19 1 
1 A U 13 1_555 A A 35 1_555 1.754  -0.369 1.053  -13.520 -7.018  -2.311  12 A_U14:A36_A A 14 ? A 36 ? 20 1 
1 A G 14 1_555 A C 27 1_555 -0.146 -0.088 0.291  7.061   -7.761  0.477   13 A_G15:C28_A A 15 ? A 28 ? 19 1 
1 A C 15 1_555 A G 26 1_555 0.499  -0.374 0.414  -5.898  -7.702  1.658   14 A_C16:G27_A A 16 ? A 27 ? 19 1 
1 A G 16 1_555 A C 25 1_555 0.060  -0.497 -0.538 -6.416  -22.049 -1.263  15 A_G17:C26_A A 17 ? A 26 ? 19 1 
1 A C 17 1_555 A G 24 1_555 1.189  -0.546 -0.169 3.521   5.372   5.529   16 A_C18:G25_A A 18 ? A 25 ? 19 1 
1 A C 18 1_555 A G 23 1_555 0.714  -0.544 -0.853 -1.164  4.046   -0.824  17 A_C19:G24_A A 19 ? A 24 ? 19 1 
1 A U 31 1_555 A U 34 1_555 3.408  -0.049 -0.511 38.609  11.532  -93.680 18 A_U32:U35_A A 32 ? A 35 ? ?  4 
# 
loop_
_ndb_struct_na_base_pair_step.model_number 
_ndb_struct_na_base_pair_step.i_label_asym_id_1 
_ndb_struct_na_base_pair_step.i_label_comp_id_1 
_ndb_struct_na_base_pair_step.i_label_seq_id_1 
_ndb_struct_na_base_pair_step.i_symmetry_1 
_ndb_struct_na_base_pair_step.j_label_asym_id_1 
_ndb_struct_na_base_pair_step.j_label_comp_id_1 
_ndb_struct_na_base_pair_step.j_label_seq_id_1 
_ndb_struct_na_base_pair_step.j_symmetry_1 
_ndb_struct_na_base_pair_step.i_label_asym_id_2 
_ndb_struct_na_base_pair_step.i_label_comp_id_2 
_ndb_struct_na_base_pair_step.i_label_seq_id_2 
_ndb_struct_na_base_pair_step.i_symmetry_2 
_ndb_struct_na_base_pair_step.j_label_asym_id_2 
_ndb_struct_na_base_pair_step.j_label_comp_id_2 
_ndb_struct_na_base_pair_step.j_label_seq_id_2 
_ndb_struct_na_base_pair_step.j_symmetry_2 
_ndb_struct_na_base_pair_step.shift 
_ndb_struct_na_base_pair_step.slide 
_ndb_struct_na_base_pair_step.rise 
_ndb_struct_na_base_pair_step.tilt 
_ndb_struct_na_base_pair_step.roll 
_ndb_struct_na_base_pair_step.twist 
_ndb_struct_na_base_pair_step.x_displacement 
_ndb_struct_na_base_pair_step.y_displacement 
_ndb_struct_na_base_pair_step.helical_rise 
_ndb_struct_na_base_pair_step.inclination 
_ndb_struct_na_base_pair_step.tip 
_ndb_struct_na_base_pair_step.helical_twist 
_ndb_struct_na_base_pair_step.step_number 
_ndb_struct_na_base_pair_step.step_name 
_ndb_struct_na_base_pair_step.i_auth_asym_id_1 
_ndb_struct_na_base_pair_step.i_auth_seq_id_1 
_ndb_struct_na_base_pair_step.i_PDB_ins_code_1 
_ndb_struct_na_base_pair_step.j_auth_asym_id_1 
_ndb_struct_na_base_pair_step.j_auth_seq_id_1 
_ndb_struct_na_base_pair_step.j_PDB_ins_code_1 
_ndb_struct_na_base_pair_step.i_auth_asym_id_2 
_ndb_struct_na_base_pair_step.i_auth_seq_id_2 
_ndb_struct_na_base_pair_step.i_PDB_ins_code_2 
_ndb_struct_na_base_pair_step.j_auth_asym_id_2 
_ndb_struct_na_base_pair_step.j_auth_seq_id_2 
_ndb_struct_na_base_pair_step.j_PDB_ins_code_2 
1 A G 1  1_555 A C 47 1_555 A C 2  1_555 A G 46 1_555 0.611  -1.570 3.065 4.080   6.164   35.054  -3.358 -0.461 2.808  10.096  
-6.682  35.801  1  AA_G2C3:G47C48_AA   A 2  ? A 48 ? A 3  ? A 47 ? 
1 A C 2  1_555 A G 46 1_555 A G 3  1_555 A C 45 1_555 0.325  -1.962 3.477 -0.562  16.405  27.589  -6.239 -0.681 2.014  31.151  
1.068   32.021  2  AA_C3G4:C46G47_AA   A 3  ? A 47 ? A 4  ? A 46 ? 
1 A G 3  1_555 A C 45 1_555 A C 4  1_555 A G 44 1_555 -0.245 -1.284 3.475 -3.781  9.462   36.673  -3.200 -0.115 3.071  14.693  
5.870   38.015  3  AA_G4C5:G45C46_AA   A 4  ? A 46 ? A 5  ? A 45 ? 
1 A C 4  1_555 A G 44 1_555 A C 6  1_555 A G 43 1_555 -1.258 -1.793 2.666 11.305  5.484   51.314  -2.286 1.968  2.174  6.226   
-12.836 52.729  4  AA_C5C7:G44G45_AA   A 5  ? A 45 ? A 7  ? A 44 ? 
1 A C 6  1_555 A G 43 1_555 A U 7  1_555 A U 41 1_555 2.432  -0.071 3.368 4.498   3.505   63.461  -0.229 -2.099 3.507  3.326   
-4.267  63.690  5  AA_C7U8:U42G44_AA   A 7  ? A 44 ? A 8  ? A 42 ? 
1 A U 7  1_555 A U 41 1_555 A G 8  1_555 A C 32 1_555 4.868  -1.992 4.314 -37.351 18.467  -10.371 -2.204 -3.310 6.150  -33.968 
-68.701 -42.882 6  AA_U8G9:C33U42_AA   A 8  ? A 42 ? A 9  ? A 33 ? 
1 A G 8  1_555 A C 32 1_555 A G 9  1_555 A U 39 1_555 -4.698 -3.284 0.865 39.194  -30.025 26.049  -3.619 4.933  -1.096 -38.848 
-50.712 55.440  7  AA_G9G10:U40C33_AA  A 9  ? A 33 ? A 10 ? A 40 ? 
1 A C 10 1_555 A G 38 1_555 A G 11 1_555 A C 37 1_555 -0.526 -1.734 3.383 -1.175  10.866  28.859  -5.265 0.773  2.594  20.881  
2.258   30.819  8  AA_C11G12:C38G39_AA A 11 ? A 39 ? A 12 ? A 38 ? 
1 A G 11 1_555 A C 37 1_555 A C 12 1_555 A G 36 1_555 0.508  -1.426 3.381 1.255   8.871   36.565  -3.351 -0.626 2.982  13.883  
-1.965  37.611  9  AA_G12C13:G37C38_AA A 12 ? A 38 ? A 13 ? A 37 ? 
1 A C 12 1_555 A G 36 1_555 A U 13 1_555 A A 35 1_555 -0.206 -1.108 3.509 -2.937  12.341  40.533  -2.827 -0.024 3.067  17.308  
4.119   42.392  10 AA_C13U14:A36G37_AA A 13 ? A 37 ? A 14 ? A 36 ? 
1 A U 13 1_555 A A 35 1_555 A G 14 1_555 A C 27 1_555 -1.681 -3.123 2.238 4.167   4.893   -0.242  -9.984 17.224 3.550  -66.883 
56.957  -6.431  11 AA_U14G15:C28A36_AA A 14 ? A 36 ? A 15 ? A 28 ? 
1 A G 14 1_555 A C 27 1_555 A C 15 1_555 A G 26 1_555 -0.155 -2.107 3.514 -2.513  7.017   35.019  -4.455 -0.114 3.052  11.501  
4.118   35.780  12 AA_G15C16:G27C28_AA A 15 ? A 28 ? A 16 ? A 27 ? 
1 A C 15 1_555 A G 26 1_555 A G 16 1_555 A C 25 1_555 -0.645 -1.880 3.296 9.803   10.055  30.619  -4.721 2.549  2.277  17.905  
-17.458 33.616  13 AA_C16G17:C26G27_AA A 16 ? A 27 ? A 17 ? A 26 ? 
1 A G 16 1_555 A C 25 1_555 A C 17 1_555 A G 24 1_555 0.441  -1.887 3.186 -4.667  1.509   32.900  -3.538 -1.513 3.010  2.646   
8.183   33.254  14 AA_G17C18:G25C26_AA A 17 ? A 26 ? A 18 ? A 25 ? 
1 A C 17 1_555 A G 24 1_555 A C 18 1_555 A G 23 1_555 0.861  -2.118 3.295 7.272   1.032   32.819  -3.837 -0.268 3.338  1.798   
-12.673 33.609  15 AA_C18C19:G24G25_AA A 18 ? A 25 ? A 19 ? A 24 ? 
# 
_pdbx_audit_support.funding_organization   'National Natural Science Foundation of China (NSFC)' 
_pdbx_audit_support.country                China 
_pdbx_audit_support.grant_number           ? 
_pdbx_audit_support.ordinal                1 
# 
loop_
_pdbx_entity_instance_feature.ordinal 
_pdbx_entity_instance_feature.comp_id 
_pdbx_entity_instance_feature.asym_id 
_pdbx_entity_instance_feature.seq_num 
_pdbx_entity_instance_feature.auth_comp_id 
_pdbx_entity_instance_feature.auth_asym_id 
_pdbx_entity_instance_feature.auth_seq_num 
_pdbx_entity_instance_feature.feature_type 
_pdbx_entity_instance_feature.details 
1 J8U ? ? J8U ? ? 'SUBJECT OF INVESTIGATION' ? 
2 MG  ? ? MG  ? ? 'SUBJECT OF INVESTIGATION' ? 
# 
loop_
_pdbx_entity_nonpoly.entity_id 
_pdbx_entity_nonpoly.name 
_pdbx_entity_nonpoly.comp_id 
2 "GUANOSINE-5'-TRIPHOSPHATE"                                                                      GTP 
3 '4-[(~{Z})-1-cyano-2-[4-[2-(dimethylamino)ethyl-methyl-amino]phenyl]ethenyl]benzenecarbonitrile' J8U 
4 'MAGNESIUM ION'                                                                                  MG  
5 water                                                                                            HOH 
# 
_pdbx_initial_refinement_model.id               1 
_pdbx_initial_refinement_model.entity_id_list   ? 
_pdbx_initial_refinement_model.type             'experimental model' 
_pdbx_initial_refinement_model.source_name      PDB 
_pdbx_initial_refinement_model.accession_code   7E0G 
_pdbx_initial_refinement_model.details          ? 
# 
_pdbx_struct_assembly_auth_evidence.id                     1 
_pdbx_struct_assembly_auth_evidence.assembly_id            1 
_pdbx_struct_assembly_auth_evidence.experimental_support   none 
_pdbx_struct_assembly_auth_evidence.details                ? 
# 
